data_3VND
#
_entry.id   3VND
#
_cell.length_a   181.136
_cell.length_b   182.779
_cell.length_c   181.795
_cell.angle_alpha   90.00
_cell.angle_beta   90.00
_cell.angle_gamma   90.00
#
_symmetry.space_group_name_H-M   'C 2 2 21'
#
loop_
_entity.id
_entity.type
_entity.pdbx_description
1 polymer 'Tryptophan synthase alpha chain'
2 non-polymer 'SULFATE ION'
3 non-polymer 3,6,9,12,15,18,21-HEPTAOXATRICOSANE-1,23-DIOL
4 water water
#
_entity_poly.entity_id   1
_entity_poly.type   'polypeptide(L)'
_entity_poly.pdbx_seq_one_letter_code
;MSNRYQAKFAALKAQDKGAFVPFVTIGDPSPELSLKIIQTLVDNGADALELGFPFSDPLADGPVIQGANLRSLAAGTTSS
DCFDIITKVRAQHPDMPIGLLLYANLVFANGIDEFYTKAQAAGVDSVLIADVPVEESAPFSKAAKAHGIAPIFIAPPNAD
ADTLKMVSEQGEGYTYLLSRAGVTGTESKAGEPIENILTQLAEFNAPPPLLGFGIAEPEQVRAAIKAGAAGAISGSAVVK
IIEAHQHDEATLLAKLAEFTTAMKAAT
;
_entity_poly.pdbx_strand_id   A,B,C,D,E,F,G,H
#
# COMPACT_ATOMS: atom_id res chain seq x y z
N MET A 1 -16.28 -12.86 -46.38
CA MET A 1 -15.53 -11.61 -46.69
C MET A 1 -16.54 -10.47 -46.69
N SER A 2 -16.14 -9.32 -46.12
CA SER A 2 -17.09 -8.17 -45.99
C SER A 2 -16.42 -6.80 -46.11
N ASN A 3 -17.23 -5.73 -46.00
CA ASN A 3 -17.01 -4.42 -46.73
C ASN A 3 -15.63 -3.66 -46.53
N ARG A 4 -15.35 -3.21 -45.30
CA ARG A 4 -14.07 -2.65 -44.99
C ARG A 4 -13.01 -3.71 -44.90
N TYR A 5 -13.37 -4.89 -44.36
CA TYR A 5 -12.41 -6.00 -44.24
C TYR A 5 -11.80 -6.40 -45.57
N GLN A 6 -12.61 -6.52 -46.62
CA GLN A 6 -12.09 -6.94 -47.95
C GLN A 6 -11.09 -5.98 -48.51
N ALA A 7 -11.42 -4.72 -48.42
CA ALA A 7 -10.61 -3.67 -48.97
C ALA A 7 -9.31 -3.66 -48.22
N LYS A 8 -9.32 -3.82 -46.91
CA LYS A 8 -8.08 -3.80 -46.17
C LYS A 8 -7.22 -5.01 -46.55
N PHE A 9 -7.85 -6.18 -46.61
CA PHE A 9 -7.07 -7.37 -46.90
C PHE A 9 -6.54 -7.34 -48.35
N ALA A 10 -7.26 -6.64 -49.25
CA ALA A 10 -6.80 -6.48 -50.66
C ALA A 10 -5.59 -5.58 -50.70
N ALA A 11 -5.58 -4.57 -49.85
CA ALA A 11 -4.47 -3.61 -49.78
C ALA A 11 -3.25 -4.16 -49.09
N LEU A 12 -3.48 -4.97 -48.08
CA LEU A 12 -2.38 -5.66 -47.41
C LEU A 12 -1.77 -6.69 -48.34
N LYS A 13 -2.65 -7.31 -49.14
CA LYS A 13 -2.19 -8.30 -50.12
C LYS A 13 -1.24 -7.64 -51.13
N ALA A 14 -1.57 -6.44 -51.61
CA ALA A 14 -0.73 -5.79 -52.62
C ALA A 14 0.55 -5.28 -51.95
N GLN A 15 0.47 -5.13 -50.65
CA GLN A 15 1.60 -4.63 -49.91
C GLN A 15 2.52 -5.75 -49.52
N ASP A 16 2.01 -6.95 -49.71
CA ASP A 16 2.59 -8.18 -49.18
C ASP A 16 2.83 -8.15 -47.66
N LYS A 17 1.82 -7.73 -46.93
CA LYS A 17 1.90 -7.55 -45.49
C LYS A 17 0.74 -8.21 -44.80
N GLY A 18 1.00 -8.68 -43.59
CA GLY A 18 -0.02 -9.30 -42.74
C GLY A 18 -0.81 -8.21 -42.05
N ALA A 19 -1.79 -8.57 -41.21
CA ALA A 19 -2.70 -7.57 -40.52
C ALA A 19 -2.38 -7.53 -39.05
N PHE A 20 -2.20 -6.40 -38.42
CA PHE A 20 -2.00 -6.44 -36.98
C PHE A 20 -3.25 -5.90 -36.34
N VAL A 21 -3.94 -6.74 -35.57
CA VAL A 21 -5.24 -6.33 -35.03
C VAL A 21 -5.30 -6.38 -33.52
N PRO A 22 -5.20 -5.22 -32.85
CA PRO A 22 -5.21 -5.07 -31.43
C PRO A 22 -6.62 -5.10 -30.85
N PHE A 23 -6.69 -5.49 -29.59
CA PHE A 23 -7.95 -5.62 -28.91
C PHE A 23 -7.87 -4.94 -27.57
N VAL A 24 -8.91 -4.15 -27.30
CA VAL A 24 -9.07 -3.50 -26.06
C VAL A 24 -10.52 -3.58 -25.66
N THR A 25 -10.85 -3.57 -24.36
CA THR A 25 -12.22 -3.31 -23.92
C THR A 25 -12.48 -1.81 -23.78
N ILE A 26 -13.52 -1.34 -24.47
CA ILE A 26 -13.78 0.06 -24.54
C ILE A 26 -14.10 0.56 -23.15
N GLY A 27 -13.47 1.67 -22.76
CA GLY A 27 -13.76 2.28 -21.47
C GLY A 27 -12.74 1.97 -20.41
N ASP A 28 -11.85 1.04 -20.71
CA ASP A 28 -10.83 0.69 -19.77
C ASP A 28 -9.67 1.58 -20.13
N PRO A 29 -9.08 2.24 -19.13
CA PRO A 29 -9.39 2.36 -17.72
C PRO A 29 -10.47 3.35 -17.42
N SER A 30 -10.88 4.14 -18.40
CA SER A 30 -11.97 5.09 -18.31
C SER A 30 -12.35 5.46 -19.73
N PRO A 31 -13.54 6.05 -19.89
CA PRO A 31 -13.93 6.34 -21.27
C PRO A 31 -13.04 7.29 -22.04
N GLU A 32 -12.60 8.36 -21.38
CA GLU A 32 -11.77 9.36 -22.09
C GLU A 32 -10.45 8.76 -22.49
N LEU A 33 -9.81 8.02 -21.59
CA LEU A 33 -8.47 7.45 -21.87
C LEU A 33 -8.56 6.32 -22.86
N SER A 34 -9.59 5.50 -22.65
CA SER A 34 -9.89 4.43 -23.59
C SER A 34 -9.87 4.94 -25.00
N LEU A 35 -10.54 6.06 -25.19
CA LEU A 35 -10.57 6.65 -26.51
C LEU A 35 -9.16 6.98 -27.03
N LYS A 36 -8.31 7.63 -26.26
CA LYS A 36 -6.95 7.92 -26.75
C LYS A 36 -6.10 6.67 -26.85
N ILE A 37 -6.31 5.74 -25.93
CA ILE A 37 -5.80 4.43 -26.10
C ILE A 37 -6.12 3.98 -27.54
N ILE A 38 -7.40 3.99 -27.94
CA ILE A 38 -7.73 3.45 -29.29
C ILE A 38 -7.06 4.20 -30.37
N GLN A 39 -7.09 5.50 -30.24
CA GLN A 39 -6.44 6.41 -31.18
C GLN A 39 -5.02 6.09 -31.31
N THR A 40 -4.34 5.75 -30.23
CA THR A 40 -2.91 5.56 -30.37
C THR A 40 -2.60 4.30 -31.12
N LEU A 41 -3.42 3.31 -30.87
CA LEU A 41 -3.36 2.05 -31.54
C LEU A 41 -3.40 2.24 -33.05
N VAL A 42 -4.35 3.06 -33.49
CA VAL A 42 -4.51 3.34 -34.93
C VAL A 42 -3.38 4.18 -35.49
N ASP A 43 -2.98 5.21 -34.74
CA ASP A 43 -1.87 6.09 -35.22
C ASP A 43 -0.60 5.33 -35.24
N ASN A 44 -0.48 4.20 -34.60
CA ASN A 44 0.79 3.46 -34.60
C ASN A 44 0.83 2.14 -35.30
N GLY A 45 -0.19 1.89 -36.12
CA GLY A 45 -0.12 0.85 -37.14
C GLY A 45 -1.19 -0.24 -37.16
N ALA A 46 -2.06 -0.29 -36.17
CA ALA A 46 -3.27 -1.11 -36.23
C ALA A 46 -3.96 -1.07 -37.60
N ASP A 47 -4.27 -2.27 -38.14
CA ASP A 47 -4.90 -2.46 -39.42
C ASP A 47 -6.39 -2.72 -39.26
N ALA A 48 -6.84 -2.91 -38.02
CA ALA A 48 -8.24 -3.21 -37.71
C ALA A 48 -8.30 -3.16 -36.25
N LEU A 49 -9.49 -3.04 -35.70
CA LEU A 49 -9.67 -2.87 -34.24
C LEU A 49 -10.65 -3.94 -33.80
N GLU A 50 -10.39 -4.45 -32.60
CA GLU A 50 -11.24 -5.41 -31.96
C GLU A 50 -11.58 -4.83 -30.63
N LEU A 51 -12.86 -4.66 -30.35
CA LEU A 51 -13.29 -3.89 -29.24
C LEU A 51 -14.28 -4.67 -28.47
N GLY A 52 -14.07 -4.73 -27.16
CA GLY A 52 -15.03 -5.33 -26.29
C GLY A 52 -15.94 -4.28 -25.69
N PHE A 53 -17.19 -4.70 -25.33
CA PHE A 53 -18.05 -3.90 -24.46
C PHE A 53 -17.85 -4.48 -23.07
N PRO A 54 -17.74 -3.62 -22.04
CA PRO A 54 -17.53 -4.09 -20.69
C PRO A 54 -18.65 -4.96 -20.13
N PHE A 55 -18.25 -6.08 -19.52
CA PHE A 55 -19.17 -7.19 -19.11
C PHE A 55 -18.62 -7.84 -17.86
N SER A 56 -19.48 -7.97 -16.84
CA SER A 56 -19.02 -8.25 -15.45
C SER A 56 -18.34 -9.60 -15.26
N ASP A 57 -18.93 -10.64 -15.85
CA ASP A 57 -18.41 -11.98 -15.83
C ASP A 57 -18.15 -12.51 -17.27
N PRO A 58 -16.99 -12.17 -17.85
CA PRO A 58 -16.63 -12.66 -19.20
C PRO A 58 -16.06 -14.09 -19.21
N LEU A 59 -16.98 -15.05 -19.21
CA LEU A 59 -16.65 -16.45 -18.95
C LEU A 59 -15.67 -17.13 -19.91
N ALA A 60 -15.43 -16.55 -21.09
CA ALA A 60 -14.36 -17.04 -21.95
C ALA A 60 -13.03 -16.32 -21.81
N ASP A 61 -12.88 -15.43 -20.85
CA ASP A 61 -11.62 -14.68 -20.70
C ASP A 61 -10.85 -14.99 -19.43
N GLY A 62 -9.55 -14.80 -19.47
CA GLY A 62 -8.74 -14.94 -18.29
C GLY A 62 -8.62 -13.71 -17.45
N PRO A 63 -7.76 -13.79 -16.43
CA PRO A 63 -7.69 -12.75 -15.44
C PRO A 63 -7.45 -11.38 -16.03
N VAL A 64 -6.67 -11.29 -17.09
CA VAL A 64 -6.19 -10.01 -17.56
C VAL A 64 -7.33 -9.18 -18.15
N ILE A 65 -8.18 -9.91 -18.88
CA ILE A 65 -9.21 -9.30 -19.63
C ILE A 65 -10.39 -9.11 -18.70
N GLN A 66 -10.57 -10.06 -17.81
CA GLN A 66 -11.45 -9.88 -16.71
C GLN A 66 -11.17 -8.55 -15.99
N GLY A 67 -9.89 -8.30 -15.71
CA GLY A 67 -9.47 -7.05 -15.17
C GLY A 67 -10.02 -5.84 -15.91
N ALA A 68 -9.92 -5.83 -17.24
CA ALA A 68 -10.30 -4.68 -18.01
C ALA A 68 -11.81 -4.47 -18.03
N ASN A 69 -12.53 -5.55 -18.13
CA ASN A 69 -13.94 -5.40 -18.08
C ASN A 69 -14.39 -4.73 -16.78
N LEU A 70 -13.81 -5.15 -15.67
CA LEU A 70 -14.20 -4.66 -14.37
C LEU A 70 -13.67 -3.24 -14.14
N ARG A 71 -12.56 -2.87 -14.74
CA ARG A 71 -12.15 -1.51 -14.69
C ARG A 71 -13.15 -0.61 -15.45
N SER A 72 -13.61 -1.05 -16.62
CA SER A 72 -14.45 -0.23 -17.47
C SER A 72 -15.81 -0.11 -16.81
N LEU A 73 -16.26 -1.17 -16.15
CA LEU A 73 -17.54 -1.06 -15.43
C LEU A 73 -17.46 -0.14 -14.28
N ALA A 74 -16.27 -0.12 -13.68
CA ALA A 74 -16.03 0.68 -12.50
C ALA A 74 -15.79 2.09 -12.83
N ALA A 75 -15.22 2.37 -13.97
CA ALA A 75 -15.02 3.73 -14.36
C ALA A 75 -16.41 4.27 -14.71
N GLY A 76 -17.39 3.38 -14.70
CA GLY A 76 -18.72 3.74 -15.04
C GLY A 76 -19.10 3.84 -16.51
N THR A 77 -18.41 3.13 -17.39
CA THR A 77 -18.70 3.11 -18.81
C THR A 77 -20.05 2.43 -19.13
N THR A 78 -20.85 3.03 -20.00
CA THR A 78 -22.15 2.51 -20.39
C THR A 78 -22.15 2.09 -21.86
N SER A 79 -23.20 1.39 -22.30
CA SER A 79 -23.28 1.02 -23.72
C SER A 79 -23.16 2.25 -24.59
N SER A 80 -23.83 3.32 -24.17
CA SER A 80 -23.93 4.49 -24.95
C SER A 80 -22.55 5.10 -25.07
N ASP A 81 -21.80 5.25 -23.98
CA ASP A 81 -20.37 5.62 -24.10
C ASP A 81 -19.64 4.71 -25.13
N CYS A 82 -19.76 3.38 -24.99
CA CYS A 82 -19.07 2.53 -25.93
C CYS A 82 -19.37 2.92 -27.35
N PHE A 83 -20.66 3.05 -27.66
CA PHE A 83 -21.11 3.40 -29.01
C PHE A 83 -20.62 4.81 -29.40
N ASP A 84 -20.71 5.75 -28.47
CA ASP A 84 -20.10 7.10 -28.65
C ASP A 84 -18.64 7.06 -29.07
N ILE A 85 -17.86 6.21 -28.42
CA ILE A 85 -16.43 6.07 -28.74
C ILE A 85 -16.26 5.50 -30.11
N ILE A 86 -16.97 4.42 -30.37
CA ILE A 86 -16.90 3.82 -31.72
C ILE A 86 -17.27 4.88 -32.75
N THR A 87 -18.41 5.55 -32.60
CA THR A 87 -18.71 6.60 -33.56
C THR A 87 -17.67 7.68 -33.71
N LYS A 88 -17.05 8.19 -32.67
CA LYS A 88 -15.92 9.15 -32.85
C LYS A 88 -14.77 8.58 -33.63
N VAL A 89 -14.40 7.33 -33.34
CA VAL A 89 -13.27 6.70 -34.03
C VAL A 89 -13.60 6.55 -35.49
N ARG A 90 -14.84 6.19 -35.84
CA ARG A 90 -15.22 6.05 -37.25
C ARG A 90 -15.03 7.36 -37.98
N ALA A 91 -15.51 8.43 -37.39
CA ALA A 91 -15.43 9.75 -38.09
C ALA A 91 -14.00 10.17 -38.30
N GLN A 92 -13.11 9.83 -37.35
CA GLN A 92 -11.67 10.15 -37.46
C GLN A 92 -10.99 9.22 -38.44
N HIS A 93 -11.52 8.02 -38.55
CA HIS A 93 -10.90 7.00 -39.42
C HIS A 93 -11.94 6.26 -40.28
N PRO A 94 -12.37 6.86 -41.38
CA PRO A 94 -13.46 6.30 -42.19
C PRO A 94 -13.29 4.89 -42.72
N ASP A 95 -12.06 4.41 -42.76
CA ASP A 95 -11.77 3.20 -43.52
C ASP A 95 -11.26 2.05 -42.69
N MET A 96 -11.07 2.30 -41.41
CA MET A 96 -10.37 1.41 -40.51
C MET A 96 -11.34 0.35 -40.08
N PRO A 97 -11.04 -0.93 -40.32
CA PRO A 97 -12.12 -1.82 -39.95
C PRO A 97 -12.32 -1.88 -38.49
N ILE A 98 -13.55 -1.97 -38.03
CA ILE A 98 -13.83 -2.09 -36.56
C ILE A 98 -14.61 -3.35 -36.22
N GLY A 99 -14.04 -4.17 -35.33
CA GLY A 99 -14.72 -5.39 -34.96
C GLY A 99 -15.16 -5.35 -33.55
N LEU A 100 -16.30 -5.92 -33.26
CA LEU A 100 -16.73 -6.06 -31.87
C LEU A 100 -16.60 -7.49 -31.29
N LEU A 101 -16.08 -7.61 -30.09
CA LEU A 101 -15.96 -8.90 -29.47
C LEU A 101 -16.86 -8.88 -28.23
N LEU A 102 -17.99 -9.57 -28.31
CA LEU A 102 -19.04 -9.43 -27.36
C LEU A 102 -19.61 -10.74 -26.76
N TYR A 103 -20.30 -10.58 -25.63
CA TYR A 103 -20.95 -11.69 -24.87
C TYR A 103 -22.44 -11.68 -25.18
N ALA A 104 -23.04 -12.83 -25.44
CA ALA A 104 -24.44 -12.85 -25.83
C ALA A 104 -25.28 -12.09 -24.89
N ASN A 105 -25.11 -12.35 -23.61
CA ASN A 105 -26.05 -11.79 -22.65
C ASN A 105 -26.04 -10.28 -22.62
N LEU A 106 -24.93 -9.75 -23.12
CA LEU A 106 -24.68 -8.34 -23.31
C LEU A 106 -25.58 -7.82 -24.43
N VAL A 107 -25.60 -8.57 -25.53
CA VAL A 107 -26.41 -8.21 -26.66
C VAL A 107 -27.91 -8.21 -26.27
N PHE A 108 -28.36 -9.33 -25.71
CA PHE A 108 -29.79 -9.57 -25.39
C PHE A 108 -30.43 -8.56 -24.41
N ALA A 109 -29.63 -8.10 -23.48
CA ALA A 109 -29.98 -7.06 -22.55
C ALA A 109 -30.27 -5.77 -23.24
N ASN A 110 -29.47 -5.42 -24.25
CA ASN A 110 -29.72 -4.22 -25.09
C ASN A 110 -30.94 -4.44 -25.99
N GLY A 111 -31.24 -5.71 -26.29
CA GLY A 111 -32.20 -6.11 -27.31
C GLY A 111 -31.34 -6.29 -28.55
N ILE A 112 -31.44 -7.45 -29.20
CA ILE A 112 -30.66 -7.73 -30.42
C ILE A 112 -30.87 -6.65 -31.46
N ASP A 113 -32.09 -6.30 -31.80
CA ASP A 113 -32.22 -5.39 -32.94
C ASP A 113 -31.71 -4.02 -32.55
N GLU A 114 -32.04 -3.64 -31.33
CA GLU A 114 -31.60 -2.41 -30.70
C GLU A 114 -30.07 -2.26 -30.71
N PHE A 115 -29.35 -3.36 -30.55
CA PHE A 115 -27.91 -3.33 -30.39
C PHE A 115 -27.23 -3.22 -31.75
N TYR A 116 -27.63 -4.08 -32.69
CA TYR A 116 -27.09 -4.12 -33.99
C TYR A 116 -27.45 -2.91 -34.84
N THR A 117 -28.62 -2.29 -34.64
CA THR A 117 -28.88 -0.97 -35.26
C THR A 117 -27.91 0.09 -34.71
N LYS A 118 -27.65 0.04 -33.41
CA LYS A 118 -26.72 0.99 -32.83
C LYS A 118 -25.33 0.78 -33.39
N ALA A 119 -24.93 -0.49 -33.49
CA ALA A 119 -23.66 -0.84 -34.10
C ALA A 119 -23.62 -0.32 -35.54
N GLN A 120 -24.59 -0.65 -36.36
CA GLN A 120 -24.63 -0.12 -37.74
C GLN A 120 -24.45 1.39 -37.80
N ALA A 121 -25.17 2.12 -36.96
CA ALA A 121 -25.10 3.56 -37.05
C ALA A 121 -23.73 4.02 -36.64
N ALA A 122 -23.07 3.33 -35.70
CA ALA A 122 -21.75 3.79 -35.26
C ALA A 122 -20.74 3.51 -36.27
N GLY A 123 -21.06 2.59 -37.19
CA GLY A 123 -20.15 2.20 -38.20
C GLY A 123 -19.31 0.96 -37.92
N VAL A 124 -19.79 0.03 -37.12
CA VAL A 124 -19.03 -1.19 -36.92
C VAL A 124 -19.16 -2.15 -38.12
N ASP A 125 -18.13 -2.96 -38.28
CA ASP A 125 -18.02 -3.77 -39.47
C ASP A 125 -18.30 -5.23 -39.21
N SER A 126 -17.94 -5.73 -38.04
CA SER A 126 -18.23 -7.16 -37.72
C SER A 126 -18.51 -7.31 -36.28
N VAL A 127 -19.28 -8.34 -35.97
CA VAL A 127 -19.52 -8.69 -34.56
C VAL A 127 -19.21 -10.16 -34.35
N LEU A 128 -18.45 -10.44 -33.31
CA LEU A 128 -18.13 -11.80 -32.89
C LEU A 128 -18.77 -12.00 -31.54
N ILE A 129 -19.59 -13.03 -31.42
CA ILE A 129 -20.14 -13.39 -30.10
C ILE A 129 -19.34 -14.55 -29.50
N ALA A 130 -18.60 -14.27 -28.44
CA ALA A 130 -17.47 -15.12 -28.00
C ALA A 130 -17.95 -16.42 -27.40
N ASP A 131 -19.13 -16.40 -26.82
CA ASP A 131 -19.56 -17.44 -25.93
C ASP A 131 -20.63 -18.27 -26.55
N VAL A 132 -21.15 -17.90 -27.72
CA VAL A 132 -22.02 -18.79 -28.50
C VAL A 132 -21.22 -19.55 -29.59
N PRO A 133 -21.53 -20.83 -29.79
CA PRO A 133 -20.79 -21.66 -30.74
C PRO A 133 -21.47 -21.71 -32.12
N VAL A 134 -20.70 -21.90 -33.21
CA VAL A 134 -21.26 -21.67 -34.57
C VAL A 134 -22.69 -22.18 -34.68
N GLU A 135 -22.88 -23.40 -34.17
CA GLU A 135 -24.16 -24.07 -34.38
C GLU A 135 -25.35 -23.34 -33.75
N GLU A 136 -25.14 -22.45 -32.81
CA GLU A 136 -26.28 -21.86 -32.15
C GLU A 136 -26.57 -20.39 -32.52
N SER A 137 -25.84 -19.89 -33.50
CA SER A 137 -25.68 -18.46 -33.76
C SER A 137 -26.76 -17.74 -34.54
N ALA A 138 -27.60 -18.50 -35.26
CA ALA A 138 -28.53 -17.91 -36.23
C ALA A 138 -29.09 -16.59 -35.75
N PRO A 139 -29.66 -16.56 -34.54
CA PRO A 139 -30.32 -15.29 -34.19
C PRO A 139 -29.38 -14.11 -34.35
N PHE A 140 -28.09 -14.35 -34.12
CA PHE A 140 -27.07 -13.31 -34.18
C PHE A 140 -26.51 -12.99 -35.56
N SER A 141 -25.92 -13.98 -36.24
CA SER A 141 -25.78 -13.89 -37.73
C SER A 141 -26.98 -13.27 -38.46
N LYS A 142 -28.19 -13.75 -38.19
CA LYS A 142 -29.34 -13.18 -38.86
C LYS A 142 -29.38 -11.68 -38.57
N ALA A 143 -29.19 -11.32 -37.32
CA ALA A 143 -29.16 -9.87 -36.95
C ALA A 143 -27.99 -9.15 -37.65
N ALA A 144 -26.82 -9.77 -37.64
CA ALA A 144 -25.64 -9.20 -38.31
C ALA A 144 -25.90 -8.84 -39.78
N LYS A 145 -26.54 -9.75 -40.51
CA LYS A 145 -26.77 -9.51 -41.92
C LYS A 145 -27.81 -8.42 -42.13
N ALA A 146 -28.91 -8.44 -41.41
CA ALA A 146 -29.96 -7.42 -41.61
C ALA A 146 -29.49 -5.98 -41.40
N HIS A 147 -28.35 -5.83 -40.69
CA HIS A 147 -27.80 -4.53 -40.36
C HIS A 147 -26.40 -4.26 -40.92
N GLY A 148 -26.12 -4.80 -42.09
CA GLY A 148 -24.89 -4.50 -42.73
C GLY A 148 -23.64 -5.06 -42.11
N ILE A 149 -23.71 -6.01 -41.20
CA ILE A 149 -22.54 -6.39 -40.37
C ILE A 149 -22.10 -7.83 -40.54
N ALA A 150 -20.81 -8.06 -40.44
CA ALA A 150 -20.25 -9.40 -40.66
C ALA A 150 -20.30 -10.27 -39.42
N PRO A 151 -20.90 -11.44 -39.50
CA PRO A 151 -20.78 -12.34 -38.37
C PRO A 151 -19.45 -13.04 -38.44
N ILE A 152 -18.68 -12.96 -37.39
CA ILE A 152 -17.36 -13.57 -37.31
C ILE A 152 -17.41 -14.77 -36.40
N PHE A 153 -16.64 -15.79 -36.73
CA PHE A 153 -16.64 -17.02 -35.94
C PHE A 153 -15.29 -17.48 -35.57
N ILE A 154 -15.22 -18.22 -34.49
CA ILE A 154 -13.97 -18.79 -34.05
C ILE A 154 -13.82 -20.19 -34.50
N ALA A 155 -12.67 -20.51 -35.06
CA ALA A 155 -12.25 -21.90 -35.17
C ALA A 155 -11.47 -22.26 -33.92
N PRO A 156 -12.08 -23.08 -33.06
CA PRO A 156 -11.41 -23.45 -31.81
C PRO A 156 -10.29 -24.45 -32.08
N PRO A 157 -9.30 -24.55 -31.15
CA PRO A 157 -8.13 -25.42 -31.31
C PRO A 157 -8.44 -26.89 -31.53
N ASN A 158 -9.47 -27.42 -30.91
CA ASN A 158 -9.74 -28.84 -31.15
C ASN A 158 -10.53 -29.12 -32.46
N ALA A 159 -11.08 -28.09 -33.08
CA ALA A 159 -11.96 -28.17 -34.29
C ALA A 159 -11.86 -29.31 -35.37
N ASP A 160 -12.99 -29.94 -35.68
CA ASP A 160 -13.01 -30.95 -36.75
C ASP A 160 -13.61 -30.42 -38.06
N ALA A 161 -13.16 -31.02 -39.16
CA ALA A 161 -13.45 -30.50 -40.51
C ALA A 161 -14.88 -30.06 -40.78
N ASP A 162 -15.88 -30.69 -40.13
CA ASP A 162 -17.29 -30.29 -40.34
C ASP A 162 -17.55 -28.91 -39.76
N THR A 163 -17.14 -28.76 -38.49
CA THR A 163 -17.20 -27.51 -37.77
C THR A 163 -16.47 -26.46 -38.61
N LEU A 164 -15.16 -26.61 -38.77
CA LEU A 164 -14.35 -25.77 -39.68
C LEU A 164 -14.99 -25.45 -41.03
N LYS A 165 -15.85 -26.34 -41.52
CA LYS A 165 -16.50 -26.11 -42.80
C LYS A 165 -17.63 -25.10 -42.62
N MET A 166 -18.32 -25.14 -41.49
CA MET A 166 -19.43 -24.20 -41.29
C MET A 166 -18.96 -22.86 -40.66
N VAL A 167 -17.82 -22.89 -39.99
CA VAL A 167 -17.12 -21.67 -39.61
C VAL A 167 -16.81 -20.91 -40.86
N SER A 168 -16.55 -21.67 -41.93
CA SER A 168 -16.07 -21.12 -43.21
C SER A 168 -17.19 -20.61 -44.04
N GLU A 169 -18.38 -21.20 -43.93
CA GLU A 169 -19.44 -20.75 -44.83
C GLU A 169 -20.17 -19.57 -44.23
N GLN A 170 -20.05 -19.40 -42.91
CA GLN A 170 -20.99 -18.60 -42.11
C GLN A 170 -20.91 -17.06 -41.93
N GLY A 171 -19.87 -16.44 -41.38
CA GLY A 171 -18.48 -16.62 -41.64
C GLY A 171 -18.09 -15.42 -42.54
N GLU A 172 -17.80 -14.24 -42.01
CA GLU A 172 -17.50 -13.09 -42.93
C GLU A 172 -16.43 -12.17 -42.41
N GLY A 173 -15.88 -11.35 -43.27
CA GLY A 173 -14.76 -10.46 -42.86
C GLY A 173 -13.42 -11.11 -42.58
N TYR A 174 -13.36 -11.88 -41.52
CA TYR A 174 -12.17 -12.64 -41.22
C TYR A 174 -12.60 -13.80 -40.37
N THR A 175 -11.79 -14.84 -40.30
CA THR A 175 -12.07 -15.91 -39.35
C THR A 175 -11.04 -15.92 -38.19
N TYR A 176 -11.57 -16.04 -36.97
CA TYR A 176 -10.78 -15.94 -35.78
C TYR A 176 -10.25 -17.32 -35.35
N LEU A 177 -8.94 -17.53 -35.35
CA LEU A 177 -8.41 -18.80 -34.80
C LEU A 177 -7.95 -18.70 -33.36
N LEU A 178 -8.53 -19.48 -32.48
CA LEU A 178 -8.10 -19.46 -31.10
C LEU A 178 -6.81 -20.31 -31.00
N SER A 179 -5.81 -19.84 -31.74
CA SER A 179 -4.52 -20.50 -31.81
C SER A 179 -3.49 -19.51 -32.34
N ARG A 180 -2.25 -19.94 -32.35
CA ARG A 180 -1.11 -19.09 -32.56
C ARG A 180 -0.26 -19.98 -33.42
N ALA A 181 0.89 -19.51 -33.88
CA ALA A 181 1.87 -20.43 -34.51
C ALA A 181 3.15 -20.48 -33.72
N GLY A 182 3.85 -21.60 -33.78
CA GLY A 182 5.06 -21.73 -33.00
C GLY A 182 6.23 -20.93 -33.58
N VAL A 183 6.92 -20.16 -32.75
CA VAL A 183 8.21 -19.58 -33.04
C VAL A 183 9.31 -20.67 -33.18
N THR A 184 10.41 -20.31 -33.85
CA THR A 184 11.24 -21.32 -34.60
C THR A 184 12.37 -22.06 -33.79
N PRO A 193 -0.61 -29.76 -36.67
CA PRO A 193 -0.40 -28.39 -36.19
C PRO A 193 -1.30 -27.34 -36.87
N ILE A 194 -1.04 -26.07 -36.52
CA ILE A 194 -1.63 -24.86 -37.14
C ILE A 194 -1.72 -24.93 -38.67
N GLU A 195 -0.61 -25.15 -39.37
CA GLU A 195 -0.57 -25.22 -40.86
C GLU A 195 -1.69 -26.07 -41.47
N ASN A 196 -1.95 -27.21 -40.87
CA ASN A 196 -3.07 -28.04 -41.25
C ASN A 196 -4.42 -27.33 -41.26
N ILE A 197 -4.78 -26.81 -40.08
CA ILE A 197 -6.01 -26.02 -39.86
C ILE A 197 -6.13 -24.84 -40.85
N LEU A 198 -5.02 -24.16 -41.14
CA LEU A 198 -5.03 -23.03 -42.06
C LEU A 198 -5.39 -23.55 -43.41
N THR A 199 -4.74 -24.63 -43.82
CA THR A 199 -4.92 -25.17 -45.16
C THR A 199 -6.37 -25.59 -45.35
N GLN A 200 -6.94 -26.21 -44.33
CA GLN A 200 -8.31 -26.62 -44.42
C GLN A 200 -9.24 -25.45 -44.66
N LEU A 201 -8.90 -24.30 -44.07
CA LEU A 201 -9.76 -23.09 -44.17
C LEU A 201 -9.64 -22.45 -45.49
N ALA A 202 -8.41 -22.40 -45.99
CA ALA A 202 -8.10 -21.88 -47.31
C ALA A 202 -8.80 -22.65 -48.42
N GLU A 203 -9.04 -23.94 -48.21
CA GLU A 203 -9.66 -24.73 -49.25
C GLU A 203 -11.15 -24.78 -49.04
N PHE A 204 -11.61 -24.17 -47.99
CA PHE A 204 -13.05 -23.99 -47.83
C PHE A 204 -13.51 -22.59 -48.20
N ASN A 205 -12.60 -21.75 -48.70
CA ASN A 205 -12.91 -20.34 -48.99
C ASN A 205 -13.42 -19.59 -47.73
N ALA A 206 -12.86 -19.99 -46.58
CA ALA A 206 -12.95 -19.20 -45.38
C ALA A 206 -12.44 -17.79 -45.59
N PRO A 207 -13.17 -16.80 -45.06
CA PRO A 207 -12.59 -15.53 -44.82
C PRO A 207 -11.19 -15.54 -44.18
N PRO A 208 -10.38 -14.54 -44.51
CA PRO A 208 -8.97 -14.52 -44.12
C PRO A 208 -8.78 -14.81 -42.65
N PRO A 209 -7.90 -15.75 -42.32
CA PRO A 209 -7.66 -16.20 -40.95
C PRO A 209 -6.74 -15.31 -40.15
N LEU A 210 -7.24 -14.85 -39.03
CA LEU A 210 -6.42 -14.18 -38.01
C LEU A 210 -6.21 -15.13 -36.85
N LEU A 211 -4.97 -15.40 -36.56
CA LEU A 211 -4.52 -16.07 -35.33
C LEU A 211 -4.67 -15.13 -34.17
N GLY A 212 -5.53 -15.51 -33.22
CA GLY A 212 -5.87 -14.67 -32.09
C GLY A 212 -5.54 -15.13 -30.70
N PHE A 213 -4.80 -16.22 -30.52
CA PHE A 213 -4.56 -16.70 -29.10
C PHE A 213 -3.17 -16.52 -28.63
N GLY A 214 -3.01 -15.89 -27.46
CA GLY A 214 -1.69 -15.56 -26.86
C GLY A 214 -0.63 -14.89 -27.72
N ILE A 215 -1.07 -14.10 -28.69
CA ILE A 215 -0.11 -13.29 -29.45
C ILE A 215 0.32 -12.06 -28.60
N ALA A 216 1.62 -11.99 -28.28
CA ALA A 216 2.20 -11.00 -27.31
C ALA A 216 3.51 -10.28 -27.75
N GLU A 217 4.10 -10.74 -28.83
CA GLU A 217 5.52 -10.54 -29.08
C GLU A 217 5.64 -10.44 -30.59
N PRO A 218 6.50 -9.56 -31.13
CA PRO A 218 6.59 -9.50 -32.58
C PRO A 218 7.07 -10.78 -33.26
N GLU A 219 7.87 -11.60 -32.59
CA GLU A 219 8.29 -12.78 -33.32
C GLU A 219 7.07 -13.69 -33.65
N GLN A 220 5.99 -13.54 -32.86
CA GLN A 220 4.83 -14.41 -32.95
C GLN A 220 3.92 -13.93 -34.00
N VAL A 221 3.93 -12.60 -34.18
CA VAL A 221 3.21 -11.95 -35.28
C VAL A 221 3.89 -12.45 -36.54
N ARG A 222 5.22 -12.25 -36.59
CA ARG A 222 6.02 -12.78 -37.69
C ARG A 222 5.70 -14.23 -38.07
N ALA A 223 5.66 -15.16 -37.10
CA ALA A 223 5.46 -16.58 -37.39
C ALA A 223 4.08 -16.97 -37.95
N ALA A 224 3.13 -16.10 -37.63
CA ALA A 224 1.71 -16.35 -37.87
C ALA A 224 1.48 -16.16 -39.34
N ILE A 225 2.04 -15.06 -39.82
CA ILE A 225 2.00 -14.77 -41.24
C ILE A 225 2.76 -15.88 -41.96
N LYS A 226 3.97 -16.13 -41.50
CA LYS A 226 4.79 -17.20 -42.12
C LYS A 226 4.07 -18.56 -42.29
N ALA A 227 3.11 -18.87 -41.45
CA ALA A 227 2.31 -20.08 -41.58
C ALA A 227 1.04 -20.01 -42.49
N GLY A 228 0.72 -18.80 -42.95
CA GLY A 228 -0.35 -18.67 -43.95
C GLY A 228 -1.52 -17.85 -43.47
N ALA A 229 -1.45 -17.43 -42.21
CA ALA A 229 -2.45 -16.54 -41.66
C ALA A 229 -2.33 -15.23 -42.32
N ALA A 230 -3.48 -14.57 -42.47
CA ALA A 230 -3.57 -13.17 -42.95
C ALA A 230 -3.10 -12.14 -41.93
N GLY A 231 -2.93 -12.56 -40.67
CA GLY A 231 -2.55 -11.64 -39.58
C GLY A 231 -2.75 -12.18 -38.18
N ALA A 232 -2.46 -11.37 -37.17
CA ALA A 232 -2.61 -11.77 -35.78
C ALA A 232 -3.43 -10.72 -35.06
N ILE A 233 -4.29 -11.20 -34.16
CA ILE A 233 -5.02 -10.42 -33.21
C ILE A 233 -4.35 -10.60 -31.84
N SER A 234 -4.11 -9.49 -31.14
CA SER A 234 -3.42 -9.51 -29.88
C SER A 234 -4.27 -8.83 -28.84
N GLY A 235 -4.52 -9.51 -27.73
CA GLY A 235 -5.60 -9.17 -26.81
C GLY A 235 -5.04 -8.81 -25.48
N SER A 236 -4.84 -9.83 -24.68
CA SER A 236 -4.25 -9.63 -23.38
C SER A 236 -3.02 -8.79 -23.34
N ALA A 237 -2.16 -8.88 -24.37
CA ALA A 237 -0.80 -8.31 -24.24
C ALA A 237 -0.86 -6.80 -24.20
N VAL A 238 -1.86 -6.27 -24.87
CA VAL A 238 -2.13 -4.85 -24.91
C VAL A 238 -2.70 -4.35 -23.58
N VAL A 239 -3.72 -5.06 -23.15
CA VAL A 239 -4.41 -4.79 -21.93
C VAL A 239 -3.49 -4.76 -20.76
N LYS A 240 -2.57 -5.70 -20.72
CA LYS A 240 -1.46 -5.68 -19.77
C LYS A 240 -0.69 -4.38 -19.69
N ILE A 241 -0.51 -3.70 -20.81
CA ILE A 241 0.13 -2.41 -20.82
C ILE A 241 -0.81 -1.49 -20.07
N ILE A 242 -2.07 -1.53 -20.43
CA ILE A 242 -3.05 -0.64 -19.85
C ILE A 242 -3.06 -0.70 -18.34
N GLU A 243 -3.04 -1.92 -17.82
CA GLU A 243 -3.11 -2.15 -16.39
C GLU A 243 -1.85 -1.63 -15.64
N ALA A 244 -0.72 -1.67 -16.31
CA ALA A 244 0.53 -1.30 -15.73
C ALA A 244 0.63 0.20 -15.58
N HIS A 245 -0.16 0.94 -16.35
CA HIS A 245 -0.03 2.39 -16.40
C HIS A 245 -1.41 3.05 -16.43
N GLN A 246 -2.35 2.47 -15.73
CA GLN A 246 -3.69 3.05 -15.75
C GLN A 246 -3.75 4.40 -15.11
N HIS A 247 -2.79 4.73 -14.27
CA HIS A 247 -2.85 6.01 -13.56
C HIS A 247 -1.84 6.94 -14.14
N ASP A 248 -0.96 6.48 -15.01
CA ASP A 248 -0.03 7.39 -15.71
C ASP A 248 -0.31 7.37 -17.24
N GLU A 249 -1.13 8.33 -17.70
CA GLU A 249 -1.60 8.47 -19.10
C GLU A 249 -0.44 8.49 -20.06
N ALA A 250 0.48 9.42 -19.89
CA ALA A 250 1.52 9.59 -20.85
C ALA A 250 2.46 8.40 -20.98
N THR A 251 2.60 7.59 -19.93
CA THR A 251 3.47 6.44 -20.06
C THR A 251 2.74 5.31 -20.78
N LEU A 252 1.46 5.15 -20.41
CA LEU A 252 0.48 4.27 -21.10
C LEU A 252 0.51 4.43 -22.62
N LEU A 253 0.20 5.64 -23.07
CA LEU A 253 0.15 5.92 -24.48
C LEU A 253 1.51 5.68 -25.13
N ALA A 254 2.56 6.24 -24.55
CA ALA A 254 3.94 6.04 -25.05
C ALA A 254 4.24 4.58 -25.26
N LYS A 255 4.08 3.79 -24.22
CA LYS A 255 4.41 2.41 -24.30
C LYS A 255 3.42 1.63 -25.14
N LEU A 256 2.25 2.17 -25.38
CA LEU A 256 1.26 1.47 -26.17
C LEU A 256 1.63 1.65 -27.64
N ALA A 257 2.20 2.81 -27.94
CA ALA A 257 2.55 3.23 -29.30
C ALA A 257 3.72 2.47 -29.76
N GLU A 258 4.58 2.20 -28.80
CA GLU A 258 5.86 1.54 -29.05
C GLU A 258 5.60 0.07 -29.35
N PHE A 259 4.80 -0.51 -28.50
CA PHE A 259 4.23 -1.86 -28.71
C PHE A 259 3.52 -2.08 -30.06
N THR A 260 2.61 -1.20 -30.47
CA THR A 260 1.99 -1.36 -31.77
C THR A 260 3.00 -1.31 -32.90
N THR A 261 3.89 -0.35 -32.83
CA THR A 261 4.83 -0.15 -33.92
C THR A 261 5.72 -1.36 -34.04
N ALA A 262 6.12 -1.92 -32.92
CA ALA A 262 6.94 -3.09 -32.95
C ALA A 262 6.20 -4.29 -33.46
N MET A 263 4.96 -4.45 -33.02
CA MET A 263 4.16 -5.62 -33.38
C MET A 263 3.81 -5.53 -34.88
N LYS A 264 3.35 -4.34 -35.31
CA LYS A 264 3.04 -4.10 -36.73
C LYS A 264 4.25 -4.32 -37.60
N ALA A 265 5.40 -3.86 -37.15
CA ALA A 265 6.63 -3.94 -37.92
C ALA A 265 6.97 -5.37 -38.33
N ALA A 266 6.53 -6.34 -37.52
CA ALA A 266 6.69 -7.76 -37.85
C ALA A 266 5.64 -8.39 -38.78
N THR A 267 4.73 -7.60 -39.31
CA THR A 267 3.81 -8.11 -40.33
C THR A 267 4.46 -8.13 -41.72
N MET B 1 -8.81 -42.52 -9.38
CA MET B 1 -9.02 -41.14 -8.88
C MET B 1 -8.23 -40.76 -7.59
N SER B 2 -6.94 -41.20 -7.59
CA SER B 2 -6.13 -41.68 -6.45
C SER B 2 -4.89 -40.82 -6.23
N ASN B 3 -4.03 -41.00 -5.22
CA ASN B 3 -4.16 -41.84 -3.97
C ASN B 3 -3.87 -40.82 -2.87
N ARG B 4 -2.89 -39.96 -3.14
CA ARG B 4 -2.85 -38.68 -2.47
C ARG B 4 -4.01 -37.82 -2.86
N TYR B 5 -4.46 -37.88 -4.10
CA TYR B 5 -5.66 -37.06 -4.39
C TYR B 5 -6.87 -37.71 -3.72
N GLN B 6 -6.89 -39.04 -3.64
CA GLN B 6 -8.06 -39.69 -3.10
C GLN B 6 -8.26 -39.22 -1.66
N ALA B 7 -7.14 -39.22 -0.94
CA ALA B 7 -7.18 -38.98 0.47
C ALA B 7 -7.55 -37.52 0.71
N LYS B 8 -6.92 -36.59 0.03
CA LYS B 8 -7.22 -35.15 0.19
C LYS B 8 -8.66 -34.82 -0.17
N PHE B 9 -9.14 -35.36 -1.28
CA PHE B 9 -10.55 -35.13 -1.66
C PHE B 9 -11.59 -35.72 -0.67
N ALA B 10 -11.29 -36.90 -0.13
CA ALA B 10 -12.10 -37.43 0.95
C ALA B 10 -12.04 -36.59 2.22
N ALA B 11 -10.84 -36.12 2.61
CA ALA B 11 -10.76 -35.21 3.72
C ALA B 11 -11.57 -33.91 3.50
N LEU B 12 -11.48 -33.33 2.31
CA LEU B 12 -12.22 -32.08 2.14
C LEU B 12 -13.69 -32.35 2.14
N LYS B 13 -14.13 -33.52 1.70
CA LYS B 13 -15.55 -33.76 1.71
C LYS B 13 -16.00 -33.88 3.14
N ALA B 14 -15.31 -34.71 3.93
CA ALA B 14 -15.62 -34.78 5.37
C ALA B 14 -15.69 -33.39 5.99
N GLN B 15 -14.96 -32.40 5.44
CA GLN B 15 -15.00 -30.98 5.86
C GLN B 15 -16.06 -30.10 5.20
N ASP B 16 -16.87 -30.72 4.31
CA ASP B 16 -17.68 -30.01 3.35
C ASP B 16 -16.97 -28.77 2.78
N LYS B 17 -15.77 -29.00 2.22
CA LYS B 17 -14.90 -27.97 1.69
C LYS B 17 -14.40 -28.27 0.27
N GLY B 18 -14.28 -27.27 -0.58
CA GLY B 18 -13.55 -27.46 -1.83
C GLY B 18 -12.05 -27.42 -1.70
N ALA B 19 -11.39 -27.77 -2.81
CA ALA B 19 -9.93 -27.64 -2.85
C ALA B 19 -9.56 -26.34 -3.60
N PHE B 20 -8.60 -25.60 -3.07
CA PHE B 20 -7.94 -24.55 -3.80
C PHE B 20 -6.55 -24.94 -4.19
N VAL B 21 -6.28 -24.86 -5.49
CA VAL B 21 -5.09 -25.36 -6.11
C VAL B 21 -4.33 -24.35 -6.95
N PRO B 22 -3.19 -23.86 -6.46
CA PRO B 22 -2.49 -22.92 -7.30
C PRO B 22 -1.58 -23.56 -8.34
N PHE B 23 -1.45 -22.88 -9.48
CA PHE B 23 -0.50 -23.22 -10.52
C PHE B 23 0.64 -22.22 -10.56
N VAL B 24 1.82 -22.72 -10.85
CA VAL B 24 2.97 -21.93 -10.88
C VAL B 24 4.01 -22.70 -11.71
N THR B 25 4.83 -22.00 -12.49
CA THR B 25 5.91 -22.72 -13.20
C THR B 25 7.16 -22.68 -12.37
N ILE B 26 7.89 -23.80 -12.41
CA ILE B 26 9.02 -23.99 -11.53
C ILE B 26 10.18 -23.17 -12.09
N GLY B 27 10.83 -22.45 -11.18
CA GLY B 27 11.99 -21.68 -11.52
C GLY B 27 11.67 -20.23 -11.73
N ASP B 28 10.40 -19.94 -11.89
CA ASP B 28 9.94 -18.57 -11.99
C ASP B 28 9.79 -17.86 -10.65
N PRO B 29 10.58 -16.80 -10.36
CA PRO B 29 11.54 -16.05 -11.12
C PRO B 29 12.99 -16.42 -10.95
N SER B 30 13.41 -17.02 -9.83
CA SER B 30 14.63 -17.86 -9.88
C SER B 30 14.29 -19.25 -9.37
N PRO B 31 15.19 -20.25 -9.48
CA PRO B 31 14.93 -21.46 -8.69
C PRO B 31 14.79 -21.20 -7.20
N GLU B 32 15.74 -20.47 -6.63
CA GLU B 32 15.79 -20.40 -5.18
C GLU B 32 14.55 -19.66 -4.66
N LEU B 33 13.98 -18.77 -5.43
CA LEU B 33 12.79 -18.06 -5.02
C LEU B 33 11.49 -18.70 -5.51
N SER B 34 11.53 -19.53 -6.55
CA SER B 34 10.36 -20.37 -6.81
C SER B 34 10.16 -21.29 -5.62
N LEU B 35 11.24 -21.76 -5.01
CA LEU B 35 11.10 -22.65 -3.86
C LEU B 35 10.30 -21.95 -2.81
N LYS B 36 10.65 -20.71 -2.49
CA LYS B 36 9.99 -20.01 -1.38
C LYS B 36 8.54 -19.67 -1.69
N ILE B 37 8.27 -19.38 -2.97
CA ILE B 37 6.92 -19.13 -3.45
C ILE B 37 6.04 -20.33 -3.19
N ILE B 38 6.53 -21.50 -3.61
CA ILE B 38 5.77 -22.76 -3.49
C ILE B 38 5.50 -23.11 -2.04
N GLN B 39 6.45 -22.76 -1.18
CA GLN B 39 6.29 -22.95 0.25
C GLN B 39 5.21 -22.05 0.73
N THR B 40 5.29 -20.80 0.38
CA THR B 40 4.22 -19.86 0.72
C THR B 40 2.83 -20.33 0.36
N LEU B 41 2.69 -20.85 -0.84
CA LEU B 41 1.42 -21.36 -1.26
C LEU B 41 0.91 -22.40 -0.30
N VAL B 42 1.71 -23.44 -0.03
CA VAL B 42 1.26 -24.48 0.93
C VAL B 42 1.02 -23.84 2.29
N ASP B 43 1.97 -23.09 2.81
CA ASP B 43 1.77 -22.49 4.13
C ASP B 43 0.52 -21.61 4.18
N ASN B 44 -0.05 -21.20 3.04
CA ASN B 44 -1.28 -20.40 3.11
C ASN B 44 -2.61 -20.98 2.63
N GLY B 45 -2.62 -22.32 2.49
CA GLY B 45 -3.83 -23.13 2.34
C GLY B 45 -3.98 -23.90 1.04
N ALA B 46 -2.92 -23.96 0.28
CA ALA B 46 -3.10 -24.70 -0.93
C ALA B 46 -3.46 -26.14 -0.54
N ASP B 47 -4.44 -26.70 -1.23
CA ASP B 47 -4.86 -28.07 -1.10
C ASP B 47 -4.10 -29.03 -2.06
N ALA B 48 -3.28 -28.48 -2.92
CA ALA B 48 -2.56 -29.28 -3.91
C ALA B 48 -1.73 -28.31 -4.71
N LEU B 49 -0.64 -28.75 -5.28
CA LEU B 49 0.08 -27.89 -6.16
C LEU B 49 -0.12 -28.35 -7.60
N GLU B 50 -0.14 -27.39 -8.55
CA GLU B 50 0.09 -27.68 -9.93
C GLU B 50 1.29 -26.95 -10.36
N LEU B 51 2.28 -27.70 -10.86
CA LEU B 51 3.56 -27.12 -11.22
C LEU B 51 3.88 -27.43 -12.67
N GLY B 52 4.23 -26.37 -13.42
CA GLY B 52 4.76 -26.49 -14.78
C GLY B 52 6.29 -26.51 -14.79
N PHE B 53 6.90 -27.18 -15.79
CA PHE B 53 8.31 -27.06 -16.08
C PHE B 53 8.49 -25.97 -17.11
N PRO B 54 9.54 -25.15 -17.00
CA PRO B 54 9.75 -24.14 -18.03
C PRO B 54 10.00 -24.74 -19.38
N PHE B 55 9.43 -24.09 -20.39
CA PHE B 55 9.37 -24.63 -21.73
C PHE B 55 9.33 -23.42 -22.67
N SER B 56 10.27 -23.41 -23.64
CA SER B 56 10.48 -22.27 -24.55
C SER B 56 9.18 -21.68 -25.11
N ASP B 57 8.31 -22.52 -25.72
CA ASP B 57 7.16 -22.04 -26.52
C ASP B 57 5.83 -22.67 -26.12
N PRO B 58 5.28 -22.24 -24.96
CA PRO B 58 4.02 -22.76 -24.42
C PRO B 58 2.74 -22.41 -25.21
N LEU B 59 2.60 -23.06 -26.34
CA LEU B 59 1.54 -22.82 -27.32
C LEU B 59 0.11 -22.72 -26.82
N ALA B 60 -0.13 -23.36 -25.70
CA ALA B 60 -1.48 -23.45 -25.14
C ALA B 60 -1.67 -22.43 -24.01
N ASP B 61 -0.80 -21.41 -23.97
CA ASP B 61 -0.77 -20.45 -22.88
C ASP B 61 -0.83 -19.02 -23.32
N GLY B 62 -1.45 -18.18 -22.51
CA GLY B 62 -1.52 -16.76 -22.82
C GLY B 62 -0.25 -16.07 -22.42
N PRO B 63 -0.17 -14.78 -22.64
CA PRO B 63 0.99 -13.98 -22.23
C PRO B 63 1.49 -14.18 -20.83
N VAL B 64 0.60 -14.26 -19.84
CA VAL B 64 1.05 -14.27 -18.44
C VAL B 64 1.85 -15.57 -18.18
N ILE B 65 1.33 -16.71 -18.63
CA ILE B 65 2.05 -17.94 -18.37
C ILE B 65 3.22 -18.06 -19.33
N GLN B 66 3.15 -17.42 -20.48
CA GLN B 66 4.35 -17.32 -21.26
C GLN B 66 5.42 -16.60 -20.42
N GLY B 67 5.03 -15.54 -19.74
CA GLY B 67 6.04 -14.71 -19.14
C GLY B 67 6.81 -15.53 -18.13
N ALA B 68 6.09 -16.37 -17.43
CA ALA B 68 6.65 -17.14 -16.36
C ALA B 68 7.62 -18.19 -16.93
N ASN B 69 7.26 -18.80 -18.06
CA ASN B 69 8.14 -19.70 -18.76
C ASN B 69 9.42 -18.97 -19.19
N LEU B 70 9.37 -17.82 -19.90
CA LEU B 70 10.65 -17.15 -20.27
C LEU B 70 11.47 -16.68 -19.05
N ARG B 71 10.81 -16.31 -17.96
CA ARG B 71 11.53 -15.83 -16.80
C ARG B 71 12.31 -16.95 -16.17
N SER B 72 11.84 -18.18 -16.30
CA SER B 72 12.41 -19.27 -15.53
C SER B 72 13.63 -19.85 -16.24
N LEU B 73 13.52 -19.98 -17.57
CA LEU B 73 14.63 -20.28 -18.48
C LEU B 73 15.74 -19.23 -18.38
N ALA B 74 15.34 -17.97 -18.38
CA ALA B 74 16.25 -16.87 -18.38
C ALA B 74 17.02 -16.96 -17.07
N ALA B 75 16.36 -17.43 -16.01
CA ALA B 75 17.03 -17.65 -14.68
C ALA B 75 17.92 -18.90 -14.63
N GLY B 76 17.83 -19.72 -15.70
CA GLY B 76 18.66 -20.92 -15.92
C GLY B 76 18.08 -22.16 -15.28
N THR B 77 16.78 -22.17 -14.99
CA THR B 77 16.37 -23.31 -14.21
C THR B 77 16.33 -24.53 -15.09
N THR B 78 16.87 -25.61 -14.59
CA THR B 78 16.97 -26.83 -15.38
C THR B 78 15.83 -27.77 -15.02
N SER B 79 15.58 -28.75 -15.86
CA SER B 79 14.64 -29.77 -15.49
C SER B 79 15.13 -30.54 -14.20
N SER B 80 16.41 -30.61 -13.97
CA SER B 80 16.84 -31.33 -12.77
C SER B 80 16.70 -30.43 -11.52
N ASP B 81 16.79 -29.11 -11.71
CA ASP B 81 16.38 -28.17 -10.68
C ASP B 81 14.92 -28.38 -10.26
N CYS B 82 14.09 -28.79 -11.20
CA CYS B 82 12.65 -28.83 -10.99
C CYS B 82 12.38 -30.03 -10.15
N PHE B 83 13.04 -31.13 -10.48
CA PHE B 83 13.04 -32.32 -9.65
C PHE B 83 13.58 -32.01 -8.28
N ASP B 84 14.66 -31.26 -8.19
CA ASP B 84 15.20 -30.86 -6.88
C ASP B 84 14.15 -30.11 -6.09
N ILE B 85 13.54 -29.10 -6.68
CA ILE B 85 12.49 -28.36 -6.00
C ILE B 85 11.36 -29.31 -5.59
N ILE B 86 10.89 -30.17 -6.48
CA ILE B 86 9.78 -31.06 -6.14
C ILE B 86 10.18 -31.96 -4.99
N THR B 87 11.44 -32.40 -4.93
CA THR B 87 11.73 -33.37 -3.90
C THR B 87 11.87 -32.72 -2.53
N LYS B 88 12.30 -31.47 -2.51
CA LYS B 88 12.31 -30.70 -1.23
C LYS B 88 10.91 -30.49 -0.73
N VAL B 89 9.99 -30.16 -1.62
CA VAL B 89 8.62 -29.88 -1.20
C VAL B 89 7.89 -31.13 -0.72
N ARG B 90 8.18 -32.26 -1.32
CA ARG B 90 7.62 -33.52 -0.77
C ARG B 90 8.14 -33.81 0.62
N ALA B 91 9.37 -33.44 0.88
CA ALA B 91 9.99 -33.82 2.15
C ALA B 91 9.39 -33.01 3.28
N GLN B 92 8.93 -31.82 2.90
CA GLN B 92 8.33 -30.89 3.80
C GLN B 92 6.83 -31.02 3.96
N HIS B 93 6.22 -31.67 2.98
CA HIS B 93 4.78 -31.81 2.92
C HIS B 93 4.53 -33.15 2.37
N PRO B 94 4.57 -34.17 3.22
CA PRO B 94 4.43 -35.57 2.84
C PRO B 94 3.11 -35.91 2.16
N ASP B 95 2.10 -35.11 2.34
CA ASP B 95 0.74 -35.57 2.03
C ASP B 95 0.02 -34.75 0.98
N MET B 96 0.41 -33.50 0.87
CA MET B 96 0.07 -32.58 -0.18
C MET B 96 0.19 -33.14 -1.58
N PRO B 97 -0.89 -33.28 -2.30
CA PRO B 97 -0.77 -33.74 -3.67
C PRO B 97 -0.05 -32.80 -4.56
N ILE B 98 0.84 -33.35 -5.35
CA ILE B 98 1.67 -32.61 -6.35
C ILE B 98 1.35 -33.09 -7.76
N GLY B 99 0.86 -32.17 -8.55
CA GLY B 99 0.63 -32.40 -9.96
C GLY B 99 1.57 -31.61 -10.85
N LEU B 100 1.87 -32.18 -12.00
CA LEU B 100 2.55 -31.44 -13.08
C LEU B 100 1.62 -31.14 -14.21
N LEU B 101 1.80 -29.93 -14.74
CA LEU B 101 1.18 -29.54 -15.98
C LEU B 101 2.30 -29.36 -16.97
N LEU B 102 2.31 -30.19 -18.03
CA LEU B 102 3.46 -30.20 -18.92
C LEU B 102 3.12 -30.16 -20.38
N TYR B 103 4.10 -29.67 -21.14
CA TYR B 103 4.14 -29.85 -22.59
C TYR B 103 4.84 -31.13 -23.02
N ALA B 104 4.24 -31.73 -24.02
CA ALA B 104 4.61 -33.07 -24.44
C ALA B 104 6.04 -33.19 -24.90
N ASN B 105 6.52 -32.15 -25.60
CA ASN B 105 7.93 -32.12 -26.01
C ASN B 105 8.86 -32.26 -24.83
N LEU B 106 8.52 -31.73 -23.67
CA LEU B 106 9.38 -31.90 -22.51
C LEU B 106 9.43 -33.27 -21.99
N VAL B 107 8.32 -33.98 -22.03
CA VAL B 107 8.33 -35.37 -21.61
C VAL B 107 9.11 -36.18 -22.63
N PHE B 108 8.93 -35.86 -23.91
CA PHE B 108 9.59 -36.56 -25.03
C PHE B 108 11.08 -36.35 -24.97
N ALA B 109 11.47 -35.09 -24.92
CA ALA B 109 12.85 -34.69 -25.05
C ALA B 109 13.60 -35.42 -24.00
N ASN B 110 13.22 -35.11 -22.78
CA ASN B 110 13.82 -35.69 -21.61
C ASN B 110 14.04 -37.19 -21.86
N GLY B 111 12.95 -37.95 -21.85
CA GLY B 111 12.85 -39.33 -22.35
C GLY B 111 11.68 -39.89 -21.57
N ILE B 112 10.81 -40.63 -22.21
CA ILE B 112 9.48 -40.74 -21.62
C ILE B 112 9.54 -41.58 -20.33
N ASP B 113 9.74 -42.87 -20.41
CA ASP B 113 9.95 -43.59 -19.15
C ASP B 113 10.91 -42.87 -18.21
N GLU B 114 12.00 -42.33 -18.70
CA GLU B 114 12.95 -41.74 -17.72
C GLU B 114 12.45 -40.49 -16.98
N PHE B 115 11.59 -39.69 -17.63
CA PHE B 115 10.88 -38.57 -16.99
C PHE B 115 9.91 -38.99 -15.91
N TYR B 116 8.96 -39.88 -16.23
CA TYR B 116 8.07 -40.44 -15.23
C TYR B 116 8.81 -41.10 -14.11
N THR B 117 10.00 -41.63 -14.35
CA THR B 117 10.78 -42.20 -13.23
C THR B 117 11.30 -41.10 -12.30
N LYS B 118 11.92 -40.08 -12.85
CA LYS B 118 12.37 -38.97 -12.02
C LYS B 118 11.19 -38.34 -11.34
N ALA B 119 10.10 -38.06 -12.07
CA ALA B 119 8.83 -37.63 -11.42
C ALA B 119 8.41 -38.45 -10.14
N GLN B 120 8.18 -39.75 -10.35
CA GLN B 120 7.74 -40.62 -9.31
C GLN B 120 8.75 -40.61 -8.15
N ALA B 121 10.03 -40.68 -8.42
CA ALA B 121 11.01 -40.53 -7.36
C ALA B 121 11.03 -39.17 -6.62
N ALA B 122 10.66 -38.09 -7.27
CA ALA B 122 10.60 -36.82 -6.54
C ALA B 122 9.34 -36.66 -5.71
N GLY B 123 8.35 -37.48 -6.02
CA GLY B 123 7.10 -37.53 -5.31
C GLY B 123 5.95 -36.92 -6.07
N VAL B 124 5.98 -36.87 -7.40
CA VAL B 124 4.84 -36.30 -8.07
C VAL B 124 3.69 -37.32 -8.00
N ASP B 125 2.48 -36.81 -7.87
CA ASP B 125 1.30 -37.63 -7.85
C ASP B 125 0.50 -37.71 -9.17
N SER B 126 0.57 -36.70 -10.03
CA SER B 126 -0.17 -36.66 -11.29
C SER B 126 0.56 -35.87 -12.38
N VAL B 127 0.31 -36.21 -13.61
CA VAL B 127 0.87 -35.48 -14.76
C VAL B 127 -0.27 -35.23 -15.79
N LEU B 128 -0.41 -33.94 -16.14
CA LEU B 128 -1.29 -33.48 -17.18
C LEU B 128 -0.43 -32.98 -18.33
N ILE B 129 -0.63 -33.53 -19.53
CA ILE B 129 0.04 -33.03 -20.75
C ILE B 129 -0.85 -32.08 -21.50
N ALA B 130 -0.57 -30.78 -21.37
CA ALA B 130 -1.55 -29.73 -21.73
C ALA B 130 -1.90 -29.70 -23.20
N ASP B 131 -0.93 -30.06 -24.03
CA ASP B 131 -0.99 -29.82 -25.48
C ASP B 131 -1.32 -31.08 -26.29
N VAL B 132 -1.96 -32.05 -25.68
CA VAL B 132 -2.25 -33.30 -26.35
C VAL B 132 -3.70 -33.68 -26.02
N PRO B 133 -4.53 -33.89 -27.06
CA PRO B 133 -5.88 -34.24 -26.74
C PRO B 133 -5.94 -35.71 -26.31
N VAL B 134 -6.80 -36.00 -25.33
CA VAL B 134 -7.14 -37.38 -24.92
C VAL B 134 -6.88 -38.44 -25.97
N GLU B 135 -7.35 -38.17 -27.19
CA GLU B 135 -7.40 -39.14 -28.26
C GLU B 135 -6.00 -39.57 -28.76
N GLU B 136 -4.93 -38.85 -28.41
CA GLU B 136 -3.55 -39.32 -28.71
C GLU B 136 -2.61 -39.47 -27.48
N SER B 137 -3.20 -39.62 -26.29
CA SER B 137 -2.46 -39.49 -25.04
C SER B 137 -1.89 -40.80 -24.53
N ALA B 138 -2.38 -41.89 -25.10
CA ALA B 138 -2.13 -43.21 -24.58
C ALA B 138 -0.68 -43.51 -24.24
N PRO B 139 0.28 -43.03 -25.02
CA PRO B 139 1.66 -43.19 -24.60
C PRO B 139 1.98 -42.58 -23.25
N PHE B 140 1.30 -41.48 -22.92
CA PHE B 140 1.60 -40.75 -21.72
C PHE B 140 0.83 -41.32 -20.56
N SER B 141 -0.33 -41.90 -20.87
CA SER B 141 -1.17 -42.53 -19.91
C SER B 141 -0.58 -43.87 -19.47
N LYS B 142 -0.07 -44.64 -20.44
CA LYS B 142 0.56 -45.93 -20.18
C LYS B 142 1.75 -45.65 -19.33
N ALA B 143 2.55 -44.65 -19.69
CA ALA B 143 3.75 -44.33 -18.91
C ALA B 143 3.41 -43.90 -17.50
N ALA B 144 2.41 -43.04 -17.38
CA ALA B 144 2.08 -42.54 -16.07
C ALA B 144 1.72 -43.70 -15.16
N LYS B 145 0.70 -44.47 -15.53
CA LYS B 145 0.24 -45.58 -14.73
C LYS B 145 1.40 -46.56 -14.36
N ALA B 146 2.32 -46.81 -15.28
CA ALA B 146 3.42 -47.72 -15.06
C ALA B 146 4.42 -47.20 -14.03
N HIS B 147 4.64 -45.87 -13.95
CA HIS B 147 5.46 -45.36 -12.87
C HIS B 147 4.66 -44.77 -11.74
N GLY B 148 3.45 -45.30 -11.57
CA GLY B 148 2.63 -45.06 -10.40
C GLY B 148 2.01 -43.69 -10.30
N ILE B 149 1.87 -43.01 -11.43
CA ILE B 149 1.52 -41.63 -11.48
C ILE B 149 0.19 -41.50 -12.20
N ALA B 150 -0.64 -40.56 -11.73
CA ALA B 150 -1.99 -40.42 -12.30
C ALA B 150 -2.08 -39.43 -13.43
N PRO B 151 -2.52 -39.91 -14.59
CA PRO B 151 -2.70 -39.09 -15.75
C PRO B 151 -4.03 -38.30 -15.63
N ILE B 152 -3.97 -37.05 -16.00
CA ILE B 152 -5.01 -36.08 -15.89
C ILE B 152 -5.35 -35.62 -17.29
N PHE B 153 -6.65 -35.52 -17.52
CA PHE B 153 -7.14 -35.04 -18.77
C PHE B 153 -7.95 -33.79 -18.60
N ILE B 154 -7.84 -32.96 -19.64
CA ILE B 154 -8.62 -31.76 -19.77
C ILE B 154 -9.97 -32.15 -20.36
N ALA B 155 -11.03 -31.65 -19.73
CA ALA B 155 -12.37 -31.53 -20.35
C ALA B 155 -12.51 -30.17 -21.02
N PRO B 156 -12.49 -30.17 -22.35
CA PRO B 156 -12.41 -28.90 -23.11
C PRO B 156 -13.80 -28.29 -23.20
N PRO B 157 -13.89 -26.95 -23.33
CA PRO B 157 -15.16 -26.23 -23.13
C PRO B 157 -16.33 -26.77 -23.95
N ASN B 158 -16.01 -27.21 -25.16
CA ASN B 158 -17.02 -27.58 -26.14
C ASN B 158 -17.34 -29.04 -26.06
N ALA B 159 -16.78 -29.73 -25.08
CA ALA B 159 -16.69 -31.17 -25.10
C ALA B 159 -18.06 -31.73 -25.40
N ASP B 160 -18.07 -32.73 -26.29
CA ASP B 160 -19.26 -33.53 -26.60
C ASP B 160 -19.35 -34.65 -25.58
N ALA B 161 -20.36 -35.51 -25.68
CA ALA B 161 -20.54 -36.61 -24.70
C ALA B 161 -19.48 -37.72 -24.78
N ASP B 162 -19.00 -38.05 -25.96
CA ASP B 162 -18.06 -39.16 -26.10
C ASP B 162 -16.70 -38.66 -25.62
N THR B 163 -16.32 -37.46 -26.02
CA THR B 163 -15.12 -36.80 -25.45
C THR B 163 -15.16 -36.85 -23.87
N LEU B 164 -16.32 -36.60 -23.30
CA LEU B 164 -16.47 -36.57 -21.88
C LEU B 164 -16.45 -37.94 -21.24
N LYS B 165 -17.10 -38.88 -21.91
CA LYS B 165 -17.13 -40.25 -21.44
C LYS B 165 -15.72 -40.79 -21.30
N MET B 166 -14.82 -40.54 -22.25
CA MET B 166 -13.52 -41.22 -22.15
C MET B 166 -12.61 -40.56 -21.14
N VAL B 167 -12.70 -39.23 -21.07
CA VAL B 167 -11.92 -38.47 -20.08
C VAL B 167 -12.15 -39.02 -18.67
N SER B 168 -13.41 -39.33 -18.37
CA SER B 168 -13.83 -39.89 -17.10
C SER B 168 -13.20 -41.24 -16.80
N GLU B 169 -13.11 -42.11 -17.79
CA GLU B 169 -12.62 -43.43 -17.47
C GLU B 169 -11.09 -43.49 -17.48
N GLN B 170 -10.41 -42.49 -18.10
CA GLN B 170 -9.05 -42.68 -18.56
C GLN B 170 -7.78 -42.40 -17.70
N GLY B 171 -7.66 -41.42 -16.79
CA GLY B 171 -8.64 -40.55 -16.19
C GLY B 171 -8.44 -40.80 -14.68
N GLU B 172 -7.47 -40.19 -14.01
CA GLU B 172 -7.29 -40.42 -12.54
C GLU B 172 -6.92 -39.16 -11.71
N GLY B 173 -7.11 -39.20 -10.40
CA GLY B 173 -6.81 -38.10 -9.46
C GLY B 173 -7.89 -37.05 -9.42
N TYR B 174 -7.80 -36.12 -10.34
CA TYR B 174 -8.86 -35.16 -10.57
C TYR B 174 -9.07 -35.00 -12.08
N THR B 175 -10.22 -34.44 -12.44
CA THR B 175 -10.38 -34.05 -13.82
C THR B 175 -10.30 -32.54 -13.96
N TYR B 176 -9.65 -32.12 -15.04
CA TYR B 176 -9.35 -30.72 -15.30
C TYR B 176 -10.30 -30.09 -16.27
N LEU B 177 -11.10 -29.15 -15.80
CA LEU B 177 -12.01 -28.50 -16.71
C LEU B 177 -11.56 -27.17 -17.14
N LEU B 178 -11.42 -26.99 -18.44
CA LEU B 178 -11.07 -25.69 -18.96
C LEU B 178 -12.32 -24.79 -19.09
N SER B 179 -13.07 -24.71 -18.02
CA SER B 179 -14.02 -23.67 -17.86
C SER B 179 -14.13 -23.33 -16.40
N ARG B 180 -15.05 -22.44 -16.06
CA ARG B 180 -15.17 -21.87 -14.73
C ARG B 180 -16.68 -21.72 -14.57
N ALA B 181 -17.14 -21.43 -13.36
CA ALA B 181 -18.54 -21.18 -13.16
C ALA B 181 -18.83 -19.73 -13.21
N GLY B 182 -20.05 -19.41 -13.56
CA GLY B 182 -20.47 -17.99 -13.55
C GLY B 182 -20.82 -17.49 -12.16
N VAL B 183 -20.42 -16.26 -11.85
CA VAL B 183 -20.82 -15.66 -10.60
C VAL B 183 -21.98 -14.70 -10.77
N THR B 184 -22.75 -14.87 -11.83
CA THR B 184 -24.13 -14.30 -11.88
C THR B 184 -25.12 -15.44 -12.21
N PRO B 193 -24.66 -24.50 -18.20
CA PRO B 193 -23.73 -25.30 -19.02
C PRO B 193 -22.69 -25.96 -18.15
N ILE B 194 -22.02 -25.18 -17.33
CA ILE B 194 -21.09 -25.75 -16.35
C ILE B 194 -21.80 -26.87 -15.57
N GLU B 195 -22.97 -26.55 -14.97
CA GLU B 195 -23.82 -27.52 -14.29
C GLU B 195 -24.00 -28.70 -15.21
N ASN B 196 -24.30 -28.37 -16.44
CA ASN B 196 -24.53 -29.35 -17.48
C ASN B 196 -23.38 -30.35 -17.74
N ILE B 197 -22.15 -29.85 -17.86
CA ILE B 197 -20.94 -30.73 -17.95
C ILE B 197 -20.66 -31.51 -16.65
N LEU B 198 -21.01 -30.92 -15.51
CA LEU B 198 -20.64 -31.50 -14.23
C LEU B 198 -21.53 -32.67 -13.89
N THR B 199 -22.74 -32.69 -14.43
CA THR B 199 -23.66 -33.79 -14.25
C THR B 199 -23.18 -34.99 -15.03
N GLN B 200 -22.85 -34.73 -16.29
CA GLN B 200 -22.27 -35.74 -17.13
C GLN B 200 -21.08 -36.43 -16.43
N LEU B 201 -20.09 -35.65 -16.01
CA LEU B 201 -18.91 -36.21 -15.33
C LEU B 201 -19.21 -36.93 -14.06
N ALA B 202 -20.16 -36.46 -13.27
CA ALA B 202 -20.53 -37.19 -12.07
C ALA B 202 -21.13 -38.56 -12.42
N GLU B 203 -21.90 -38.65 -13.51
CA GLU B 203 -22.53 -39.92 -13.89
C GLU B 203 -21.68 -40.91 -14.72
N PHE B 204 -20.66 -40.45 -15.44
CA PHE B 204 -19.64 -41.35 -15.94
C PHE B 204 -18.59 -41.70 -14.86
N ASN B 205 -18.75 -41.20 -13.63
CA ASN B 205 -17.78 -41.41 -12.52
C ASN B 205 -16.39 -40.79 -12.70
N ALA B 206 -16.30 -39.64 -13.35
CA ALA B 206 -15.00 -39.00 -13.55
C ALA B 206 -14.36 -38.80 -12.22
N PRO B 207 -13.02 -38.83 -12.18
CA PRO B 207 -12.29 -38.29 -11.04
C PRO B 207 -12.77 -36.90 -10.67
N PRO B 208 -12.70 -36.54 -9.39
CA PRO B 208 -13.26 -35.28 -8.93
C PRO B 208 -12.87 -34.06 -9.79
N PRO B 209 -13.87 -33.28 -10.21
CA PRO B 209 -13.49 -32.21 -11.14
C PRO B 209 -13.06 -30.93 -10.51
N LEU B 210 -11.96 -30.38 -11.02
CA LEU B 210 -11.51 -29.05 -10.66
C LEU B 210 -11.69 -28.05 -11.82
N LEU B 211 -12.27 -26.91 -11.53
CA LEU B 211 -12.44 -25.85 -12.50
C LEU B 211 -11.17 -25.05 -12.67
N GLY B 212 -10.68 -24.93 -13.91
CA GLY B 212 -9.34 -24.40 -14.15
C GLY B 212 -9.14 -23.23 -15.12
N PHE B 213 -10.22 -22.58 -15.55
CA PHE B 213 -10.04 -21.42 -16.50
C PHE B 213 -10.46 -20.04 -15.95
N GLY B 214 -9.45 -19.21 -15.74
CA GLY B 214 -9.65 -17.82 -15.35
C GLY B 214 -10.09 -17.61 -13.94
N ILE B 215 -9.71 -18.51 -13.06
CA ILE B 215 -10.09 -18.42 -11.65
C ILE B 215 -9.14 -17.42 -11.01
N ALA B 216 -9.68 -16.26 -10.64
CA ALA B 216 -8.88 -15.15 -10.21
C ALA B 216 -9.36 -14.36 -8.97
N GLU B 217 -10.54 -14.70 -8.48
CA GLU B 217 -11.20 -13.99 -7.33
C GLU B 217 -11.85 -14.99 -6.42
N PRO B 218 -12.02 -14.64 -5.16
CA PRO B 218 -12.69 -15.56 -4.28
C PRO B 218 -14.08 -15.90 -4.68
N GLU B 219 -14.89 -14.90 -5.02
CA GLU B 219 -16.25 -15.17 -5.45
C GLU B 219 -16.34 -16.33 -6.49
N GLN B 220 -15.28 -16.53 -7.26
CA GLN B 220 -15.30 -17.50 -8.38
C GLN B 220 -14.95 -18.86 -7.91
N VAL B 221 -14.01 -18.95 -6.98
CA VAL B 221 -13.75 -20.16 -6.22
C VAL B 221 -15.02 -20.69 -5.59
N ARG B 222 -15.84 -19.82 -5.01
CA ARG B 222 -17.08 -20.23 -4.32
C ARG B 222 -18.06 -20.74 -5.29
N ALA B 223 -18.29 -19.96 -6.34
CA ALA B 223 -19.24 -20.32 -7.37
C ALA B 223 -18.93 -21.66 -7.96
N ALA B 224 -17.64 -21.97 -8.02
CA ALA B 224 -17.18 -23.22 -8.59
C ALA B 224 -17.66 -24.38 -7.76
N ILE B 225 -17.58 -24.19 -6.46
CA ILE B 225 -17.93 -25.24 -5.54
C ILE B 225 -19.47 -25.38 -5.51
N LYS B 226 -20.17 -24.23 -5.47
CA LYS B 226 -21.66 -24.24 -5.51
C LYS B 226 -22.20 -24.93 -6.75
N ALA B 227 -21.45 -24.85 -7.84
CA ALA B 227 -21.84 -25.51 -9.05
C ALA B 227 -21.66 -27.03 -9.03
N GLY B 228 -20.79 -27.55 -8.17
CA GLY B 228 -20.66 -28.97 -8.06
C GLY B 228 -19.26 -29.48 -8.25
N ALA B 229 -18.30 -28.54 -8.33
CA ALA B 229 -16.93 -28.87 -8.50
C ALA B 229 -16.30 -29.08 -7.16
N ALA B 230 -15.20 -29.82 -7.15
CA ALA B 230 -14.52 -30.24 -5.94
C ALA B 230 -13.46 -29.19 -5.59
N GLY B 231 -13.24 -28.26 -6.53
CA GLY B 231 -12.38 -27.10 -6.26
C GLY B 231 -11.93 -26.49 -7.56
N ALA B 232 -10.87 -25.71 -7.50
CA ALA B 232 -10.58 -24.82 -8.55
C ALA B 232 -9.07 -24.59 -8.61
N ILE B 233 -8.56 -24.48 -9.83
CA ILE B 233 -7.17 -24.30 -10.03
C ILE B 233 -7.04 -22.87 -10.56
N SER B 234 -6.10 -22.12 -10.03
CA SER B 234 -5.89 -20.78 -10.37
C SER B 234 -4.43 -20.69 -10.64
N GLY B 235 -4.08 -20.36 -11.89
CA GLY B 235 -2.71 -20.18 -12.33
C GLY B 235 -2.34 -18.76 -12.72
N SER B 236 -3.06 -18.16 -13.69
CA SER B 236 -2.60 -16.88 -14.20
C SER B 236 -2.67 -15.78 -13.14
N ALA B 237 -3.66 -15.86 -12.28
CA ALA B 237 -3.82 -14.85 -11.26
C ALA B 237 -2.68 -14.93 -10.23
N VAL B 238 -2.14 -16.11 -10.06
CA VAL B 238 -1.00 -16.36 -9.17
C VAL B 238 0.23 -15.81 -9.82
N VAL B 239 0.34 -16.01 -11.12
CA VAL B 239 1.54 -15.64 -11.83
C VAL B 239 1.61 -14.14 -12.05
N LYS B 240 0.55 -13.52 -12.54
CA LYS B 240 0.42 -12.07 -12.42
C LYS B 240 1.17 -11.47 -11.22
N ILE B 241 0.95 -12.08 -10.05
CA ILE B 241 1.53 -11.56 -8.84
C ILE B 241 3.04 -11.76 -8.74
N ILE B 242 3.54 -12.81 -9.38
CA ILE B 242 4.97 -13.06 -9.44
C ILE B 242 5.57 -12.01 -10.34
N GLU B 243 4.90 -11.72 -11.43
CA GLU B 243 5.44 -10.78 -12.44
C GLU B 243 5.54 -9.43 -11.77
N ALA B 244 4.48 -9.01 -11.11
CA ALA B 244 4.34 -7.64 -10.65
C ALA B 244 5.38 -7.35 -9.58
N HIS B 245 5.89 -8.41 -8.94
CA HIS B 245 6.81 -8.22 -7.83
C HIS B 245 8.02 -9.14 -7.87
N GLN B 246 8.52 -9.41 -9.06
CA GLN B 246 9.61 -10.35 -9.19
C GLN B 246 10.86 -9.85 -8.48
N HIS B 247 10.97 -8.55 -8.35
CA HIS B 247 12.24 -7.96 -7.91
C HIS B 247 12.32 -7.66 -6.40
N ASP B 248 11.22 -7.87 -5.70
CA ASP B 248 11.07 -7.52 -4.28
C ASP B 248 10.44 -8.68 -3.48
N GLU B 249 11.29 -9.48 -2.88
CA GLU B 249 10.88 -10.76 -2.33
C GLU B 249 9.92 -10.62 -1.17
N ALA B 250 10.19 -9.68 -0.27
CA ALA B 250 9.33 -9.51 0.88
C ALA B 250 7.90 -9.24 0.44
N THR B 251 7.74 -8.39 -0.57
CA THR B 251 6.38 -8.02 -0.97
C THR B 251 5.71 -9.15 -1.75
N LEU B 252 6.43 -9.74 -2.67
CA LEU B 252 5.89 -10.85 -3.47
C LEU B 252 5.40 -11.99 -2.59
N LEU B 253 6.23 -12.39 -1.63
CA LEU B 253 5.84 -13.42 -0.73
C LEU B 253 4.58 -13.10 0.08
N ALA B 254 4.38 -11.84 0.42
CA ALA B 254 3.18 -11.51 1.20
C ALA B 254 1.97 -11.28 0.35
N LYS B 255 2.16 -10.86 -0.88
CA LYS B 255 1.00 -10.72 -1.78
C LYS B 255 0.42 -12.06 -2.12
N LEU B 256 1.30 -13.01 -2.44
CA LEU B 256 0.96 -14.47 -2.54
C LEU B 256 0.28 -15.10 -1.30
N ALA B 257 0.80 -14.73 -0.15
CA ALA B 257 0.25 -15.23 1.10
C ALA B 257 -1.16 -14.73 1.30
N GLU B 258 -1.40 -13.43 1.12
CA GLU B 258 -2.73 -12.81 1.34
C GLU B 258 -3.70 -13.33 0.27
N PHE B 259 -3.23 -13.38 -0.96
CA PHE B 259 -3.96 -13.98 -2.05
C PHE B 259 -4.44 -15.38 -1.75
N THR B 260 -3.52 -16.27 -1.40
CA THR B 260 -3.89 -17.64 -1.19
C THR B 260 -4.83 -17.80 -0.08
N THR B 261 -4.59 -17.12 1.04
CA THR B 261 -5.54 -17.28 2.14
C THR B 261 -7.01 -16.83 1.78
N ALA B 262 -7.14 -15.83 0.92
CA ALA B 262 -8.43 -15.31 0.51
C ALA B 262 -9.18 -16.28 -0.39
N MET B 263 -8.48 -16.84 -1.36
CA MET B 263 -9.06 -17.77 -2.32
C MET B 263 -9.47 -19.05 -1.60
N LYS B 264 -8.63 -19.55 -0.70
CA LYS B 264 -8.97 -20.75 0.11
C LYS B 264 -10.20 -20.56 1.01
N ALA B 265 -10.23 -19.45 1.75
CA ALA B 265 -11.39 -19.05 2.57
C ALA B 265 -12.70 -19.13 1.81
N ALA B 266 -12.65 -19.02 0.49
CA ALA B 266 -13.83 -19.26 -0.34
C ALA B 266 -14.15 -20.71 -0.69
N THR B 267 -13.44 -21.69 -0.16
CA THR B 267 -13.79 -23.09 -0.39
C THR B 267 -14.96 -23.64 0.46
N MET C 1 -16.96 39.21 -8.45
CA MET C 1 -15.49 38.98 -8.56
C MET C 1 -14.73 39.88 -7.56
N SER C 2 -13.69 39.31 -6.90
CA SER C 2 -12.90 40.01 -5.84
C SER C 2 -11.44 39.59 -5.93
N ASN C 3 -10.51 40.26 -5.21
CA ASN C 3 -9.08 40.46 -5.66
C ASN C 3 -8.10 39.31 -5.77
N ARG C 4 -7.88 38.55 -4.71
CA ARG C 4 -7.09 37.33 -4.82
C ARG C 4 -7.79 36.31 -5.75
N TYR C 5 -9.10 36.19 -5.58
CA TYR C 5 -9.91 35.44 -6.53
C TYR C 5 -9.81 35.93 -7.98
N GLN C 6 -9.91 37.24 -8.22
CA GLN C 6 -9.67 37.79 -9.54
C GLN C 6 -8.30 37.37 -10.07
N ALA C 7 -7.23 37.71 -9.35
CA ALA C 7 -5.83 37.38 -9.80
C ALA C 7 -5.72 35.88 -10.16
N LYS C 8 -6.26 35.02 -9.31
CA LYS C 8 -6.17 33.58 -9.55
C LYS C 8 -6.86 33.17 -10.84
N PHE C 9 -8.07 33.65 -11.09
CA PHE C 9 -8.84 33.14 -12.21
C PHE C 9 -8.31 33.70 -13.48
N ALA C 10 -7.71 34.88 -13.43
CA ALA C 10 -7.11 35.39 -14.65
C ALA C 10 -5.88 34.56 -15.07
N ALA C 11 -5.05 34.15 -14.13
CA ALA C 11 -3.89 33.39 -14.49
C ALA C 11 -4.35 32.03 -15.02
N LEU C 12 -5.42 31.54 -14.46
CA LEU C 12 -5.95 30.26 -14.87
C LEU C 12 -6.46 30.31 -16.31
N LYS C 13 -7.16 31.39 -16.65
CA LYS C 13 -7.46 31.67 -18.04
C LYS C 13 -6.21 31.80 -18.93
N ALA C 14 -5.23 32.57 -18.53
CA ALA C 14 -4.01 32.66 -19.30
C ALA C 14 -3.45 31.27 -19.65
N GLN C 15 -3.75 30.31 -18.79
CA GLN C 15 -3.24 28.94 -18.91
C GLN C 15 -4.19 27.98 -19.63
N ASP C 16 -5.41 28.47 -19.89
CA ASP C 16 -6.55 27.67 -20.22
C ASP C 16 -6.78 26.53 -19.24
N LYS C 17 -7.02 26.86 -17.98
CA LYS C 17 -7.10 25.82 -16.95
C LYS C 17 -8.21 26.13 -16.03
N GLY C 18 -8.83 25.09 -15.53
CA GLY C 18 -9.84 25.19 -14.47
C GLY C 18 -9.22 25.23 -13.08
N ALA C 19 -10.07 25.50 -12.11
CA ALA C 19 -9.63 25.64 -10.73
C ALA C 19 -10.02 24.39 -9.90
N PHE C 20 -9.09 23.71 -9.32
CA PHE C 20 -9.45 22.68 -8.34
C PHE C 20 -9.33 23.21 -6.91
N VAL C 21 -10.46 23.16 -6.17
CA VAL C 21 -10.58 23.78 -4.89
C VAL C 21 -11.02 22.81 -3.80
N PRO C 22 -10.08 22.38 -2.93
CA PRO C 22 -10.45 21.36 -1.94
C PRO C 22 -11.18 21.94 -0.76
N PHE C 23 -12.07 21.18 -0.18
CA PHE C 23 -12.68 21.58 1.09
C PHE C 23 -12.24 20.68 2.22
N VAL C 24 -11.88 21.35 3.32
CA VAL C 24 -11.65 20.64 4.51
C VAL C 24 -12.25 21.39 5.73
N THR C 25 -12.64 20.67 6.81
CA THR C 25 -12.90 21.38 8.08
C THR C 25 -11.67 21.53 8.99
N ILE C 26 -11.39 22.78 9.32
CA ILE C 26 -10.18 23.08 10.08
C ILE C 26 -10.24 22.37 11.40
N GLY C 27 -9.11 21.74 11.76
CA GLY C 27 -8.96 20.93 12.99
C GLY C 27 -9.21 19.42 12.89
N ASP C 28 -9.83 18.99 11.80
CA ASP C 28 -10.02 17.58 11.63
C ASP C 28 -8.79 17.01 11.02
N PRO C 29 -8.14 16.03 11.66
CA PRO C 29 -8.37 15.31 12.91
C PRO C 29 -7.71 15.89 14.19
N SER C 30 -6.84 16.86 14.02
CA SER C 30 -6.40 17.67 15.17
C SER C 30 -5.89 18.99 14.61
N PRO C 31 -5.64 19.98 15.46
CA PRO C 31 -5.16 21.22 14.85
C PRO C 31 -3.84 21.07 14.11
N GLU C 32 -2.90 20.31 14.67
CA GLU C 32 -1.57 20.25 14.05
C GLU C 32 -1.59 19.45 12.80
N LEU C 33 -2.40 18.42 12.81
CA LEU C 33 -2.54 17.52 11.63
C LEU C 33 -3.32 18.22 10.57
N SER C 34 -4.40 18.89 10.96
CA SER C 34 -5.11 19.74 10.04
C SER C 34 -4.18 20.65 9.25
N LEU C 35 -3.32 21.39 9.94
CA LEU C 35 -2.43 22.39 9.27
C LEU C 35 -1.60 21.73 8.20
N LYS C 36 -0.97 20.60 8.57
CA LYS C 36 -0.22 19.77 7.64
C LYS C 36 -1.04 19.26 6.44
N ILE C 37 -2.32 18.95 6.64
CA ILE C 37 -3.22 18.47 5.60
C ILE C 37 -3.37 19.63 4.65
N ILE C 38 -3.51 20.84 5.16
CA ILE C 38 -3.78 21.97 4.29
C ILE C 38 -2.54 22.27 3.51
N GLN C 39 -1.38 22.22 4.12
CA GLN C 39 -0.16 22.52 3.35
C GLN C 39 -0.01 21.52 2.23
N THR C 40 -0.36 20.29 2.50
CA THR C 40 -0.32 19.31 1.42
C THR C 40 -1.29 19.61 0.26
N LEU C 41 -2.52 19.98 0.58
CA LEU C 41 -3.47 20.42 -0.39
C LEU C 41 -2.88 21.48 -1.35
N VAL C 42 -2.37 22.55 -0.77
CA VAL C 42 -1.71 23.61 -1.49
C VAL C 42 -0.50 23.09 -2.28
N ASP C 43 0.38 22.36 -1.60
CA ASP C 43 1.64 21.90 -2.21
C ASP C 43 1.43 20.99 -3.41
N ASN C 44 0.22 20.53 -3.68
CA ASN C 44 0.00 19.54 -4.69
C ASN C 44 -1.06 19.95 -5.69
N GLY C 45 -1.41 21.23 -5.68
CA GLY C 45 -2.15 21.82 -6.77
C GLY C 45 -3.36 22.65 -6.44
N ALA C 46 -3.76 22.74 -5.18
CA ALA C 46 -4.98 23.51 -4.88
C ALA C 46 -4.90 24.91 -5.47
N ASP C 47 -5.97 25.37 -6.10
CA ASP C 47 -5.96 26.70 -6.70
C ASP C 47 -6.63 27.63 -5.76
N ALA C 48 -7.27 27.08 -4.74
CA ALA C 48 -7.93 27.86 -3.70
C ALA C 48 -8.27 26.91 -2.63
N LEU C 49 -8.66 27.42 -1.48
CA LEU C 49 -8.99 26.64 -0.32
C LEU C 49 -10.38 27.03 0.15
N GLU C 50 -11.14 26.02 0.52
CA GLU C 50 -12.49 26.17 1.09
C GLU C 50 -12.39 25.61 2.54
N LEU C 51 -12.61 26.40 3.56
CA LEU C 51 -12.33 25.90 4.87
C LEU C 51 -13.48 26.09 5.78
N GLY C 52 -13.85 25.00 6.42
CA GLY C 52 -14.88 24.99 7.43
C GLY C 52 -14.33 25.15 8.83
N PHE C 53 -15.01 25.94 9.65
CA PHE C 53 -14.93 25.89 11.10
C PHE C 53 -15.86 24.83 11.67
N PRO C 54 -15.36 24.16 12.71
CA PRO C 54 -15.96 23.06 13.42
C PRO C 54 -17.22 23.47 14.11
N PHE C 55 -18.26 22.64 13.96
CA PHE C 55 -19.61 22.96 14.35
C PHE C 55 -20.41 21.71 14.62
N SER C 56 -21.08 21.64 15.79
CA SER C 56 -21.74 20.39 16.23
C SER C 56 -22.88 19.88 15.34
N ASP C 57 -23.66 20.81 14.81
CA ASP C 57 -24.84 20.43 14.07
C ASP C 57 -24.86 21.05 12.65
N PRO C 58 -24.01 20.49 11.78
CA PRO C 58 -23.92 21.04 10.43
C PRO C 58 -25.15 20.63 9.56
N LEU C 59 -26.29 21.27 9.77
CA LEU C 59 -27.59 20.79 9.26
C LEU C 59 -27.63 20.60 7.74
N ALA C 60 -26.69 21.23 7.05
CA ALA C 60 -26.66 21.25 5.61
C ALA C 60 -25.64 20.29 5.03
N ASP C 61 -25.16 19.34 5.84
CA ASP C 61 -24.00 18.51 5.48
C ASP C 61 -24.31 17.09 5.81
N GLY C 62 -23.66 16.16 5.16
CA GLY C 62 -23.93 14.77 5.40
C GLY C 62 -23.01 14.06 6.37
N PRO C 63 -23.17 12.75 6.43
CA PRO C 63 -22.51 11.99 7.44
C PRO C 63 -21.03 12.15 7.40
N VAL C 64 -20.49 12.46 6.23
CA VAL C 64 -19.03 12.43 6.04
C VAL C 64 -18.44 13.69 6.63
N ILE C 65 -18.95 14.80 6.16
CA ILE C 65 -18.57 16.05 6.72
C ILE C 65 -19.14 16.27 8.14
N GLN C 66 -20.20 15.58 8.53
CA GLN C 66 -20.60 15.60 9.92
C GLN C 66 -19.43 15.05 10.72
N GLY C 67 -18.90 13.96 10.19
CA GLY C 67 -17.75 13.27 10.79
C GLY C 67 -16.59 14.21 11.10
N ALA C 68 -16.13 14.94 10.08
CA ALA C 68 -15.11 15.94 10.26
C ALA C 68 -15.46 17.02 11.28
N ASN C 69 -16.71 17.45 11.37
CA ASN C 69 -16.95 18.50 12.31
C ASN C 69 -16.86 17.95 13.72
N LEU C 70 -17.50 16.82 13.98
CA LEU C 70 -17.25 16.07 15.24
C LEU C 70 -15.77 15.87 15.65
N ARG C 71 -14.93 15.47 14.71
CA ARG C 71 -13.63 14.93 15.03
C ARG C 71 -12.75 16.09 15.53
N SER C 72 -12.99 17.24 14.89
CA SER C 72 -12.33 18.50 15.17
C SER C 72 -12.72 19.00 16.54
N LEU C 73 -14.01 19.10 16.75
CA LEU C 73 -14.56 19.43 18.07
C LEU C 73 -14.02 18.52 19.13
N ALA C 74 -14.03 17.22 18.86
CA ALA C 74 -13.57 16.24 19.82
C ALA C 74 -12.08 16.35 20.07
N ALA C 75 -11.32 16.85 19.11
CA ALA C 75 -9.87 17.06 19.25
C ALA C 75 -9.49 18.41 19.98
N GLY C 76 -10.49 19.14 20.48
CA GLY C 76 -10.24 20.43 21.15
C GLY C 76 -10.18 21.70 20.32
N THR C 77 -10.44 21.62 19.03
CA THR C 77 -10.28 22.74 18.16
C THR C 77 -11.18 23.89 18.51
N THR C 78 -10.62 25.06 18.79
CA THR C 78 -11.44 26.26 19.11
C THR C 78 -11.47 27.21 17.92
N SER C 79 -12.19 28.31 18.04
CA SER C 79 -12.11 29.41 17.04
C SER C 79 -10.71 29.87 16.76
N SER C 80 -10.00 30.10 17.88
CA SER C 80 -8.77 30.81 17.87
C SER C 80 -7.75 29.86 17.30
N ASP C 81 -7.97 28.55 17.45
CA ASP C 81 -7.12 27.60 16.76
C ASP C 81 -7.35 27.67 15.27
N CYS C 82 -8.59 27.93 14.85
CA CYS C 82 -8.85 27.98 13.41
C CYS C 82 -8.22 29.22 12.80
N PHE C 83 -8.40 30.38 13.44
CA PHE C 83 -7.79 31.62 12.92
C PHE C 83 -6.25 31.51 12.87
N ASP C 84 -5.66 30.89 13.89
CA ASP C 84 -4.23 30.59 13.90
C ASP C 84 -3.76 29.86 12.68
N ILE C 85 -4.44 28.77 12.35
CA ILE C 85 -4.07 27.97 11.20
C ILE C 85 -4.21 28.79 9.98
N ILE C 86 -5.33 29.48 9.83
CA ILE C 86 -5.54 30.35 8.63
C ILE C 86 -4.43 31.39 8.53
N THR C 87 -4.05 32.06 9.62
CA THR C 87 -3.11 33.17 9.44
C THR C 87 -1.75 32.66 9.06
N LYS C 88 -1.37 31.55 9.69
CA LYS C 88 -0.21 30.80 9.26
C LYS C 88 -0.21 30.35 7.82
N VAL C 89 -1.31 29.78 7.34
CA VAL C 89 -1.37 29.40 5.92
C VAL C 89 -1.17 30.65 5.10
N ARG C 90 -1.80 31.78 5.50
CA ARG C 90 -1.67 33.02 4.69
C ARG C 90 -0.24 33.35 4.60
N ALA C 91 0.43 33.34 5.75
CA ALA C 91 1.84 33.78 5.77
C ALA C 91 2.72 32.90 4.86
N GLN C 92 2.45 31.59 4.80
CA GLN C 92 3.20 30.71 3.90
C GLN C 92 2.79 30.69 2.41
N HIS C 93 1.55 31.13 2.17
CA HIS C 93 1.01 31.21 0.82
C HIS C 93 0.20 32.49 0.67
N PRO C 94 0.90 33.60 0.49
CA PRO C 94 0.20 34.92 0.52
C PRO C 94 -0.75 35.20 -0.59
N ASP C 95 -0.71 34.38 -1.63
CA ASP C 95 -1.50 34.63 -2.86
C ASP C 95 -2.65 33.71 -3.09
N MET C 96 -2.64 32.63 -2.32
CA MET C 96 -3.55 31.53 -2.36
C MET C 96 -4.87 31.95 -1.77
N PRO C 97 -5.93 32.08 -2.58
CA PRO C 97 -7.25 32.43 -2.11
C PRO C 97 -7.73 31.47 -1.04
N ILE C 98 -8.27 31.97 0.06
CA ILE C 98 -8.75 31.10 1.14
C ILE C 98 -10.18 31.56 1.36
N GLY C 99 -11.12 30.64 1.23
CA GLY C 99 -12.51 30.97 1.48
C GLY C 99 -13.03 30.21 2.66
N LEU C 100 -13.94 30.78 3.42
CA LEU C 100 -14.55 30.04 4.53
C LEU C 100 -15.94 29.53 4.20
N LEU C 101 -16.35 28.44 4.80
CA LEU C 101 -17.67 27.94 4.60
C LEU C 101 -18.19 27.60 5.97
N LEU C 102 -19.23 28.31 6.37
CA LEU C 102 -19.61 28.41 7.77
C LEU C 102 -21.10 28.39 7.96
N TYR C 103 -21.48 28.03 9.19
CA TYR C 103 -22.89 28.13 9.65
C TYR C 103 -23.20 29.47 10.31
N ALA C 104 -24.44 29.94 10.17
CA ALA C 104 -24.77 31.22 10.67
C ALA C 104 -24.62 31.34 12.18
N ASN C 105 -25.00 30.31 12.92
CA ASN C 105 -24.91 30.37 14.39
C ASN C 105 -23.52 30.42 14.91
N LEU C 106 -22.58 29.94 14.10
CA LEU C 106 -21.17 29.99 14.47
C LEU C 106 -20.71 31.44 14.45
N VAL C 107 -21.18 32.19 13.44
CA VAL C 107 -20.77 33.57 13.26
C VAL C 107 -21.45 34.44 14.32
N PHE C 108 -22.64 34.05 14.74
CA PHE C 108 -23.41 34.84 15.72
C PHE C 108 -22.87 34.65 17.12
N ALA C 109 -22.72 33.41 17.53
CA ALA C 109 -22.11 33.08 18.81
C ALA C 109 -20.77 33.81 19.00
N ASN C 110 -19.91 33.77 17.98
CA ASN C 110 -18.66 34.56 18.02
C ASN C 110 -18.94 36.09 18.09
N GLY C 111 -19.93 36.51 17.32
CA GLY C 111 -20.23 37.92 17.14
C GLY C 111 -19.94 38.26 15.68
N ILE C 112 -20.85 38.94 15.04
CA ILE C 112 -20.73 39.12 13.59
C ILE C 112 -19.51 39.95 13.21
N ASP C 113 -19.40 41.18 13.69
CA ASP C 113 -18.22 42.02 13.32
C ASP C 113 -16.95 41.46 13.86
N GLU C 114 -17.05 41.01 15.07
CA GLU C 114 -15.92 40.49 15.78
C GLU C 114 -15.36 39.25 15.03
N PHE C 115 -16.22 38.58 14.25
CA PHE C 115 -15.75 37.43 13.49
C PHE C 115 -15.10 37.80 12.19
N TYR C 116 -15.77 38.70 11.48
CA TYR C 116 -15.35 39.14 10.21
C TYR C 116 -14.04 39.98 10.28
N THR C 117 -13.87 40.69 11.39
CA THR C 117 -12.59 41.36 11.74
C THR C 117 -11.47 40.32 11.84
N LYS C 118 -11.72 39.26 12.57
CA LYS C 118 -10.70 38.25 12.70
C LYS C 118 -10.38 37.59 11.36
N ALA C 119 -11.42 37.29 10.60
CA ALA C 119 -11.21 36.78 9.28
C ALA C 119 -10.39 37.72 8.37
N GLN C 120 -10.72 39.00 8.31
CA GLN C 120 -9.87 40.01 7.63
C GLN C 120 -8.39 40.02 8.13
N ALA C 121 -8.20 40.11 9.45
CA ALA C 121 -6.85 40.04 9.99
C ALA C 121 -6.09 38.75 9.57
N ALA C 122 -6.68 37.55 9.71
CA ALA C 122 -5.97 36.31 9.34
C ALA C 122 -5.82 36.12 7.84
N GLY C 123 -6.32 37.04 7.04
CA GLY C 123 -6.18 36.93 5.62
C GLY C 123 -7.25 36.17 4.84
N VAL C 124 -8.44 35.94 5.40
CA VAL C 124 -9.51 35.30 4.55
C VAL C 124 -10.04 36.21 3.46
N ASP C 125 -10.43 35.60 2.32
CA ASP C 125 -10.87 36.30 1.10
C ASP C 125 -12.34 36.14 0.88
N SER C 126 -12.90 34.99 1.26
CA SER C 126 -14.36 34.86 1.11
C SER C 126 -15.01 34.18 2.28
N VAL C 127 -16.29 34.47 2.49
CA VAL C 127 -17.06 33.69 3.43
C VAL C 127 -18.38 33.30 2.78
N LEU C 128 -18.73 32.00 2.80
CA LEU C 128 -20.02 31.52 2.41
C LEU C 128 -20.81 31.02 3.62
N ILE C 129 -21.93 31.68 3.91
CA ILE C 129 -22.88 31.16 4.89
C ILE C 129 -23.83 30.14 4.22
N ALA C 130 -23.58 28.90 4.62
CA ALA C 130 -24.12 27.71 4.05
C ALA C 130 -25.64 27.61 4.31
N ASP C 131 -26.07 27.83 5.55
CA ASP C 131 -27.44 27.53 5.95
C ASP C 131 -28.34 28.75 5.91
N VAL C 132 -28.05 29.69 5.01
CA VAL C 132 -28.90 30.86 4.85
C VAL C 132 -29.17 31.08 3.35
N PRO C 133 -30.40 31.45 3.00
CA PRO C 133 -30.58 31.73 1.58
C PRO C 133 -30.19 33.17 1.29
N VAL C 134 -29.78 33.42 0.04
CA VAL C 134 -29.27 34.73 -0.36
C VAL C 134 -30.18 35.88 0.11
N GLU C 135 -31.47 35.70 -0.04
CA GLU C 135 -32.36 36.81 0.21
C GLU C 135 -32.33 37.18 1.69
N GLU C 136 -31.88 36.27 2.55
CA GLU C 136 -31.91 36.48 3.99
C GLU C 136 -30.53 36.88 4.55
N SER C 137 -29.53 36.88 3.67
CA SER C 137 -28.13 37.01 4.11
C SER C 137 -27.56 38.40 4.09
N ALA C 138 -28.43 39.41 4.17
CA ALA C 138 -27.99 40.78 3.97
C ALA C 138 -27.04 41.23 5.06
N PRO C 139 -27.35 40.95 6.31
CA PRO C 139 -26.47 41.39 7.36
C PRO C 139 -25.05 40.74 7.34
N PHE C 140 -24.90 39.64 6.60
CA PHE C 140 -23.63 38.94 6.52
C PHE C 140 -22.82 39.51 5.36
N SER C 141 -23.55 39.97 4.35
CA SER C 141 -22.95 40.71 3.24
C SER C 141 -22.44 42.08 3.69
N LYS C 142 -23.14 42.76 4.58
CA LYS C 142 -22.66 44.02 5.08
C LYS C 142 -21.35 43.75 5.84
N ALA C 143 -21.30 42.64 6.51
CA ALA C 143 -20.17 42.28 7.31
C ALA C 143 -18.97 42.02 6.42
N ALA C 144 -19.18 41.20 5.40
CA ALA C 144 -18.12 40.86 4.47
C ALA C 144 -17.57 42.09 3.77
N LYS C 145 -18.47 42.88 3.17
CA LYS C 145 -18.05 43.99 2.32
C LYS C 145 -17.43 45.11 3.18
N ALA C 146 -17.82 45.18 4.45
CA ALA C 146 -17.20 46.13 5.40
C ALA C 146 -15.83 45.74 5.83
N HIS C 147 -15.46 44.48 5.63
CA HIS C 147 -14.12 43.98 6.08
C HIS C 147 -13.27 43.38 4.97
N GLY C 148 -13.47 43.84 3.73
CA GLY C 148 -12.67 43.40 2.58
C GLY C 148 -12.92 41.96 2.16
N ILE C 149 -14.03 41.40 2.57
CA ILE C 149 -14.21 39.99 2.35
C ILE C 149 -15.28 39.77 1.28
N ALA C 150 -15.06 38.79 0.40
CA ALA C 150 -16.04 38.51 -0.68
C ALA C 150 -17.16 37.62 -0.14
N PRO C 151 -18.42 38.11 -0.18
CA PRO C 151 -19.55 37.25 0.20
C PRO C 151 -19.85 36.34 -0.92
N ILE C 152 -20.13 35.09 -0.62
CA ILE C 152 -20.34 34.07 -1.68
C ILE C 152 -21.73 33.51 -1.53
N PHE C 153 -22.32 33.07 -2.62
CA PHE C 153 -23.68 32.57 -2.55
C PHE C 153 -23.87 31.25 -3.20
N ILE C 154 -24.65 30.39 -2.58
CA ILE C 154 -25.03 29.20 -3.29
C ILE C 154 -26.18 29.32 -4.31
N ALA C 155 -25.92 28.81 -5.51
CA ALA C 155 -26.93 28.57 -6.52
C ALA C 155 -27.43 27.13 -6.43
N PRO C 156 -28.61 26.95 -5.79
CA PRO C 156 -29.17 25.65 -5.51
C PRO C 156 -29.73 25.01 -6.78
N PRO C 157 -29.89 23.68 -6.75
CA PRO C 157 -30.36 22.91 -7.93
C PRO C 157 -31.75 23.31 -8.51
N ASN C 158 -32.69 23.64 -7.68
CA ASN C 158 -34.01 23.98 -8.24
C ASN C 158 -34.04 25.36 -8.90
N ALA C 159 -33.05 26.20 -8.62
CA ALA C 159 -33.25 27.64 -8.65
C ALA C 159 -33.74 28.23 -9.97
N ASP C 160 -34.64 29.19 -9.81
CA ASP C 160 -35.28 29.87 -10.93
C ASP C 160 -34.43 31.04 -11.34
N ALA C 161 -34.80 31.72 -12.43
CA ALA C 161 -34.01 32.86 -12.87
C ALA C 161 -33.88 33.95 -11.81
N ASP C 162 -34.90 34.14 -10.98
CA ASP C 162 -34.88 35.20 -9.94
C ASP C 162 -33.80 35.04 -8.85
N THR C 163 -33.85 33.89 -8.20
CA THR C 163 -32.73 33.41 -7.38
C THR C 163 -31.34 33.62 -8.06
N LEU C 164 -31.13 33.00 -9.23
CA LEU C 164 -29.83 33.09 -9.97
C LEU C 164 -29.38 34.53 -10.29
N LYS C 165 -30.32 35.39 -10.61
CA LYS C 165 -30.03 36.77 -10.90
C LYS C 165 -29.51 37.47 -9.64
N MET C 166 -30.13 37.18 -8.49
CA MET C 166 -29.71 37.89 -7.28
C MET C 166 -28.38 37.28 -6.75
N VAL C 167 -28.22 35.96 -6.87
CA VAL C 167 -26.94 35.33 -6.62
C VAL C 167 -25.87 35.99 -7.44
N SER C 168 -26.10 36.10 -8.73
CA SER C 168 -25.07 36.68 -9.62
C SER C 168 -24.68 38.11 -9.25
N GLU C 169 -25.61 38.89 -8.76
CA GLU C 169 -25.36 40.33 -8.62
C GLU C 169 -24.92 40.68 -7.24
N GLN C 170 -24.86 39.67 -6.36
CA GLN C 170 -24.82 39.87 -4.94
C GLN C 170 -23.53 39.65 -4.12
N GLY C 171 -22.64 38.69 -4.36
CA GLY C 171 -22.31 38.06 -5.54
C GLY C 171 -20.82 38.40 -5.75
N GLU C 172 -19.89 37.73 -5.04
CA GLU C 172 -18.41 38.07 -5.19
C GLU C 172 -17.39 36.90 -5.12
N GLY C 173 -16.34 36.97 -5.92
CA GLY C 173 -15.28 35.95 -5.85
C GLY C 173 -15.39 34.75 -6.78
N TYR C 174 -16.28 33.82 -6.42
CA TYR C 174 -16.80 32.81 -7.35
C TYR C 174 -18.26 32.67 -6.93
N THR C 175 -19.04 31.93 -7.71
CA THR C 175 -20.37 31.45 -7.30
C THR C 175 -20.38 29.89 -7.13
N TYR C 176 -20.92 29.46 -5.99
CA TYR C 176 -20.87 28.09 -5.60
C TYR C 176 -22.05 27.35 -6.18
N LEU C 177 -21.88 26.55 -7.21
CA LEU C 177 -23.04 25.76 -7.72
C LEU C 177 -23.14 24.44 -7.01
N LEU C 178 -24.26 24.19 -6.36
CA LEU C 178 -24.48 22.90 -5.73
C LEU C 178 -25.00 21.96 -6.80
N SER C 179 -24.12 21.69 -7.78
CA SER C 179 -24.43 20.83 -8.91
C SER C 179 -23.14 20.29 -9.36
N ARG C 180 -23.18 19.37 -10.32
CA ARG C 180 -22.01 18.70 -10.93
C ARG C 180 -22.38 18.58 -12.43
N ALA C 181 -21.41 18.47 -13.29
CA ALA C 181 -21.70 18.07 -14.65
C ALA C 181 -21.64 16.54 -14.81
N GLY C 182 -22.47 16.05 -15.73
CA GLY C 182 -22.42 14.68 -16.14
C GLY C 182 -21.09 14.32 -16.76
N VAL C 183 -20.62 13.15 -16.42
CA VAL C 183 -19.55 12.49 -17.15
C VAL C 183 -20.25 11.69 -18.26
N THR C 184 -20.49 12.34 -19.41
CA THR C 184 -21.25 11.76 -20.59
C THR C 184 -21.11 10.21 -20.75
N PRO C 193 -29.91 21.05 -18.47
CA PRO C 193 -29.77 20.93 -17.01
C PRO C 193 -28.67 21.90 -16.43
N ILE C 194 -27.41 21.44 -16.32
CA ILE C 194 -26.27 22.22 -15.77
C ILE C 194 -25.85 23.38 -16.69
N GLU C 195 -26.03 23.19 -17.99
CA GLU C 195 -25.62 24.19 -18.96
C GLU C 195 -26.52 25.44 -18.98
N ASN C 196 -27.78 25.35 -18.56
CA ASN C 196 -28.62 26.55 -18.54
C ASN C 196 -28.19 27.35 -17.38
N ILE C 197 -28.03 26.67 -16.25
CA ILE C 197 -27.51 27.32 -15.06
C ILE C 197 -26.33 28.15 -15.49
N LEU C 198 -25.35 27.52 -16.11
CA LEU C 198 -24.13 28.25 -16.46
C LEU C 198 -24.41 29.43 -17.33
N THR C 199 -25.31 29.25 -18.29
CA THR C 199 -25.53 30.26 -19.29
C THR C 199 -26.20 31.49 -18.66
N GLN C 200 -27.24 31.23 -17.86
CA GLN C 200 -27.91 32.31 -17.14
C GLN C 200 -26.93 33.06 -16.20
N LEU C 201 -25.95 32.32 -15.63
CA LEU C 201 -24.95 32.94 -14.71
C LEU C 201 -23.97 33.79 -15.47
N ALA C 202 -23.46 33.20 -16.53
CA ALA C 202 -22.61 33.95 -17.43
C ALA C 202 -23.31 35.25 -17.89
N GLU C 203 -24.58 35.19 -18.27
CA GLU C 203 -25.19 36.38 -18.82
C GLU C 203 -25.74 37.36 -17.81
N PHE C 204 -25.76 37.03 -16.51
CA PHE C 204 -25.99 38.09 -15.47
C PHE C 204 -24.70 38.51 -14.77
N ASN C 205 -23.55 38.24 -15.42
CA ASN C 205 -22.20 38.41 -14.83
C ASN C 205 -21.97 37.92 -13.38
N ALA C 206 -22.38 36.66 -13.19
CA ALA C 206 -21.91 35.89 -12.03
C ALA C 206 -20.42 35.93 -11.92
N PRO C 207 -19.90 35.99 -10.68
CA PRO C 207 -18.53 35.65 -10.36
C PRO C 207 -18.32 34.28 -10.85
N PRO C 208 -17.09 33.88 -11.15
CA PRO C 208 -16.90 32.58 -11.83
C PRO C 208 -17.55 31.39 -11.12
N PRO C 209 -18.25 30.54 -11.88
CA PRO C 209 -19.01 29.50 -11.23
C PRO C 209 -18.17 28.25 -11.00
N LEU C 210 -18.13 27.76 -9.76
CA LEU C 210 -17.54 26.48 -9.45
C LEU C 210 -18.55 25.41 -9.11
N LEU C 211 -18.28 24.20 -9.50
CA LEU C 211 -19.18 23.10 -9.33
C LEU C 211 -18.79 22.39 -8.10
N GLY C 212 -19.73 22.36 -7.16
CA GLY C 212 -19.44 21.93 -5.81
C GLY C 212 -20.17 20.73 -5.30
N PHE C 213 -21.09 20.11 -6.06
CA PHE C 213 -21.83 18.95 -5.48
C PHE C 213 -21.25 17.63 -5.87
N GLY C 214 -20.48 17.04 -5.00
CA GLY C 214 -20.18 15.60 -5.14
C GLY C 214 -19.12 15.28 -6.14
N ILE C 215 -18.14 16.15 -6.17
CA ILE C 215 -17.05 16.02 -7.11
C ILE C 215 -15.99 15.22 -6.44
N ALA C 216 -15.85 14.01 -6.91
CA ALA C 216 -14.99 13.03 -6.28
C ALA C 216 -13.90 12.40 -7.14
N GLU C 217 -13.93 12.61 -8.44
CA GLU C 217 -12.95 11.93 -9.32
C GLU C 217 -12.46 12.86 -10.39
N PRO C 218 -11.28 12.55 -10.94
CA PRO C 218 -10.76 13.47 -11.93
C PRO C 218 -11.68 13.72 -13.10
N GLU C 219 -12.36 12.67 -13.54
CA GLU C 219 -13.16 12.75 -14.72
C GLU C 219 -14.24 13.77 -14.49
N GLN C 220 -14.71 13.84 -13.25
CA GLN C 220 -15.78 14.76 -12.92
C GLN C 220 -15.24 16.15 -12.93
N VAL C 221 -13.96 16.30 -12.59
CA VAL C 221 -13.36 17.61 -12.68
C VAL C 221 -13.34 18.01 -14.15
N ARG C 222 -12.79 17.17 -15.00
CA ARG C 222 -12.76 17.49 -16.41
C ARG C 222 -14.13 17.82 -16.91
N ALA C 223 -15.13 16.99 -16.63
CA ALA C 223 -16.50 17.28 -17.02
C ALA C 223 -16.94 18.64 -16.56
N ALA C 224 -16.53 19.02 -15.34
CA ALA C 224 -16.89 20.34 -14.75
C ALA C 224 -16.49 21.50 -15.67
N ILE C 225 -15.32 21.35 -16.28
CA ILE C 225 -14.73 22.43 -17.03
C ILE C 225 -15.27 22.43 -18.44
N LYS C 226 -15.21 21.28 -19.10
CA LYS C 226 -15.88 21.05 -20.41
C LYS C 226 -17.32 21.62 -20.51
N ALA C 227 -18.11 21.53 -19.45
CA ALA C 227 -19.44 22.18 -19.45
C ALA C 227 -19.42 23.69 -19.25
N GLY C 228 -18.23 24.25 -19.02
CA GLY C 228 -18.02 25.70 -18.97
C GLY C 228 -17.91 26.29 -17.60
N ALA C 229 -17.69 25.45 -16.60
CA ALA C 229 -17.45 26.01 -15.30
C ALA C 229 -16.02 26.55 -15.21
N ALA C 230 -15.80 27.44 -14.24
CA ALA C 230 -14.46 27.93 -13.95
C ALA C 230 -13.59 26.89 -13.25
N GLY C 231 -14.18 25.84 -12.71
CA GLY C 231 -13.46 24.90 -11.82
C GLY C 231 -14.43 24.04 -11.02
N ALA C 232 -13.90 23.38 -10.00
CA ALA C 232 -14.55 22.37 -9.21
C ALA C 232 -14.09 22.44 -7.72
N ILE C 233 -15.02 22.28 -6.79
CA ILE C 233 -14.77 22.21 -5.37
C ILE C 233 -15.13 20.79 -4.97
N SER C 234 -14.26 20.15 -4.24
CA SER C 234 -14.41 18.77 -3.86
C SER C 234 -14.34 18.81 -2.33
N GLY C 235 -15.36 18.32 -1.66
CA GLY C 235 -15.44 18.31 -0.21
C GLY C 235 -15.40 16.93 0.40
N SER C 236 -16.51 16.23 0.40
CA SER C 236 -16.54 14.94 0.97
C SER C 236 -15.47 13.94 0.56
N ALA C 237 -15.01 13.96 -0.69
CA ALA C 237 -13.96 13.06 -1.17
C ALA C 237 -12.67 13.25 -0.47
N VAL C 238 -12.37 14.49 -0.12
CA VAL C 238 -11.15 14.82 0.59
C VAL C 238 -11.31 14.39 2.04
N VAL C 239 -12.46 14.73 2.57
CA VAL C 239 -12.71 14.45 3.97
C VAL C 239 -12.67 12.97 4.17
N LYS C 240 -13.31 12.25 3.26
CA LYS C 240 -13.19 10.77 3.20
C LYS C 240 -11.80 10.23 3.40
N ILE C 241 -10.82 10.77 2.70
CA ILE C 241 -9.45 10.29 2.80
C ILE C 241 -8.99 10.49 4.25
N ILE C 242 -9.23 11.70 4.78
CA ILE C 242 -8.93 12.03 6.19
C ILE C 242 -9.54 11.02 7.21
N GLU C 243 -10.75 10.51 6.95
CA GLU C 243 -11.36 9.56 7.91
C GLU C 243 -10.66 8.22 7.89
N ALA C 244 -10.39 7.71 6.71
CA ALA C 244 -9.71 6.41 6.50
C ALA C 244 -8.29 6.36 6.98
N HIS C 245 -7.72 7.51 7.31
CA HIS C 245 -6.30 7.54 7.62
C HIS C 245 -6.00 8.52 8.73
N GLN C 246 -6.98 8.87 9.54
CA GLN C 246 -6.76 9.79 10.64
C GLN C 246 -5.66 9.42 11.62
N HIS C 247 -5.39 8.13 11.77
CA HIS C 247 -4.34 7.71 12.69
C HIS C 247 -3.02 7.39 12.05
N ASP C 248 -2.82 7.72 10.77
CA ASP C 248 -1.50 7.50 10.10
C ASP C 248 -1.08 8.64 9.16
N GLU C 249 -0.34 9.59 9.74
CA GLU C 249 0.02 10.85 9.10
C GLU C 249 0.68 10.59 7.76
N ALA C 250 1.62 9.63 7.70
CA ALA C 250 2.45 9.63 6.52
C ALA C 250 1.64 9.14 5.41
N THR C 251 0.68 8.31 5.76
CA THR C 251 -0.18 7.74 4.76
C THR C 251 -1.27 8.72 4.41
N LEU C 252 -1.89 9.34 5.42
CA LEU C 252 -2.90 10.37 5.16
C LEU C 252 -2.34 11.43 4.21
N LEU C 253 -1.14 11.95 4.48
CA LEU C 253 -0.59 13.05 3.67
C LEU C 253 -0.22 12.59 2.31
N ALA C 254 0.30 11.39 2.22
CA ALA C 254 0.60 10.78 0.91
C ALA C 254 -0.68 10.59 0.09
N LYS C 255 -1.74 10.05 0.67
CA LYS C 255 -2.87 9.65 -0.15
C LYS C 255 -3.66 10.92 -0.55
N LEU C 256 -3.45 11.97 0.20
CA LEU C 256 -4.07 13.27 -0.03
C LEU C 256 -3.26 14.00 -1.13
N ALA C 257 -1.93 13.84 -1.07
CA ALA C 257 -1.05 14.48 -2.02
C ALA C 257 -1.37 13.96 -3.38
N GLU C 258 -1.88 12.75 -3.41
CA GLU C 258 -1.94 12.01 -4.64
C GLU C 258 -3.25 12.35 -5.29
N PHE C 259 -4.27 12.31 -4.43
CA PHE C 259 -5.60 12.75 -4.79
C PHE C 259 -5.67 14.19 -5.28
N THR C 260 -4.93 15.09 -4.68
CA THR C 260 -4.89 16.44 -5.18
C THR C 260 -4.27 16.54 -6.60
N THR C 261 -3.14 15.88 -6.74
CA THR C 261 -2.37 15.90 -8.00
C THR C 261 -3.23 15.37 -9.13
N ALA C 262 -4.03 14.36 -8.82
CA ALA C 262 -4.87 13.77 -9.83
C ALA C 262 -6.12 14.59 -10.11
N MET C 263 -6.66 15.24 -9.08
CA MET C 263 -7.83 16.05 -9.30
C MET C 263 -7.46 17.34 -10.07
N LYS C 264 -6.31 17.90 -9.72
CA LYS C 264 -5.88 19.13 -10.37
C LYS C 264 -5.38 18.87 -11.77
N ALA C 265 -4.71 17.72 -11.98
CA ALA C 265 -4.30 17.29 -13.33
C ALA C 265 -5.42 17.23 -14.32
N ALA C 266 -6.68 17.10 -13.89
CA ALA C 266 -7.79 17.19 -14.86
C ALA C 266 -8.37 18.58 -15.09
N THR C 267 -7.74 19.65 -14.58
CA THR C 267 -8.28 21.00 -14.80
C THR C 267 -7.80 21.46 -16.12
N MET D 1 -52.39 8.57 0.71
CA MET D 1 -51.35 8.14 1.69
C MET D 1 -51.54 6.65 2.13
N SER D 2 -51.01 5.67 1.34
CA SER D 2 -51.34 4.22 1.49
C SER D 2 -50.24 3.22 1.02
N ASN D 3 -50.43 1.89 1.00
CA ASN D 3 -51.48 1.14 1.76
C ASN D 3 -50.80 0.17 2.69
N ARG D 4 -49.82 -0.56 2.17
CA ARG D 4 -48.81 -1.05 3.08
C ARG D 4 -48.18 0.12 3.91
N TYR D 5 -48.02 1.31 3.34
CA TYR D 5 -47.60 2.45 4.19
C TYR D 5 -48.59 2.92 5.19
N GLN D 6 -49.88 2.96 4.88
CA GLN D 6 -50.79 3.44 5.91
C GLN D 6 -50.92 2.46 7.02
N ALA D 7 -50.88 1.21 6.69
CA ALA D 7 -50.97 0.25 7.76
C ALA D 7 -49.75 0.48 8.66
N LYS D 8 -48.60 0.75 8.08
CA LYS D 8 -47.37 0.79 8.92
C LYS D 8 -47.39 2.03 9.79
N PHE D 9 -47.94 3.09 9.25
CA PHE D 9 -47.99 4.34 9.93
C PHE D 9 -49.08 4.43 11.01
N ALA D 10 -50.19 3.73 10.81
CA ALA D 10 -51.20 3.52 11.88
C ALA D 10 -50.68 2.64 12.98
N ALA D 11 -50.03 1.54 12.64
CA ALA D 11 -49.42 0.72 13.68
C ALA D 11 -48.44 1.53 14.54
N LEU D 12 -47.59 2.27 13.85
CA LEU D 12 -46.54 2.97 14.54
C LEU D 12 -47.10 4.09 15.41
N LYS D 13 -48.23 4.60 14.98
CA LYS D 13 -48.83 5.69 15.71
C LYS D 13 -49.34 5.12 17.02
N ALA D 14 -49.97 4.00 16.90
CA ALA D 14 -50.60 3.38 18.02
C ALA D 14 -49.50 2.92 18.93
N GLN D 15 -48.30 2.65 18.40
CA GLN D 15 -47.13 2.49 19.25
C GLN D 15 -46.54 3.76 19.81
N ASP D 16 -47.10 4.92 19.46
CA ASP D 16 -46.45 6.24 19.60
C ASP D 16 -44.95 6.16 19.35
N LYS D 17 -44.60 5.97 18.08
CA LYS D 17 -43.30 5.52 17.69
C LYS D 17 -43.03 5.77 16.19
N GLY D 18 -41.85 6.29 15.86
CA GLY D 18 -41.51 6.63 14.49
C GLY D 18 -40.86 5.52 13.65
N ALA D 19 -40.77 5.82 12.36
CA ALA D 19 -40.27 4.84 11.45
C ALA D 19 -38.79 5.03 11.25
N PHE D 20 -38.07 3.96 10.95
CA PHE D 20 -36.69 4.09 10.53
C PHE D 20 -36.53 3.34 9.26
N VAL D 21 -35.93 4.01 8.28
CA VAL D 21 -35.97 3.55 6.93
C VAL D 21 -34.59 3.65 6.32
N PRO D 22 -33.91 2.52 6.17
CA PRO D 22 -32.63 2.54 5.54
C PRO D 22 -32.76 2.46 4.03
N PHE D 23 -31.93 3.25 3.35
CA PHE D 23 -31.66 3.19 1.92
C PHE D 23 -30.38 2.49 1.60
N VAL D 24 -30.39 1.78 0.49
CA VAL D 24 -29.22 1.05 0.09
C VAL D 24 -29.37 0.86 -1.39
N THR D 25 -28.29 0.72 -2.19
CA THR D 25 -28.50 0.46 -3.62
C THR D 25 -28.43 -1.03 -3.91
N ILE D 26 -29.46 -1.55 -4.61
CA ILE D 26 -29.51 -3.00 -4.80
C ILE D 26 -28.31 -3.50 -5.58
N GLY D 27 -27.69 -4.59 -5.11
CA GLY D 27 -26.50 -5.16 -5.79
C GLY D 27 -25.13 -4.63 -5.36
N ASP D 28 -25.16 -3.64 -4.48
CA ASP D 28 -23.99 -3.24 -3.72
C ASP D 28 -23.79 -4.07 -2.46
N PRO D 29 -22.63 -4.78 -2.34
CA PRO D 29 -21.56 -4.91 -3.28
C PRO D 29 -21.63 -6.09 -4.27
N SER D 30 -22.65 -6.92 -4.18
CA SER D 30 -23.02 -7.84 -5.25
C SER D 30 -24.47 -8.17 -5.01
N PRO D 31 -25.17 -8.69 -6.01
CA PRO D 31 -26.49 -9.24 -5.76
C PRO D 31 -26.64 -10.23 -4.55
N GLU D 32 -25.80 -11.26 -4.50
CA GLU D 32 -25.87 -12.24 -3.40
C GLU D 32 -25.70 -11.54 -2.03
N LEU D 33 -24.67 -10.70 -1.90
CA LEU D 33 -24.41 -9.99 -0.63
C LEU D 33 -25.47 -8.92 -0.31
N SER D 34 -25.89 -8.13 -1.33
CA SER D 34 -27.04 -7.17 -1.20
C SER D 34 -28.28 -7.77 -0.51
N LEU D 35 -28.72 -8.93 -0.98
CA LEU D 35 -29.90 -9.61 -0.42
C LEU D 35 -29.75 -9.73 1.10
N LYS D 36 -28.59 -10.25 1.52
CA LYS D 36 -28.26 -10.40 2.94
C LYS D 36 -28.16 -9.08 3.64
N ILE D 37 -27.58 -8.05 3.03
CA ILE D 37 -27.62 -6.72 3.68
C ILE D 37 -29.03 -6.26 3.95
N ILE D 38 -29.90 -6.50 3.00
CA ILE D 38 -31.28 -6.07 3.09
C ILE D 38 -31.99 -6.91 4.13
N GLN D 39 -31.77 -8.20 4.08
CA GLN D 39 -32.30 -9.10 5.13
C GLN D 39 -31.88 -8.63 6.54
N THR D 40 -30.61 -8.26 6.68
CA THR D 40 -30.15 -7.81 7.93
C THR D 40 -30.82 -6.55 8.38
N LEU D 41 -31.03 -5.59 7.50
CA LEU D 41 -31.65 -4.33 7.91
C LEU D 41 -33.03 -4.61 8.45
N VAL D 42 -33.87 -5.29 7.66
CA VAL D 42 -35.20 -5.69 8.10
C VAL D 42 -35.22 -6.46 9.40
N ASP D 43 -34.39 -7.48 9.49
CA ASP D 43 -34.27 -8.23 10.75
C ASP D 43 -33.87 -7.40 11.95
N ASN D 44 -33.23 -6.26 11.80
CA ASN D 44 -32.74 -5.57 12.98
C ASN D 44 -33.42 -4.27 13.24
N GLY D 45 -34.64 -4.16 12.74
CA GLY D 45 -35.47 -3.00 13.07
C GLY D 45 -36.10 -2.14 12.00
N ALA D 46 -35.66 -2.23 10.76
CA ALA D 46 -36.23 -1.38 9.72
C ALA D 46 -37.76 -1.42 9.64
N ASP D 47 -38.38 -0.23 9.50
CA ASP D 47 -39.85 -0.11 9.31
C ASP D 47 -40.30 -0.05 7.87
N ALA D 48 -39.34 0.12 6.99
CA ALA D 48 -39.62 0.16 5.57
C ALA D 48 -38.25 0.21 4.90
N LEU D 49 -38.22 -0.15 3.63
CA LEU D 49 -37.03 -0.07 2.82
C LEU D 49 -37.09 1.10 1.84
N GLU D 50 -35.98 1.85 1.65
CA GLU D 50 -35.65 2.48 0.35
C GLU D 50 -34.51 1.77 -0.31
N LEU D 51 -34.75 1.35 -1.53
CA LEU D 51 -33.77 0.72 -2.40
C LEU D 51 -33.65 1.47 -3.70
N GLY D 52 -32.39 1.70 -4.09
CA GLY D 52 -32.08 2.26 -5.40
C GLY D 52 -31.68 1.17 -6.34
N PHE D 53 -32.01 1.38 -7.63
CA PHE D 53 -31.44 0.60 -8.72
C PHE D 53 -30.12 1.27 -9.11
N PRO D 54 -29.06 0.50 -9.33
CA PRO D 54 -27.80 1.08 -9.76
C PRO D 54 -27.86 1.80 -11.11
N PHE D 55 -27.08 2.85 -11.19
CA PHE D 55 -27.10 3.77 -12.28
C PHE D 55 -25.73 4.44 -12.29
N SER D 56 -25.08 4.63 -13.45
CA SER D 56 -23.64 5.04 -13.46
C SER D 56 -23.38 6.51 -13.15
N ASP D 57 -24.25 7.42 -13.63
CA ASP D 57 -24.09 8.83 -13.32
C ASP D 57 -25.23 9.42 -12.42
N PRO D 58 -25.21 9.07 -11.12
CA PRO D 58 -26.06 9.62 -10.02
C PRO D 58 -25.91 11.13 -9.76
N LEU D 59 -26.34 11.94 -10.70
CA LEU D 59 -26.19 13.39 -10.62
C LEU D 59 -26.68 14.04 -9.30
N ALA D 60 -27.70 13.45 -8.68
CA ALA D 60 -28.19 13.89 -7.36
C ALA D 60 -27.54 13.30 -6.11
N ASP D 61 -26.50 12.45 -6.25
CA ASP D 61 -25.82 11.84 -5.10
C ASP D 61 -24.34 12.27 -4.90
N GLY D 62 -23.96 12.42 -3.63
CA GLY D 62 -22.57 12.62 -3.24
C GLY D 62 -21.78 11.33 -3.42
N PRO D 63 -20.48 11.38 -3.09
CA PRO D 63 -19.51 10.38 -3.29
C PRO D 63 -19.80 9.06 -2.63
N VAL D 64 -20.43 9.04 -1.47
CA VAL D 64 -20.77 7.75 -0.87
C VAL D 64 -21.78 6.95 -1.75
N ILE D 65 -22.83 7.61 -2.26
CA ILE D 65 -23.83 6.84 -2.93
C ILE D 65 -23.36 6.59 -4.37
N GLN D 66 -22.45 7.46 -4.84
CA GLN D 66 -21.90 7.30 -6.16
C GLN D 66 -21.17 5.96 -6.13
N GLY D 67 -20.49 5.67 -5.02
CA GLY D 67 -19.66 4.48 -4.88
C GLY D 67 -20.45 3.22 -4.76
N ALA D 68 -21.57 3.31 -4.08
CA ALA D 68 -22.52 2.17 -4.11
C ALA D 68 -22.99 1.86 -5.52
N ASN D 69 -23.33 2.88 -6.31
CA ASN D 69 -23.83 2.65 -7.62
C ASN D 69 -22.87 1.99 -8.50
N LEU D 70 -21.60 2.34 -8.39
CA LEU D 70 -20.68 1.78 -9.38
C LEU D 70 -19.99 0.49 -8.92
N ARG D 71 -20.00 0.19 -7.63
CA ARG D 71 -19.75 -1.19 -7.24
C ARG D 71 -20.91 -2.08 -7.69
N SER D 72 -22.16 -1.59 -7.66
CA SER D 72 -23.28 -2.48 -7.97
C SER D 72 -23.14 -2.86 -9.42
N LEU D 73 -22.76 -1.87 -10.21
CA LEU D 73 -22.60 -2.01 -11.64
C LEU D 73 -21.46 -2.91 -11.94
N ALA D 74 -20.46 -2.88 -11.11
CA ALA D 74 -19.32 -3.72 -11.31
C ALA D 74 -19.55 -5.14 -10.84
N ALA D 75 -20.49 -5.35 -9.96
CA ALA D 75 -20.88 -6.70 -9.68
C ALA D 75 -21.82 -7.20 -10.80
N GLY D 76 -22.10 -6.36 -11.79
CA GLY D 76 -22.89 -6.78 -12.97
C GLY D 76 -24.37 -6.94 -12.69
N THR D 77 -24.80 -6.35 -11.55
CA THR D 77 -26.19 -6.43 -11.18
C THR D 77 -27.05 -5.80 -12.23
N THR D 78 -28.02 -6.56 -12.75
CA THR D 78 -29.01 -6.06 -13.73
C THR D 78 -30.26 -5.61 -13.01
N SER D 79 -31.15 -5.00 -13.76
CA SER D 79 -32.46 -4.68 -13.24
C SER D 79 -33.26 -5.97 -13.09
N SER D 80 -33.01 -6.93 -13.92
CA SER D 80 -33.73 -8.15 -13.63
C SER D 80 -33.23 -8.73 -12.26
N ASP D 81 -31.93 -8.61 -11.93
CA ASP D 81 -31.47 -8.96 -10.56
C ASP D 81 -32.16 -8.23 -9.37
N CYS D 82 -32.43 -6.94 -9.57
CA CYS D 82 -33.11 -6.08 -8.61
C CYS D 82 -34.50 -6.55 -8.37
N PHE D 83 -35.28 -6.74 -9.43
CA PHE D 83 -36.65 -7.27 -9.28
C PHE D 83 -36.67 -8.64 -8.62
N ASP D 84 -35.63 -9.49 -8.82
CA ASP D 84 -35.51 -10.80 -8.10
C ASP D 84 -35.37 -10.56 -6.62
N ILE D 85 -34.48 -9.64 -6.30
CA ILE D 85 -34.17 -9.36 -4.90
C ILE D 85 -35.42 -8.85 -4.22
N ILE D 86 -36.13 -7.89 -4.84
CA ILE D 86 -37.37 -7.38 -4.26
C ILE D 86 -38.37 -8.50 -4.15
N THR D 87 -38.60 -9.25 -5.20
CA THR D 87 -39.60 -10.30 -4.99
C THR D 87 -39.17 -11.37 -3.93
N LYS D 88 -37.86 -11.60 -3.70
CA LYS D 88 -37.50 -12.46 -2.57
C LYS D 88 -37.79 -11.76 -1.26
N VAL D 89 -37.51 -10.47 -1.14
CA VAL D 89 -37.75 -9.78 0.12
C VAL D 89 -39.22 -9.71 0.41
N ARG D 90 -40.03 -9.50 -0.63
CA ARG D 90 -41.50 -9.45 -0.44
C ARG D 90 -41.96 -10.71 0.14
N ALA D 91 -41.54 -11.87 -0.41
CA ALA D 91 -41.98 -13.20 0.16
C ALA D 91 -41.56 -13.38 1.59
N GLN D 92 -40.43 -12.82 1.95
CA GLN D 92 -39.92 -12.99 3.26
C GLN D 92 -40.64 -12.09 4.23
N HIS D 93 -41.30 -11.05 3.70
CA HIS D 93 -41.94 -9.99 4.51
C HIS D 93 -43.17 -9.40 3.82
N PRO D 94 -44.31 -10.03 4.02
CA PRO D 94 -45.46 -9.67 3.21
C PRO D 94 -46.00 -8.25 3.45
N ASP D 95 -45.64 -7.67 4.59
CA ASP D 95 -46.24 -6.39 5.06
C ASP D 95 -45.30 -5.21 5.09
N MET D 96 -44.06 -5.43 4.70
CA MET D 96 -42.99 -4.44 4.82
C MET D 96 -42.94 -3.41 3.68
N PRO D 97 -43.34 -2.17 3.91
CA PRO D 97 -43.30 -1.24 2.78
C PRO D 97 -41.96 -1.10 2.07
N ILE D 98 -41.97 -1.34 0.75
CA ILE D 98 -40.76 -1.22 -0.07
C ILE D 98 -40.90 -0.07 -1.04
N GLY D 99 -39.96 0.85 -0.95
CA GLY D 99 -39.91 1.95 -1.89
C GLY D 99 -38.64 1.94 -2.71
N LEU D 100 -38.80 2.14 -4.01
CA LEU D 100 -37.66 2.50 -4.84
C LEU D 100 -37.40 4.05 -4.82
N LEU D 101 -36.13 4.39 -4.81
CA LEU D 101 -35.65 5.70 -5.15
C LEU D 101 -34.79 5.58 -6.40
N LEU D 102 -35.07 6.32 -7.45
CA LEU D 102 -34.52 5.97 -8.78
C LEU D 102 -34.20 7.20 -9.59
N TYR D 103 -33.41 7.03 -10.63
CA TYR D 103 -33.19 8.06 -11.64
C TYR D 103 -34.07 7.84 -12.84
N ALA D 104 -34.67 8.92 -13.28
CA ALA D 104 -35.58 8.92 -14.39
C ALA D 104 -35.05 8.16 -15.63
N ASN D 105 -33.81 8.37 -16.09
CA ASN D 105 -33.38 7.69 -17.33
C ASN D 105 -33.49 6.15 -17.20
N LEU D 106 -33.39 5.63 -15.99
CA LEU D 106 -33.67 4.21 -15.76
C LEU D 106 -35.11 3.80 -15.97
N VAL D 107 -36.05 4.66 -15.67
CA VAL D 107 -37.44 4.29 -15.76
C VAL D 107 -37.88 4.39 -17.20
N PHE D 108 -37.17 5.27 -17.93
CA PHE D 108 -37.44 5.62 -19.33
C PHE D 108 -36.94 4.55 -20.28
N ALA D 109 -35.69 4.17 -20.07
CA ALA D 109 -34.99 3.32 -20.97
C ALA D 109 -35.89 2.13 -21.28
N ASN D 110 -35.96 1.27 -20.29
CA ASN D 110 -36.71 0.07 -20.37
C ASN D 110 -38.13 0.22 -21.13
N GLY D 111 -38.77 1.39 -21.01
CA GLY D 111 -40.20 1.63 -21.29
C GLY D 111 -40.83 1.99 -19.94
N ILE D 112 -41.73 2.96 -19.85
CA ILE D 112 -42.18 3.33 -18.52
C ILE D 112 -43.24 2.40 -17.86
N ASP D 113 -44.34 2.17 -18.53
CA ASP D 113 -45.23 1.11 -18.07
C ASP D 113 -44.61 -0.22 -17.80
N GLU D 114 -43.70 -0.61 -18.63
CA GLU D 114 -43.13 -1.97 -18.46
C GLU D 114 -42.27 -1.96 -17.21
N PHE D 115 -41.72 -0.82 -16.80
CA PHE D 115 -40.98 -0.76 -15.50
C PHE D 115 -41.90 -0.88 -14.27
N TYR D 116 -42.89 0.00 -14.22
CA TYR D 116 -43.84 0.02 -13.18
C TYR D 116 -44.54 -1.34 -13.08
N THR D 117 -44.63 -2.10 -14.20
CA THR D 117 -45.39 -3.38 -14.23
C THR D 117 -44.57 -4.36 -13.50
N LYS D 118 -43.33 -4.49 -13.95
CA LYS D 118 -42.26 -5.26 -13.27
C LYS D 118 -42.18 -5.00 -11.78
N ALA D 119 -42.30 -3.73 -11.39
CA ALA D 119 -42.27 -3.31 -9.96
C ALA D 119 -43.46 -3.79 -9.12
N GLN D 120 -44.67 -3.49 -9.56
CA GLN D 120 -45.91 -4.02 -8.98
C GLN D 120 -45.92 -5.56 -8.85
N ALA D 121 -45.41 -6.25 -9.85
CA ALA D 121 -45.30 -7.73 -9.76
C ALA D 121 -44.30 -8.18 -8.65
N ALA D 122 -43.11 -7.59 -8.63
CA ALA D 122 -42.16 -7.77 -7.52
C ALA D 122 -42.68 -7.38 -6.17
N GLY D 123 -43.54 -6.36 -6.10
CA GLY D 123 -44.10 -6.00 -4.77
C GLY D 123 -43.84 -4.63 -4.19
N VAL D 124 -43.39 -3.70 -5.00
CA VAL D 124 -43.03 -2.38 -4.49
C VAL D 124 -44.28 -1.62 -4.18
N ASP D 125 -44.17 -0.71 -3.22
CA ASP D 125 -45.31 0.10 -2.81
C ASP D 125 -45.18 1.58 -3.31
N SER D 126 -43.97 2.09 -3.37
CA SER D 126 -43.74 3.47 -3.74
C SER D 126 -42.59 3.62 -4.66
N VAL D 127 -42.62 4.69 -5.44
CA VAL D 127 -41.49 5.06 -6.32
C VAL D 127 -41.21 6.54 -6.20
N LEU D 128 -40.01 6.87 -5.75
CA LEU D 128 -39.55 8.26 -5.76
C LEU D 128 -38.56 8.49 -6.90
N ILE D 129 -38.80 9.43 -7.82
CA ILE D 129 -37.82 9.72 -8.87
C ILE D 129 -36.91 10.87 -8.43
N ALA D 130 -35.71 10.54 -8.03
CA ALA D 130 -34.95 11.45 -7.18
C ALA D 130 -34.50 12.74 -7.88
N ASP D 131 -34.39 12.65 -9.22
CA ASP D 131 -33.84 13.69 -10.08
C ASP D 131 -34.88 14.39 -10.95
N VAL D 132 -36.15 14.37 -10.60
CA VAL D 132 -37.11 15.15 -11.33
C VAL D 132 -37.97 15.87 -10.33
N PRO D 133 -38.08 17.18 -10.47
CA PRO D 133 -38.94 17.90 -9.50
C PRO D 133 -40.38 17.52 -9.71
N VAL D 134 -41.13 17.54 -8.62
CA VAL D 134 -42.59 17.30 -8.68
C VAL D 134 -43.25 17.75 -9.94
N GLU D 135 -43.12 19.06 -10.16
CA GLU D 135 -43.81 19.76 -11.27
C GLU D 135 -43.52 19.18 -12.65
N GLU D 136 -42.57 18.25 -12.71
CA GLU D 136 -42.16 17.56 -13.94
C GLU D 136 -42.47 16.05 -13.94
N SER D 137 -43.01 15.49 -12.86
CA SER D 137 -43.16 14.04 -12.75
C SER D 137 -44.46 13.42 -13.36
N ALA D 138 -45.38 14.23 -13.83
CA ALA D 138 -46.65 13.77 -14.41
C ALA D 138 -46.65 12.36 -14.96
N PRO D 139 -45.81 12.07 -15.95
CA PRO D 139 -45.80 10.74 -16.52
C PRO D 139 -45.31 9.61 -15.57
N PHE D 140 -44.51 9.95 -14.56
CA PHE D 140 -44.14 8.97 -13.53
C PHE D 140 -45.27 8.73 -12.56
N SER D 141 -45.99 9.80 -12.21
CA SER D 141 -47.04 9.71 -11.25
C SER D 141 -48.29 9.09 -11.80
N LYS D 142 -48.34 9.05 -13.12
CA LYS D 142 -49.49 8.61 -13.83
C LYS D 142 -49.36 7.10 -13.88
N ALA D 143 -48.13 6.67 -14.19
CA ALA D 143 -47.71 5.26 -14.29
C ALA D 143 -47.77 4.68 -12.91
N ALA D 144 -47.17 5.36 -11.95
CA ALA D 144 -47.12 4.82 -10.63
C ALA D 144 -48.57 4.45 -10.20
N LYS D 145 -49.46 5.42 -10.27
CA LYS D 145 -50.83 5.26 -9.84
C LYS D 145 -51.55 4.23 -10.74
N ALA D 146 -51.22 4.14 -12.00
CA ALA D 146 -51.99 3.28 -12.87
C ALA D 146 -51.63 1.87 -12.55
N HIS D 147 -50.40 1.66 -12.09
CA HIS D 147 -49.95 0.33 -11.77
C HIS D 147 -49.94 0.15 -10.26
N GLY D 148 -50.76 0.91 -9.56
CA GLY D 148 -51.04 0.65 -8.15
C GLY D 148 -50.02 1.12 -7.15
N ILE D 149 -49.00 1.85 -7.58
CA ILE D 149 -47.90 2.23 -6.75
C ILE D 149 -47.96 3.71 -6.40
N ALA D 150 -47.43 4.00 -5.23
CA ALA D 150 -47.42 5.29 -4.64
C ALA D 150 -46.23 6.09 -5.08
N PRO D 151 -46.49 7.16 -5.85
CA PRO D 151 -45.54 8.13 -6.23
C PRO D 151 -45.19 9.00 -5.01
N ILE D 152 -43.89 9.17 -4.76
CA ILE D 152 -43.35 9.92 -3.66
C ILE D 152 -42.63 11.15 -4.19
N PHE D 153 -42.72 12.25 -3.46
CA PHE D 153 -41.98 13.44 -3.83
C PHE D 153 -41.19 14.03 -2.68
N ILE D 154 -40.27 14.89 -3.11
CA ILE D 154 -39.28 15.50 -2.25
C ILE D 154 -39.79 16.87 -1.92
N ALA D 155 -39.58 17.27 -0.67
CA ALA D 155 -39.70 18.64 -0.22
C ALA D 155 -38.26 19.18 -0.15
N PRO D 156 -37.91 20.04 -1.11
CA PRO D 156 -36.55 20.58 -1.15
C PRO D 156 -36.38 21.51 0.01
N PRO D 157 -35.13 21.76 0.42
CA PRO D 157 -34.89 22.56 1.60
C PRO D 157 -35.42 23.98 1.51
N ASN D 158 -35.64 24.48 0.33
CA ASN D 158 -35.97 25.88 0.21
C ASN D 158 -37.40 26.10 -0.27
N ALA D 159 -38.23 25.08 -0.14
CA ALA D 159 -39.44 25.03 -0.94
C ALA D 159 -40.47 26.01 -0.45
N ASP D 160 -40.97 26.82 -1.39
CA ASP D 160 -42.06 27.77 -1.15
C ASP D 160 -43.33 27.04 -0.75
N ALA D 161 -44.37 27.78 -0.40
CA ALA D 161 -45.59 27.12 0.03
C ALA D 161 -46.39 26.56 -1.15
N ASP D 162 -46.32 27.15 -2.34
CA ASP D 162 -47.00 26.53 -3.50
C ASP D 162 -46.43 25.11 -3.74
N THR D 163 -45.10 25.00 -3.69
CA THR D 163 -44.36 23.73 -3.87
C THR D 163 -44.79 22.69 -2.82
N LEU D 164 -44.91 23.15 -1.58
CA LEU D 164 -45.29 22.25 -0.52
C LEU D 164 -46.70 21.75 -0.74
N LYS D 165 -47.59 22.60 -1.25
CA LYS D 165 -48.99 22.21 -1.46
C LYS D 165 -49.10 21.10 -2.44
N MET D 166 -48.34 21.21 -3.54
CA MET D 166 -48.50 20.24 -4.59
C MET D 166 -47.79 18.96 -4.23
N VAL D 167 -46.62 19.07 -3.63
CA VAL D 167 -45.92 17.87 -3.04
C VAL D 167 -46.85 17.07 -2.12
N SER D 168 -47.72 17.84 -1.44
CA SER D 168 -48.58 17.32 -0.41
C SER D 168 -49.82 16.77 -0.97
N GLU D 169 -50.32 17.39 -2.03
CA GLU D 169 -51.52 16.83 -2.63
C GLU D 169 -51.19 15.77 -3.69
N GLN D 170 -49.91 15.60 -4.06
CA GLN D 170 -49.60 14.81 -5.26
C GLN D 170 -49.08 13.37 -5.23
N GLY D 171 -48.31 12.82 -4.29
CA GLY D 171 -48.38 12.85 -2.85
C GLY D 171 -48.91 11.52 -2.31
N GLU D 172 -48.16 10.43 -2.13
CA GLU D 172 -48.73 9.27 -1.38
C GLU D 172 -47.69 8.46 -0.63
N GLY D 173 -48.13 7.70 0.32
CA GLY D 173 -47.26 6.84 1.09
C GLY D 173 -46.65 7.65 2.21
N TYR D 174 -45.70 8.45 1.84
CA TYR D 174 -44.91 9.23 2.75
C TYR D 174 -44.46 10.38 1.88
N THR D 175 -44.12 11.47 2.52
CA THR D 175 -43.44 12.49 1.75
C THR D 175 -42.03 12.59 2.21
N TYR D 176 -41.11 12.81 1.24
CA TYR D 176 -39.65 12.86 1.53
C TYR D 176 -39.10 14.24 1.76
N LEU D 177 -38.56 14.49 2.92
CA LEU D 177 -37.96 15.80 3.18
C LEU D 177 -36.49 15.73 3.10
N LEU D 178 -35.90 16.52 2.18
CA LEU D 178 -34.47 16.64 2.03
C LEU D 178 -33.89 17.65 3.04
N SER D 179 -34.14 17.42 4.34
CA SER D 179 -33.75 18.23 5.48
C SER D 179 -33.77 17.26 6.66
N ARG D 180 -33.47 17.76 7.86
CA ARG D 180 -33.22 16.95 9.04
C ARG D 180 -33.52 17.94 10.18
N ALA D 181 -33.86 17.44 11.37
CA ALA D 181 -33.99 18.24 12.57
C ALA D 181 -32.68 18.45 13.20
N GLY D 182 -32.48 19.65 13.75
CA GLY D 182 -31.40 19.91 14.66
C GLY D 182 -31.49 19.10 15.93
N VAL D 183 -30.36 18.78 16.56
CA VAL D 183 -30.35 18.04 17.85
C VAL D 183 -30.21 18.93 19.08
N THR D 184 -29.72 20.15 18.87
CA THR D 184 -29.30 21.12 19.94
C THR D 184 -30.44 21.85 20.72
N PRO D 193 -37.88 26.56 11.70
CA PRO D 193 -36.98 26.08 10.67
C PRO D 193 -37.58 24.81 9.97
N ILE D 194 -37.25 23.63 10.45
CA ILE D 194 -37.95 22.41 10.08
C ILE D 194 -39.36 22.43 10.66
N GLU D 195 -39.56 22.97 11.87
CA GLU D 195 -40.88 22.93 12.54
C GLU D 195 -41.93 23.56 11.65
N ASN D 196 -41.58 24.73 11.15
CA ASN D 196 -42.16 25.34 9.93
C ASN D 196 -42.64 24.41 8.85
N ILE D 197 -41.70 23.70 8.24
CA ILE D 197 -42.01 22.92 7.05
C ILE D 197 -43.05 21.85 7.37
N LEU D 198 -42.93 21.17 8.52
CA LEU D 198 -43.84 20.10 8.90
C LEU D 198 -45.29 20.53 9.22
N THR D 199 -45.44 21.63 9.95
CA THR D 199 -46.77 22.20 10.23
C THR D 199 -47.54 22.43 8.91
N GLN D 200 -46.86 23.07 7.94
CA GLN D 200 -47.43 23.30 6.60
C GLN D 200 -47.86 22.00 5.88
N LEU D 201 -47.02 20.98 6.00
CA LEU D 201 -47.26 19.70 5.36
C LEU D 201 -48.40 18.98 6.03
N ALA D 202 -48.35 18.94 7.35
CA ALA D 202 -49.47 18.44 8.15
C ALA D 202 -50.75 19.17 7.81
N GLU D 203 -50.70 20.51 7.67
CA GLU D 203 -51.97 21.23 7.49
C GLU D 203 -52.39 21.28 6.04
N PHE D 204 -51.59 20.67 5.16
CA PHE D 204 -51.98 20.34 3.81
C PHE D 204 -52.37 18.87 3.64
N ASN D 205 -52.37 18.11 4.72
CA ASN D 205 -52.62 16.69 4.71
C ASN D 205 -51.63 15.92 3.85
N ALA D 206 -50.37 16.11 4.13
CA ALA D 206 -49.39 15.45 3.32
C ALA D 206 -49.27 14.01 3.81
N PRO D 207 -48.96 13.07 2.90
CA PRO D 207 -48.49 11.79 3.33
C PRO D 207 -47.40 11.94 4.44
N PRO D 208 -47.30 10.94 5.34
CA PRO D 208 -46.53 11.20 6.55
C PRO D 208 -45.09 11.53 6.21
N PRO D 209 -44.61 12.62 6.76
CA PRO D 209 -43.29 13.09 6.41
C PRO D 209 -42.18 12.35 7.12
N LEU D 210 -41.15 12.02 6.33
CA LEU D 210 -39.96 11.38 6.81
C LEU D 210 -38.72 12.27 6.52
N LEU D 211 -37.97 12.56 7.56
CA LEU D 211 -36.71 13.27 7.47
C LEU D 211 -35.53 12.54 6.78
N GLY D 212 -35.14 13.04 5.61
CA GLY D 212 -34.26 12.31 4.72
C GLY D 212 -32.83 12.77 4.48
N PHE D 213 -32.38 13.86 5.07
CA PHE D 213 -31.04 14.33 4.74
C PHE D 213 -30.00 14.26 5.90
N GLY D 214 -29.02 13.40 5.65
CA GLY D 214 -27.87 13.25 6.47
C GLY D 214 -28.13 12.74 7.84
N ILE D 215 -29.21 11.92 7.97
CA ILE D 215 -29.53 11.15 9.19
C ILE D 215 -28.47 10.02 9.37
N ALA D 216 -27.57 10.20 10.33
CA ALA D 216 -26.45 9.26 10.62
C ALA D 216 -26.23 8.75 12.05
N GLU D 217 -26.89 9.38 13.03
CA GLU D 217 -26.78 8.96 14.43
C GLU D 217 -28.16 8.77 15.06
N PRO D 218 -28.24 7.93 16.12
CA PRO D 218 -29.50 7.76 16.84
C PRO D 218 -30.17 9.04 17.26
N GLU D 219 -29.37 9.97 17.77
CA GLU D 219 -29.93 11.21 18.31
C GLU D 219 -30.68 12.07 17.24
N GLN D 220 -30.36 11.86 15.97
CA GLN D 220 -30.95 12.63 14.88
C GLN D 220 -32.25 12.04 14.48
N VAL D 221 -32.34 10.72 14.57
CA VAL D 221 -33.63 10.02 14.53
C VAL D 221 -34.54 10.54 15.62
N ARG D 222 -34.00 10.67 16.83
CA ARG D 222 -34.79 11.10 17.99
C ARG D 222 -35.30 12.51 17.73
N ALA D 223 -34.45 13.36 17.20
CA ALA D 223 -34.81 14.76 17.06
C ALA D 223 -35.81 14.95 15.96
N ALA D 224 -35.78 14.00 15.04
CA ALA D 224 -36.68 14.05 13.89
C ALA D 224 -38.11 13.73 14.32
N ILE D 225 -38.22 12.66 15.08
CA ILE D 225 -39.46 12.36 15.70
C ILE D 225 -39.90 13.50 16.60
N LYS D 226 -39.08 13.87 17.57
CA LYS D 226 -39.38 15.00 18.45
C LYS D 226 -39.95 16.23 17.70
N ALA D 227 -39.45 16.56 16.52
CA ALA D 227 -39.92 17.75 15.84
C ALA D 227 -41.22 17.54 15.12
N GLY D 228 -41.79 16.34 15.13
CA GLY D 228 -43.12 16.12 14.52
C GLY D 228 -43.11 15.38 13.19
N ALA D 229 -41.97 14.73 12.88
CA ALA D 229 -41.87 13.89 11.72
C ALA D 229 -42.21 12.47 12.08
N ALA D 230 -42.66 11.72 11.07
CA ALA D 230 -43.16 10.38 11.29
C ALA D 230 -42.07 9.35 11.21
N GLY D 231 -40.89 9.78 10.73
CA GLY D 231 -39.67 8.98 10.77
C GLY D 231 -38.42 9.55 10.06
N ALA D 232 -37.45 8.70 9.73
CA ALA D 232 -36.24 9.17 9.07
C ALA D 232 -35.72 8.15 8.10
N ILE D 233 -35.17 8.66 7.01
CA ILE D 233 -34.52 7.82 6.08
C ILE D 233 -33.01 8.08 6.25
N SER D 234 -32.24 7.01 6.45
CA SER D 234 -30.80 7.09 6.61
C SER D 234 -30.15 6.37 5.46
N GLY D 235 -29.31 7.03 4.69
CA GLY D 235 -28.78 6.44 3.46
C GLY D 235 -27.28 6.39 3.39
N SER D 236 -26.66 7.55 3.38
CA SER D 236 -25.24 7.54 3.21
C SER D 236 -24.56 6.85 4.37
N ALA D 237 -25.19 6.95 5.54
CA ALA D 237 -24.62 6.35 6.73
C ALA D 237 -24.65 4.82 6.71
N VAL D 238 -25.59 4.27 5.93
CA VAL D 238 -25.80 2.83 5.86
C VAL D 238 -24.78 2.36 4.85
N VAL D 239 -24.77 3.05 3.72
CA VAL D 239 -23.74 2.80 2.70
C VAL D 239 -22.25 2.99 3.13
N LYS D 240 -21.92 3.87 4.08
CA LYS D 240 -20.49 4.01 4.45
C LYS D 240 -20.03 2.63 4.96
N ILE D 241 -20.94 1.97 5.63
CA ILE D 241 -20.62 0.76 6.36
C ILE D 241 -20.35 -0.32 5.35
N ILE D 242 -21.19 -0.36 4.34
CA ILE D 242 -20.96 -1.30 3.28
C ILE D 242 -19.63 -1.00 2.64
N GLU D 243 -19.36 0.27 2.36
CA GLU D 243 -18.09 0.56 1.75
C GLU D 243 -16.93 0.06 2.58
N ALA D 244 -17.08 0.14 3.88
CA ALA D 244 -15.94 -0.02 4.78
C ALA D 244 -15.55 -1.48 4.99
N HIS D 245 -16.49 -2.40 4.76
CA HIS D 245 -16.32 -3.84 5.03
C HIS D 245 -16.84 -4.70 3.87
N GLN D 246 -16.64 -4.28 2.65
CA GLN D 246 -17.18 -5.03 1.52
C GLN D 246 -16.58 -6.44 1.37
N HIS D 247 -15.32 -6.61 1.76
CA HIS D 247 -14.64 -7.87 1.49
C HIS D 247 -14.72 -8.80 2.69
N ASP D 248 -15.39 -8.36 3.76
CA ASP D 248 -15.55 -9.11 5.02
C ASP D 248 -17.05 -9.22 5.40
N GLU D 249 -17.74 -10.18 4.78
CA GLU D 249 -19.18 -10.41 5.03
C GLU D 249 -19.63 -10.44 6.48
N ALA D 250 -18.94 -11.19 7.32
CA ALA D 250 -19.45 -11.35 8.67
C ALA D 250 -19.35 -10.02 9.43
N THR D 251 -18.26 -9.25 9.24
CA THR D 251 -18.11 -7.98 9.99
C THR D 251 -19.16 -6.98 9.50
N LEU D 252 -19.38 -7.01 8.21
CA LEU D 252 -20.26 -6.06 7.56
C LEU D 252 -21.68 -6.21 8.05
N LEU D 253 -22.15 -7.45 8.13
CA LEU D 253 -23.54 -7.69 8.50
C LEU D 253 -23.73 -7.48 10.00
N ALA D 254 -22.63 -7.58 10.73
CA ALA D 254 -22.71 -7.49 12.21
C ALA D 254 -22.82 -6.04 12.53
N LYS D 255 -22.12 -5.25 11.75
CA LYS D 255 -22.17 -3.79 11.88
C LYS D 255 -23.46 -3.11 11.39
N LEU D 256 -24.01 -3.57 10.26
CA LEU D 256 -25.37 -3.09 9.82
C LEU D 256 -26.46 -3.39 10.87
N ALA D 257 -26.41 -4.58 11.44
CA ALA D 257 -27.30 -5.01 12.51
C ALA D 257 -27.12 -4.15 13.75
N GLU D 258 -25.89 -3.90 14.14
CA GLU D 258 -25.63 -3.10 15.35
C GLU D 258 -26.15 -1.67 15.06
N PHE D 259 -25.87 -1.21 13.85
CA PHE D 259 -26.30 0.15 13.45
C PHE D 259 -27.80 0.32 13.37
N THR D 260 -28.48 -0.62 12.70
CA THR D 260 -29.93 -0.55 12.52
C THR D 260 -30.65 -0.55 13.88
N THR D 261 -30.23 -1.49 14.72
CA THR D 261 -30.90 -1.69 15.96
C THR D 261 -30.74 -0.45 16.76
N ALA D 262 -29.56 0.17 16.70
CA ALA D 262 -29.39 1.40 17.54
C ALA D 262 -30.22 2.58 17.00
N MET D 263 -30.26 2.77 15.68
CA MET D 263 -31.09 3.90 15.15
C MET D 263 -32.60 3.71 15.30
N LYS D 264 -33.07 2.49 15.15
CA LYS D 264 -34.48 2.19 15.38
C LYS D 264 -34.81 2.38 16.84
N ALA D 265 -33.89 1.97 17.72
CA ALA D 265 -34.08 2.20 19.15
C ALA D 265 -34.46 3.62 19.49
N ALA D 266 -34.16 4.61 18.66
CA ALA D 266 -34.49 6.01 19.04
C ALA D 266 -35.75 6.61 18.49
N THR D 267 -36.62 5.79 17.95
CA THR D 267 -37.87 6.21 17.33
C THR D 267 -39.01 6.34 18.37
N MET E 1 8.33 -21.60 64.33
CA MET E 1 7.56 -21.46 63.05
C MET E 1 8.01 -20.13 62.51
N SER E 2 7.24 -19.02 62.70
CA SER E 2 7.75 -17.58 62.71
C SER E 2 6.77 -16.40 62.94
N ASN E 3 7.36 -15.20 63.02
CA ASN E 3 6.94 -14.08 63.92
C ASN E 3 5.44 -13.56 63.86
N ARG E 4 5.08 -12.81 62.83
CA ARG E 4 3.67 -12.38 62.69
C ARG E 4 2.75 -13.57 62.27
N TYR E 5 3.35 -14.56 61.61
CA TYR E 5 2.64 -15.75 61.28
C TYR E 5 2.24 -16.58 62.49
N GLN E 6 3.11 -16.74 63.48
CA GLN E 6 2.76 -17.58 64.65
C GLN E 6 1.57 -17.03 65.40
N ALA E 7 1.54 -15.70 65.45
CA ALA E 7 0.50 -15.02 66.19
C ALA E 7 -0.79 -15.32 65.41
N LYS E 8 -0.74 -15.22 64.08
CA LYS E 8 -1.91 -15.37 63.28
C LYS E 8 -2.43 -16.80 63.32
N PHE E 9 -1.51 -17.75 63.05
CA PHE E 9 -1.83 -19.17 63.08
C PHE E 9 -2.37 -19.63 64.43
N ALA E 10 -1.86 -19.08 65.51
CA ALA E 10 -2.40 -19.39 66.85
C ALA E 10 -3.76 -18.81 67.15
N ALA E 11 -4.04 -17.65 66.59
CA ALA E 11 -5.33 -17.09 66.82
C ALA E 11 -6.33 -17.91 66.00
N LEU E 12 -5.95 -18.32 64.81
CA LEU E 12 -6.87 -19.05 63.95
C LEU E 12 -7.07 -20.45 64.51
N LYS E 13 -6.09 -20.88 65.26
CA LYS E 13 -6.13 -22.18 65.90
C LYS E 13 -7.08 -22.09 67.07
N ALA E 14 -6.89 -21.05 67.87
CA ALA E 14 -7.85 -20.81 68.97
C ALA E 14 -9.24 -20.63 68.42
N GLN E 15 -9.36 -20.17 67.16
CA GLN E 15 -10.66 -20.11 66.53
C GLN E 15 -11.13 -21.43 65.90
N ASP E 16 -10.25 -22.44 65.83
CA ASP E 16 -10.49 -23.62 64.94
C ASP E 16 -10.84 -23.15 63.55
N LYS E 17 -9.99 -22.35 62.95
CA LYS E 17 -10.26 -21.77 61.69
C LYS E 17 -9.01 -21.89 60.81
N GLY E 18 -9.21 -21.74 59.51
CA GLY E 18 -8.12 -21.77 58.60
C GLY E 18 -7.78 -20.40 58.08
N ALA E 19 -6.63 -20.34 57.46
CA ALA E 19 -6.13 -19.09 56.92
C ALA E 19 -6.47 -19.09 55.44
N PHE E 20 -6.98 -17.96 54.97
CA PHE E 20 -7.09 -17.65 53.58
C PHE E 20 -6.21 -16.45 53.14
N VAL E 21 -5.37 -16.72 52.13
CA VAL E 21 -4.27 -15.85 51.79
C VAL E 21 -4.29 -15.49 50.31
N PRO E 22 -4.75 -14.30 49.98
CA PRO E 22 -4.78 -14.09 48.56
C PRO E 22 -3.46 -13.64 48.08
N PHE E 23 -3.15 -13.96 46.84
CA PHE E 23 -1.95 -13.49 46.17
C PHE E 23 -2.32 -12.55 45.09
N VAL E 24 -1.50 -11.52 44.95
CA VAL E 24 -1.73 -10.56 43.93
C VAL E 24 -0.40 -9.96 43.58
N THR E 25 -0.19 -9.57 42.33
CA THR E 25 1.05 -8.89 42.03
C THR E 25 0.91 -7.36 42.15
N ILE E 26 1.89 -6.72 42.86
CA ILE E 26 1.80 -5.34 43.28
C ILE E 26 1.89 -4.50 42.06
N GLY E 27 1.08 -3.45 41.97
CA GLY E 27 1.02 -2.57 40.80
C GLY E 27 -0.06 -2.94 39.80
N ASP E 28 -0.47 -4.21 39.79
CA ASP E 28 -1.56 -4.63 38.95
C ASP E 28 -2.89 -4.06 39.40
N PRO E 29 -3.66 -3.41 38.50
CA PRO E 29 -3.42 -2.93 37.15
C PRO E 29 -2.90 -1.50 37.11
N SER E 30 -2.72 -0.92 38.28
CA SER E 30 -2.03 0.37 38.42
C SER E 30 -1.62 0.50 39.87
N PRO E 31 -0.54 1.26 40.14
CA PRO E 31 -0.18 1.45 41.53
C PRO E 31 -1.28 1.93 42.46
N GLU E 32 -2.02 2.97 42.13
CA GLU E 32 -3.06 3.38 43.09
C GLU E 32 -4.22 2.39 43.22
N LEU E 33 -4.54 1.71 42.11
CA LEU E 33 -5.61 0.74 42.08
C LEU E 33 -5.14 -0.51 42.85
N SER E 34 -3.87 -0.85 42.72
CA SER E 34 -3.31 -2.00 43.44
C SER E 34 -3.50 -1.75 44.95
N LEU E 35 -3.17 -0.55 45.42
CA LEU E 35 -3.39 -0.29 46.84
C LEU E 35 -4.84 -0.60 47.26
N LYS E 36 -5.82 -0.08 46.55
CA LYS E 36 -7.26 -0.27 46.93
C LYS E 36 -7.64 -1.72 46.91
N ILE E 37 -6.96 -2.45 46.06
CA ILE E 37 -7.18 -3.88 45.89
C ILE E 37 -6.69 -4.63 47.11
N ILE E 38 -5.56 -4.19 47.67
CA ILE E 38 -4.92 -4.96 48.75
C ILE E 38 -5.77 -4.68 49.98
N GLN E 39 -6.11 -3.41 50.13
CA GLN E 39 -7.00 -2.96 51.16
C GLN E 39 -8.29 -3.68 51.05
N THR E 40 -8.85 -3.84 49.86
CA THR E 40 -10.09 -4.62 49.77
C THR E 40 -9.96 -6.07 50.24
N LEU E 41 -8.84 -6.70 49.99
CA LEU E 41 -8.58 -8.07 50.45
C LEU E 41 -8.51 -8.19 52.00
N VAL E 42 -7.72 -7.28 52.59
CA VAL E 42 -7.63 -7.22 54.04
C VAL E 42 -9.02 -6.96 54.66
N ASP E 43 -9.66 -5.91 54.20
CA ASP E 43 -11.01 -5.56 54.64
C ASP E 43 -12.05 -6.67 54.60
N ASN E 44 -11.89 -7.65 53.73
CA ASN E 44 -12.85 -8.71 53.57
C ASN E 44 -12.40 -10.09 54.05
N GLY E 45 -11.35 -10.11 54.86
CA GLY E 45 -11.04 -11.34 55.56
C GLY E 45 -9.79 -12.13 55.26
N ALA E 46 -8.90 -11.63 54.43
CA ALA E 46 -7.65 -12.30 54.21
C ALA E 46 -6.90 -12.33 55.51
N ASP E 47 -6.28 -13.46 55.83
CA ASP E 47 -5.55 -13.64 57.07
C ASP E 47 -4.05 -13.31 56.90
N ALA E 48 -3.64 -13.20 55.64
CA ALA E 48 -2.29 -12.83 55.27
C ALA E 48 -2.31 -12.35 53.85
N LEU E 49 -1.16 -11.89 53.37
CA LEU E 49 -1.06 -11.41 52.04
C LEU E 49 0.16 -12.07 51.43
N GLU E 50 0.05 -12.27 50.14
CA GLU E 50 1.08 -12.75 49.33
C GLU E 50 1.22 -11.73 48.23
N LEU E 51 2.26 -10.92 48.21
CA LEU E 51 2.42 -10.01 47.10
C LEU E 51 3.60 -10.31 46.30
N GLY E 52 3.39 -10.28 44.99
CA GLY E 52 4.44 -10.36 44.03
C GLY E 52 4.88 -8.99 43.50
N PHE E 53 6.17 -8.86 43.24
CA PHE E 53 6.81 -7.74 42.52
C PHE E 53 6.73 -8.01 41.01
N PRO E 54 6.46 -6.95 40.19
CA PRO E 54 6.29 -7.19 38.77
C PRO E 54 7.57 -7.49 38.07
N PHE E 55 7.53 -8.55 37.26
CA PHE E 55 8.77 -9.16 36.73
C PHE E 55 8.49 -9.58 35.31
N SER E 56 9.32 -9.10 34.40
CA SER E 56 8.98 -9.25 32.96
C SER E 56 8.77 -10.68 32.38
N ASP E 57 9.37 -11.74 32.95
CA ASP E 57 9.36 -13.11 32.41
C ASP E 57 9.35 -14.15 33.56
N PRO E 58 8.20 -14.22 34.24
CA PRO E 58 8.03 -15.10 35.35
C PRO E 58 7.90 -16.57 34.95
N LEU E 59 9.03 -17.23 34.72
CA LEU E 59 9.07 -18.64 34.33
C LEU E 59 8.25 -19.70 35.11
N ALA E 60 7.98 -19.47 36.38
CA ALA E 60 7.10 -20.38 37.10
C ALA E 60 5.63 -20.02 37.03
N ASP E 61 5.21 -18.98 36.31
CA ASP E 61 3.76 -18.70 36.17
C ASP E 61 3.17 -19.06 34.82
N GLY E 62 1.94 -19.52 34.80
CA GLY E 62 1.18 -19.61 33.56
C GLY E 62 0.63 -18.24 33.12
N PRO E 63 -0.26 -18.22 32.12
CA PRO E 63 -0.69 -17.03 31.46
C PRO E 63 -1.36 -15.95 32.32
N VAL E 64 -2.13 -16.37 33.32
CA VAL E 64 -2.99 -15.42 34.04
C VAL E 64 -2.13 -14.42 34.85
N ILE E 65 -1.12 -15.00 35.51
CA ILE E 65 -0.23 -14.26 36.42
C ILE E 65 0.84 -13.57 35.59
N GLN E 66 1.18 -14.21 34.47
CA GLN E 66 2.05 -13.59 33.50
C GLN E 66 1.53 -12.27 33.06
N GLY E 67 0.22 -12.17 32.85
CA GLY E 67 -0.43 -10.93 32.47
C GLY E 67 -0.57 -9.94 33.65
N ALA E 68 -0.74 -10.45 34.86
CA ALA E 68 -0.61 -9.60 36.03
C ALA E 68 0.68 -8.80 35.93
N ASN E 69 1.82 -9.48 35.75
CA ASN E 69 3.12 -8.80 35.59
C ASN E 69 3.25 -7.83 34.39
N LEU E 70 2.82 -8.27 33.22
CA LEU E 70 2.71 -7.44 32.04
C LEU E 70 1.99 -6.13 32.36
N ARG E 71 0.74 -6.22 32.81
CA ARG E 71 -0.07 -5.06 33.16
C ARG E 71 0.70 -4.11 34.11
N SER E 72 1.28 -4.67 35.15
CA SER E 72 1.83 -3.88 36.23
C SER E 72 2.99 -3.09 35.79
N LEU E 73 3.75 -3.67 34.85
CA LEU E 73 5.07 -3.17 34.44
C LEU E 73 4.79 -2.03 33.45
N ALA E 74 3.82 -2.28 32.60
CA ALA E 74 3.25 -1.34 31.67
C ALA E 74 2.68 -0.11 32.35
N ALA E 75 2.24 -0.24 33.58
CA ALA E 75 1.62 0.87 34.31
C ALA E 75 2.67 1.75 35.03
N GLY E 76 3.93 1.49 34.80
CA GLY E 76 4.95 2.31 35.38
C GLY E 76 5.38 1.85 36.73
N THR E 77 5.02 0.62 37.13
CA THR E 77 5.31 0.19 38.48
C THR E 77 6.80 0.00 38.76
N THR E 78 7.34 0.80 39.67
CA THR E 78 8.75 0.69 40.02
C THR E 78 8.87 -0.20 41.21
N SER E 79 10.07 -0.68 41.47
CA SER E 79 10.35 -1.44 42.69
C SER E 79 10.06 -0.58 43.88
N SER E 80 10.50 0.66 43.84
CA SER E 80 10.21 1.48 44.99
C SER E 80 8.70 1.80 45.22
N ASP E 81 7.87 1.85 44.15
CA ASP E 81 6.38 1.89 44.29
C ASP E 81 5.95 0.69 45.14
N CYS E 82 6.44 -0.49 44.78
CA CYS E 82 6.13 -1.74 45.55
C CYS E 82 6.41 -1.63 47.03
N PHE E 83 7.58 -1.13 47.35
CA PHE E 83 7.94 -0.88 48.70
C PHE E 83 7.08 0.17 49.37
N ASP E 84 6.73 1.24 48.66
CA ASP E 84 5.82 2.27 49.24
C ASP E 84 4.46 1.66 49.47
N ILE E 85 3.99 0.72 48.63
CA ILE E 85 2.69 0.17 48.88
C ILE E 85 2.73 -0.67 50.10
N ILE E 86 3.72 -1.57 50.22
CA ILE E 86 3.83 -2.44 51.39
C ILE E 86 3.97 -1.59 52.68
N THR E 87 4.75 -0.52 52.67
CA THR E 87 4.86 0.22 53.95
C THR E 87 3.59 0.92 54.39
N LYS E 88 2.81 1.31 53.38
CA LYS E 88 1.56 1.99 53.59
C LYS E 88 0.49 0.99 54.13
N VAL E 89 0.48 -0.21 53.58
CA VAL E 89 -0.44 -1.26 54.06
C VAL E 89 -0.02 -1.67 55.45
N ARG E 90 1.28 -1.74 55.72
CA ARG E 90 1.75 -2.05 57.10
C ARG E 90 1.34 -1.00 58.11
N ALA E 91 1.37 0.27 57.74
CA ALA E 91 0.96 1.33 58.67
C ALA E 91 -0.49 1.14 59.06
N GLN E 92 -1.28 0.66 58.13
CA GLN E 92 -2.73 0.53 58.27
C GLN E 92 -3.10 -0.79 58.91
N HIS E 93 -2.22 -1.78 58.74
CA HIS E 93 -2.46 -3.12 59.31
C HIS E 93 -1.22 -3.68 59.97
N PRO E 94 -0.97 -3.21 61.19
CA PRO E 94 0.30 -3.58 61.85
C PRO E 94 0.44 -5.05 62.12
N ASP E 95 -0.62 -5.83 62.08
CA ASP E 95 -0.51 -7.24 62.50
C ASP E 95 -0.76 -8.27 61.40
N MET E 96 -1.08 -7.77 60.24
CA MET E 96 -1.34 -8.56 59.07
C MET E 96 -0.10 -9.17 58.41
N PRO E 97 0.10 -10.49 58.51
CA PRO E 97 1.29 -11.02 57.90
C PRO E 97 1.43 -10.70 56.41
N ILE E 98 2.61 -10.22 55.99
CA ILE E 98 2.85 -9.89 54.58
C ILE E 98 4.03 -10.68 54.04
N GLY E 99 3.75 -11.58 53.10
CA GLY E 99 4.82 -12.34 52.45
C GLY E 99 5.04 -11.91 51.01
N LEU E 100 6.30 -11.91 50.54
CA LEU E 100 6.55 -11.69 49.18
C LEU E 100 6.81 -12.98 48.45
N LEU E 101 6.39 -13.06 47.20
CA LEU E 101 6.77 -14.15 46.29
C LEU E 101 7.48 -13.54 45.06
N LEU E 102 8.76 -13.84 44.89
CA LEU E 102 9.62 -13.13 43.98
C LEU E 102 10.41 -14.07 43.10
N TYR E 103 10.72 -13.62 41.88
CA TYR E 103 11.78 -14.23 41.12
C TYR E 103 13.17 -13.76 41.56
N ALA E 104 14.07 -14.75 41.65
CA ALA E 104 15.42 -14.54 42.14
C ALA E 104 16.11 -13.35 41.49
N ASN E 105 15.92 -13.22 40.17
CA ASN E 105 16.63 -12.22 39.38
C ASN E 105 16.27 -10.80 39.76
N LEU E 106 15.23 -10.67 40.55
CA LEU E 106 14.67 -9.38 40.94
C LEU E 106 15.41 -8.93 42.16
N VAL E 107 15.73 -9.93 43.00
CA VAL E 107 16.46 -9.73 44.26
C VAL E 107 17.93 -9.50 44.03
N PHE E 108 18.49 -10.17 43.02
CA PHE E 108 19.95 -10.11 42.78
C PHE E 108 20.30 -8.74 42.26
N ALA E 109 19.37 -8.17 41.51
CA ALA E 109 19.64 -7.01 40.67
C ALA E 109 20.20 -5.81 41.44
N ASN E 110 19.80 -5.65 42.70
CA ASN E 110 20.18 -4.50 43.57
C ASN E 110 21.19 -4.85 44.61
N GLY E 111 21.55 -6.14 44.65
CA GLY E 111 22.14 -6.78 45.82
C GLY E 111 21.03 -7.42 46.63
N ILE E 112 21.24 -8.65 47.07
CA ILE E 112 20.32 -9.40 47.93
C ILE E 112 20.19 -8.61 49.24
N ASP E 113 21.32 -8.17 49.78
CA ASP E 113 21.36 -7.61 51.14
C ASP E 113 20.54 -6.35 51.22
N GLU E 114 20.62 -5.51 50.20
CA GLU E 114 19.88 -4.25 50.20
C GLU E 114 18.46 -4.42 49.86
N PHE E 115 18.13 -5.53 49.21
CA PHE E 115 16.71 -5.81 48.96
C PHE E 115 16.05 -6.21 50.28
N TYR E 116 16.63 -7.19 50.96
CA TYR E 116 16.07 -7.66 52.19
C TYR E 116 15.95 -6.48 53.17
N THR E 117 16.99 -5.64 53.25
CA THR E 117 16.93 -4.41 54.07
C THR E 117 15.70 -3.48 53.76
N LYS E 118 15.49 -3.22 52.48
CA LYS E 118 14.30 -2.52 52.06
C LYS E 118 12.98 -3.24 52.44
N ALA E 119 12.97 -4.58 52.35
CA ALA E 119 11.81 -5.37 52.86
C ALA E 119 11.66 -5.37 54.40
N GLN E 120 12.73 -5.51 55.19
CA GLN E 120 12.61 -5.39 56.66
C GLN E 120 11.99 -4.02 56.93
N ALA E 121 12.49 -2.99 56.31
CA ALA E 121 12.05 -1.63 56.64
C ALA E 121 10.57 -1.35 56.34
N ALA E 122 10.02 -1.97 55.31
CA ALA E 122 8.64 -1.71 54.88
C ALA E 122 7.66 -2.55 55.61
N GLY E 123 8.14 -3.56 56.31
CA GLY E 123 7.26 -4.43 57.10
C GLY E 123 7.04 -5.87 56.67
N VAL E 124 7.89 -6.41 55.81
CA VAL E 124 7.58 -7.69 55.27
C VAL E 124 7.99 -8.75 56.24
N ASP E 125 7.16 -9.81 56.26
CA ASP E 125 7.34 -10.95 57.16
C ASP E 125 8.00 -12.13 56.49
N SER E 126 7.80 -12.34 55.18
CA SER E 126 8.40 -13.53 54.54
C SER E 126 8.77 -13.29 53.08
N VAL E 127 9.70 -14.08 52.53
CA VAL E 127 10.08 -14.04 51.12
C VAL E 127 10.12 -15.45 50.50
N LEU E 128 9.15 -15.73 49.61
CA LEU E 128 9.24 -16.94 48.82
C LEU E 128 9.90 -16.58 47.54
N ILE E 129 11.05 -17.19 47.25
CA ILE E 129 11.68 -17.08 45.96
C ILE E 129 11.27 -18.24 45.07
N ALA E 130 10.48 -17.90 44.06
CA ALA E 130 9.56 -18.82 43.46
C ALA E 130 10.21 -19.79 42.50
N ASP E 131 11.42 -19.48 42.04
CA ASP E 131 12.12 -20.20 40.96
C ASP E 131 13.46 -20.81 41.36
N VAL E 132 13.68 -21.01 42.64
CA VAL E 132 14.97 -21.58 43.07
C VAL E 132 14.62 -22.76 43.90
N PRO E 133 15.32 -23.87 43.75
CA PRO E 133 14.81 -24.91 44.63
C PRO E 133 15.52 -24.84 45.97
N VAL E 134 15.02 -25.61 46.92
CA VAL E 134 15.50 -25.58 48.29
C VAL E 134 17.00 -25.78 48.30
N GLU E 135 17.47 -26.78 47.58
CA GLU E 135 18.92 -27.07 47.59
C GLU E 135 19.83 -25.93 47.15
N GLU E 136 19.31 -24.93 46.44
CA GLU E 136 20.14 -23.83 45.92
C GLU E 136 19.83 -22.48 46.52
N SER E 137 19.10 -22.49 47.62
CA SER E 137 18.48 -21.28 48.14
C SER E 137 19.24 -20.68 49.34
N ALA E 138 20.14 -21.46 49.91
CA ALA E 138 21.06 -21.01 50.94
C ALA E 138 21.38 -19.52 50.96
N PRO E 139 21.72 -18.89 49.85
CA PRO E 139 21.99 -17.46 49.99
C PRO E 139 20.78 -16.53 50.06
N PHE E 140 19.57 -16.98 49.79
CA PHE E 140 18.40 -16.11 49.92
C PHE E 140 17.88 -16.29 51.35
N SER E 141 17.97 -17.52 51.81
CA SER E 141 17.67 -17.89 53.14
C SER E 141 18.55 -17.19 54.11
N LYS E 142 19.82 -17.15 53.80
CA LYS E 142 20.77 -16.60 54.73
C LYS E 142 20.47 -15.13 54.82
N ALA E 143 20.12 -14.53 53.69
CA ALA E 143 19.83 -13.09 53.68
C ALA E 143 18.48 -12.72 54.25
N ALA E 144 17.52 -13.63 54.21
CA ALA E 144 16.28 -13.49 54.93
C ALA E 144 16.44 -13.54 56.46
N LYS E 145 17.00 -14.63 56.97
CA LYS E 145 17.23 -14.70 58.40
C LYS E 145 18.01 -13.44 58.92
N ALA E 146 19.01 -12.97 58.19
CA ALA E 146 19.91 -11.94 58.68
C ALA E 146 19.29 -10.57 58.66
N HIS E 147 18.14 -10.42 58.02
CA HIS E 147 17.37 -9.18 58.06
C HIS E 147 15.97 -9.43 58.73
N GLY E 148 15.90 -10.52 59.49
CA GLY E 148 14.74 -10.82 60.33
C GLY E 148 13.53 -11.22 59.56
N ILE E 149 13.71 -11.76 58.37
CA ILE E 149 12.61 -12.12 57.48
C ILE E 149 12.60 -13.65 57.40
N ALA E 150 11.41 -14.19 57.31
CA ALA E 150 11.23 -15.62 57.26
C ALA E 150 11.39 -16.18 55.85
N PRO E 151 12.30 -17.14 55.64
CA PRO E 151 12.27 -17.80 54.37
C PRO E 151 11.25 -18.92 54.28
N ILE E 152 10.40 -18.82 53.28
CA ILE E 152 9.36 -19.82 52.93
C ILE E 152 9.89 -20.71 51.83
N PHE E 153 9.72 -22.00 51.95
CA PHE E 153 9.96 -22.83 50.79
C PHE E 153 8.71 -23.51 50.21
N ILE E 154 8.85 -23.85 48.92
CA ILE E 154 7.88 -24.65 48.18
C ILE E 154 8.14 -26.15 48.34
N ALA E 155 7.12 -26.87 48.72
CA ALA E 155 7.12 -28.31 48.67
C ALA E 155 6.46 -28.67 47.33
N PRO E 156 7.31 -29.03 46.35
CA PRO E 156 6.82 -29.38 45.05
C PRO E 156 6.09 -30.72 45.11
N PRO E 157 5.19 -30.98 44.14
CA PRO E 157 4.27 -32.14 44.12
C PRO E 157 4.89 -33.56 44.07
N ASN E 158 6.08 -33.69 43.52
CA ASN E 158 6.64 -35.03 43.35
C ASN E 158 7.64 -35.35 44.47
N ALA E 159 7.58 -34.56 45.55
CA ALA E 159 8.75 -34.37 46.43
C ALA E 159 9.11 -35.61 47.20
N ASP E 160 10.36 -36.05 47.07
CA ASP E 160 10.81 -37.21 47.82
C ASP E 160 10.93 -36.79 49.29
N ALA E 161 11.15 -37.75 50.17
CA ALA E 161 11.07 -37.48 51.59
C ALA E 161 12.31 -36.76 52.10
N ASP E 162 13.36 -36.75 51.30
CA ASP E 162 14.52 -35.99 51.69
C ASP E 162 14.28 -34.52 51.53
N THR E 163 13.83 -34.14 50.34
CA THR E 163 13.33 -32.77 50.10
C THR E 163 12.43 -32.32 51.27
N LEU E 164 11.36 -33.06 51.58
CA LEU E 164 10.45 -32.62 52.62
C LEU E 164 11.21 -32.27 53.90
N LYS E 165 12.00 -33.21 54.40
CA LYS E 165 12.84 -32.96 55.60
C LYS E 165 13.60 -31.60 55.51
N MET E 166 14.07 -31.27 54.32
CA MET E 166 14.77 -29.99 54.13
C MET E 166 13.76 -28.82 54.20
N VAL E 167 12.75 -28.80 53.33
CA VAL E 167 11.64 -27.84 53.48
C VAL E 167 11.21 -27.56 54.98
N SER E 168 11.12 -28.60 55.79
CA SER E 168 10.58 -28.50 57.15
C SER E 168 11.59 -27.91 58.12
N GLU E 169 12.85 -28.32 57.98
CA GLU E 169 13.97 -27.82 58.78
C GLU E 169 14.19 -26.37 58.45
N GLN E 170 13.69 -25.91 57.30
CA GLN E 170 14.37 -24.79 56.67
C GLN E 170 13.94 -23.34 56.80
N GLY E 171 12.82 -22.84 56.28
CA GLY E 171 11.49 -23.28 56.52
C GLY E 171 11.05 -22.29 57.61
N GLU E 172 10.24 -21.27 57.33
CA GLU E 172 9.67 -20.44 58.42
C GLU E 172 8.34 -19.81 58.06
N GLY E 173 7.50 -19.56 59.05
CA GLY E 173 6.26 -18.87 58.87
C GLY E 173 5.20 -19.83 58.44
N TYR E 174 5.26 -20.27 57.19
CA TYR E 174 4.51 -21.47 56.75
C TYR E 174 5.27 -22.13 55.57
N THR E 175 4.71 -23.21 55.09
CA THR E 175 5.26 -23.92 54.00
C THR E 175 4.25 -24.00 52.88
N TYR E 176 4.75 -23.68 51.71
CA TYR E 176 3.96 -23.52 50.51
C TYR E 176 4.00 -24.85 49.74
N LEU E 177 2.81 -25.44 49.57
CA LEU E 177 2.65 -26.65 48.81
C LEU E 177 1.98 -26.34 47.53
N LEU E 178 2.59 -26.87 46.46
CA LEU E 178 2.13 -26.68 45.14
C LEU E 178 1.20 -27.81 44.83
N SER E 179 0.14 -27.88 45.64
CA SER E 179 -0.88 -28.92 45.54
C SER E 179 -2.15 -28.46 46.20
N ARG E 180 -3.23 -29.12 45.85
CA ARG E 180 -4.58 -28.79 46.29
C ARG E 180 -5.10 -30.09 46.84
N ALA E 181 -6.29 -30.07 47.39
CA ALA E 181 -6.85 -31.28 47.93
C ALA E 181 -8.09 -31.54 47.16
N GLY E 182 -8.25 -32.82 46.80
CA GLY E 182 -9.46 -33.36 46.23
C GLY E 182 -10.71 -32.94 46.97
N VAL E 183 -11.62 -32.36 46.24
CA VAL E 183 -13.00 -32.46 46.63
C VAL E 183 -13.44 -33.99 46.42
N THR E 184 -13.89 -34.69 47.47
CA THR E 184 -14.03 -36.23 47.46
C THR E 184 -14.68 -36.90 46.20
N PRO E 193 -1.07 -39.63 48.56
CA PRO E 193 -1.56 -38.38 47.97
C PRO E 193 -1.45 -37.22 48.97
N ILE E 194 -2.41 -36.30 48.98
CA ILE E 194 -2.21 -35.05 49.73
C ILE E 194 -2.02 -35.26 51.27
N GLU E 195 -2.91 -36.03 51.89
CA GLU E 195 -2.75 -36.41 53.29
C GLU E 195 -1.35 -37.00 53.57
N ASN E 196 -0.68 -37.49 52.55
CA ASN E 196 0.63 -38.09 52.76
C ASN E 196 1.71 -37.05 53.02
N ILE E 197 1.92 -36.18 52.02
CA ILE E 197 2.72 -34.96 52.18
C ILE E 197 2.41 -34.29 53.51
N LEU E 198 1.12 -34.01 53.73
CA LEU E 198 0.71 -33.28 54.92
C LEU E 198 1.13 -33.94 56.24
N THR E 199 0.93 -35.24 56.40
CA THR E 199 1.41 -35.94 57.58
C THR E 199 2.93 -35.99 57.71
N GLN E 200 3.66 -36.24 56.60
CA GLN E 200 5.12 -36.19 56.58
C GLN E 200 5.66 -34.85 57.11
N LEU E 201 5.01 -33.74 56.72
CA LEU E 201 5.44 -32.40 57.13
C LEU E 201 5.18 -32.18 58.60
N ALA E 202 4.07 -32.75 59.06
CA ALA E 202 3.74 -32.59 60.46
C ALA E 202 4.77 -33.30 61.31
N GLU E 203 5.27 -34.46 60.88
CA GLU E 203 6.27 -35.11 61.75
C GLU E 203 7.67 -34.57 61.60
N PHE E 204 8.00 -33.85 60.54
CA PHE E 204 9.29 -33.17 60.46
C PHE E 204 9.18 -31.79 61.11
N ASN E 205 8.04 -31.51 61.73
CA ASN E 205 7.86 -30.21 62.36
C ASN E 205 7.82 -28.93 61.50
N ALA E 206 7.19 -29.05 60.33
CA ALA E 206 7.13 -27.98 59.35
C ALA E 206 6.35 -26.82 59.92
N PRO E 207 6.67 -25.60 59.44
CA PRO E 207 5.79 -24.51 59.70
C PRO E 207 4.47 -24.81 59.06
N PRO E 208 3.38 -24.26 59.59
CA PRO E 208 2.04 -24.55 59.09
C PRO E 208 1.97 -24.63 57.55
N PRO E 209 1.49 -25.73 57.01
CA PRO E 209 1.40 -25.81 55.53
C PRO E 209 0.28 -25.02 54.99
N LEU E 210 0.54 -24.31 53.91
CA LEU E 210 -0.56 -23.74 53.13
C LEU E 210 -0.72 -24.41 51.80
N LEU E 211 -1.93 -24.81 51.42
CA LEU E 211 -2.14 -25.45 50.10
C LEU E 211 -2.33 -24.38 49.07
N GLY E 212 -1.53 -24.45 48.01
CA GLY E 212 -1.31 -23.29 47.17
C GLY E 212 -1.47 -23.35 45.66
N PHE E 213 -1.99 -24.45 45.17
CA PHE E 213 -2.09 -24.58 43.72
C PHE E 213 -3.51 -24.64 43.21
N GLY E 214 -3.93 -23.58 42.53
CA GLY E 214 -5.24 -23.55 41.84
C GLY E 214 -6.45 -23.67 42.76
N ILE E 215 -6.32 -22.97 43.88
CA ILE E 215 -7.43 -22.82 44.76
C ILE E 215 -8.29 -21.69 44.18
N ALA E 216 -9.48 -22.04 43.76
CA ALA E 216 -10.37 -21.09 43.07
C ALA E 216 -11.77 -20.98 43.64
N GLU E 217 -12.15 -21.94 44.46
CA GLU E 217 -13.51 -22.13 44.86
C GLU E 217 -13.57 -22.46 46.35
N PRO E 218 -14.50 -21.84 47.09
CA PRO E 218 -14.59 -22.11 48.54
C PRO E 218 -14.38 -23.57 48.94
N GLU E 219 -14.92 -24.46 48.14
CA GLU E 219 -14.91 -25.89 48.46
C GLU E 219 -13.48 -26.42 48.54
N GLN E 220 -12.61 -25.79 47.76
CA GLN E 220 -11.22 -26.17 47.78
C GLN E 220 -10.50 -25.64 49.01
N VAL E 221 -10.87 -24.41 49.46
CA VAL E 221 -10.48 -23.96 50.77
C VAL E 221 -10.89 -25.00 51.82
N ARG E 222 -12.17 -25.34 51.81
CA ARG E 222 -12.70 -26.23 52.85
C ARG E 222 -12.04 -27.58 52.87
N ALA E 223 -11.77 -28.14 51.69
CA ALA E 223 -11.17 -29.48 51.63
C ALA E 223 -9.69 -29.45 52.00
N ALA E 224 -9.04 -28.32 51.72
CA ALA E 224 -7.65 -28.06 52.15
C ALA E 224 -7.56 -28.14 53.63
N ILE E 225 -8.55 -27.54 54.30
CA ILE E 225 -8.56 -27.62 55.76
C ILE E 225 -9.06 -28.96 56.27
N LYS E 226 -10.11 -29.53 55.65
CA LYS E 226 -10.59 -30.87 56.06
C LYS E 226 -9.44 -31.85 55.92
N ALA E 227 -8.43 -31.55 55.11
CA ALA E 227 -7.35 -32.51 54.80
C ALA E 227 -6.13 -32.33 55.64
N GLY E 228 -6.14 -31.26 56.42
CA GLY E 228 -5.18 -31.01 57.48
C GLY E 228 -4.21 -29.87 57.25
N ALA E 229 -4.48 -29.02 56.26
CA ALA E 229 -3.62 -27.87 55.95
C ALA E 229 -3.96 -26.80 56.95
N ALA E 230 -3.09 -25.86 57.17
CA ALA E 230 -3.43 -24.78 58.02
C ALA E 230 -4.16 -23.68 57.20
N GLY E 231 -4.24 -23.88 55.89
CA GLY E 231 -5.03 -22.92 55.11
C GLY E 231 -4.70 -22.92 53.67
N ALA E 232 -5.17 -21.93 52.94
CA ALA E 232 -5.04 -22.00 51.51
C ALA E 232 -4.72 -20.66 50.94
N ILE E 233 -3.86 -20.66 49.91
CA ILE E 233 -3.55 -19.47 49.10
C ILE E 233 -4.13 -19.56 47.70
N SER E 234 -4.79 -18.48 47.28
CA SER E 234 -5.48 -18.44 46.00
C SER E 234 -4.81 -17.35 45.19
N GLY E 235 -4.25 -17.65 44.02
CA GLY E 235 -3.54 -16.60 43.22
C GLY E 235 -4.21 -16.19 41.90
N SER E 236 -4.17 -17.14 40.98
CA SER E 236 -4.73 -16.95 39.68
C SER E 236 -6.20 -16.60 39.68
N ALA E 237 -6.93 -17.14 40.62
CA ALA E 237 -8.35 -16.89 40.69
C ALA E 237 -8.63 -15.48 41.09
N VAL E 238 -7.75 -14.93 41.94
CA VAL E 238 -7.89 -13.53 42.32
C VAL E 238 -7.47 -12.61 41.19
N VAL E 239 -6.36 -12.94 40.55
CA VAL E 239 -5.93 -12.19 39.38
C VAL E 239 -6.97 -12.22 38.23
N LYS E 240 -7.65 -13.33 38.02
CA LYS E 240 -8.64 -13.39 36.95
C LYS E 240 -9.63 -12.24 37.05
N ILE E 241 -9.95 -11.94 38.29
CA ILE E 241 -11.01 -11.00 38.59
C ILE E 241 -10.55 -9.60 38.26
N ILE E 242 -9.30 -9.32 38.62
CA ILE E 242 -8.62 -8.08 38.24
C ILE E 242 -8.51 -7.92 36.71
N GLU E 243 -8.18 -8.99 36.02
CA GLU E 243 -7.99 -8.90 34.59
C GLU E 243 -9.34 -8.62 33.97
N ALA E 244 -10.37 -9.19 34.59
CA ALA E 244 -11.74 -9.10 34.08
C ALA E 244 -12.42 -7.74 34.26
N HIS E 245 -11.98 -6.96 35.26
CA HIS E 245 -12.66 -5.71 35.62
C HIS E 245 -11.66 -4.59 35.80
N GLN E 246 -10.46 -4.79 35.30
CA GLN E 246 -9.43 -3.73 35.40
C GLN E 246 -9.81 -2.33 34.98
N HIS E 247 -10.84 -2.13 34.18
CA HIS E 247 -11.22 -0.73 33.79
C HIS E 247 -12.40 -0.17 34.56
N ASP E 248 -13.09 -1.00 35.31
CA ASP E 248 -14.22 -0.57 36.15
C ASP E 248 -13.90 -0.70 37.68
N GLU E 249 -13.01 0.11 38.21
CA GLU E 249 -12.80 0.13 39.68
C GLU E 249 -13.98 -0.30 40.57
N ALA E 250 -15.08 0.43 40.56
CA ALA E 250 -16.24 0.04 41.39
C ALA E 250 -16.60 -1.49 41.41
N THR E 251 -16.47 -2.11 40.25
CA THR E 251 -16.90 -3.51 40.14
C THR E 251 -15.78 -4.43 40.48
N LEU E 252 -14.61 -4.06 39.99
CA LEU E 252 -13.33 -4.62 40.40
C LEU E 252 -13.28 -4.84 41.91
N LEU E 253 -13.42 -3.75 42.66
CA LEU E 253 -13.40 -3.84 44.09
C LEU E 253 -14.61 -4.54 44.68
N ALA E 254 -15.77 -4.45 44.05
CA ALA E 254 -16.95 -5.17 44.59
C ALA E 254 -16.89 -6.68 44.37
N LYS E 255 -16.39 -7.08 43.21
CA LYS E 255 -16.25 -8.51 42.91
C LYS E 255 -15.09 -9.17 43.69
N LEU E 256 -14.18 -8.35 44.17
CA LEU E 256 -13.05 -8.82 44.92
C LEU E 256 -13.52 -9.00 46.36
N ALA E 257 -14.29 -8.04 46.87
CA ALA E 257 -14.88 -8.16 48.21
C ALA E 257 -15.69 -9.48 48.33
N GLU E 258 -16.55 -9.74 47.33
CA GLU E 258 -17.44 -10.88 47.36
C GLU E 258 -16.63 -12.24 47.32
N PHE E 259 -15.61 -12.31 46.48
CA PHE E 259 -14.72 -13.49 46.45
C PHE E 259 -13.95 -13.73 47.74
N THR E 260 -13.26 -12.72 48.23
CA THR E 260 -12.62 -12.89 49.47
C THR E 260 -13.59 -13.37 50.55
N THR E 261 -14.71 -12.67 50.72
CA THR E 261 -15.65 -13.09 51.71
C THR E 261 -16.06 -14.53 51.49
N ALA E 262 -16.28 -14.96 50.27
CA ALA E 262 -16.79 -16.37 50.13
C ALA E 262 -15.70 -17.41 50.44
N MET E 263 -14.47 -17.10 50.05
CA MET E 263 -13.32 -17.92 50.35
C MET E 263 -13.04 -17.95 51.85
N LYS E 264 -13.00 -16.79 52.50
CA LYS E 264 -12.65 -16.78 53.91
C LYS E 264 -13.73 -17.47 54.68
N ALA E 265 -14.94 -17.46 54.11
CA ALA E 265 -16.07 -18.16 54.72
C ALA E 265 -15.90 -19.67 54.78
N ALA E 266 -15.01 -20.26 54.03
CA ALA E 266 -14.95 -21.72 54.07
C ALA E 266 -13.83 -22.26 54.89
N THR E 267 -13.12 -21.38 55.58
CA THR E 267 -12.04 -21.78 56.47
C THR E 267 -12.53 -22.29 57.84
N MET F 1 8.86 -44.04 18.56
CA MET F 1 8.37 -42.63 18.42
C MET F 1 7.27 -42.40 17.31
N SER F 2 6.94 -43.46 16.56
CA SER F 2 5.88 -43.53 15.51
C SER F 2 4.46 -43.01 15.93
N ASN F 3 3.46 -42.96 15.00
CA ASN F 3 3.72 -42.89 13.53
C ASN F 3 3.30 -41.58 12.79
N ARG F 4 2.16 -41.03 13.17
CA ARG F 4 1.76 -39.71 12.75
C ARG F 4 2.75 -38.66 13.34
N TYR F 5 3.12 -38.81 14.61
CA TYR F 5 4.10 -37.86 15.16
C TYR F 5 5.45 -37.89 14.41
N GLN F 6 6.00 -39.08 14.16
CA GLN F 6 7.26 -39.22 13.44
C GLN F 6 7.29 -38.41 12.11
N ALA F 7 6.25 -38.66 11.29
CA ALA F 7 6.18 -38.07 9.97
C ALA F 7 6.17 -36.55 10.06
N LYS F 8 5.37 -36.03 10.99
CA LYS F 8 5.16 -34.61 11.17
C LYS F 8 6.37 -33.90 11.79
N PHE F 9 7.06 -34.58 12.67
CA PHE F 9 8.38 -34.06 13.09
C PHE F 9 9.41 -34.06 11.95
N ALA F 10 9.48 -35.13 11.17
CA ALA F 10 10.36 -35.12 10.01
C ALA F 10 10.03 -33.97 9.04
N ALA F 11 8.76 -33.70 8.86
CA ALA F 11 8.30 -32.69 7.87
C ALA F 11 8.72 -31.37 8.38
N LEU F 12 8.39 -31.13 9.63
CA LEU F 12 8.72 -29.87 10.21
C LEU F 12 10.23 -29.66 10.26
N LYS F 13 10.96 -30.70 10.57
CA LYS F 13 12.41 -30.64 10.52
C LYS F 13 12.91 -30.23 9.16
N ALA F 14 12.32 -30.82 8.13
CA ALA F 14 12.67 -30.45 6.78
C ALA F 14 12.28 -28.99 6.43
N GLN F 15 11.25 -28.44 7.05
CA GLN F 15 10.94 -27.01 6.79
C GLN F 15 11.79 -26.09 7.66
N ASP F 16 12.59 -26.68 8.55
CA ASP F 16 13.30 -25.96 9.60
C ASP F 16 12.29 -25.22 10.50
N LYS F 17 11.30 -25.98 10.99
CA LYS F 17 10.18 -25.39 11.69
C LYS F 17 9.85 -26.11 12.98
N GLY F 18 9.29 -25.38 13.93
CA GLY F 18 8.77 -26.00 15.15
C GLY F 18 7.27 -26.19 15.14
N ALA F 19 6.79 -26.98 16.07
CA ALA F 19 5.41 -27.39 16.10
C ALA F 19 4.62 -26.52 17.02
N PHE F 20 3.42 -26.13 16.62
CA PHE F 20 2.49 -25.52 17.56
C PHE F 20 1.35 -26.45 17.87
N VAL F 21 1.19 -26.77 19.15
CA VAL F 21 0.18 -27.67 19.64
C VAL F 21 -0.73 -27.02 20.67
N PRO F 22 -1.91 -26.58 20.25
CA PRO F 22 -2.88 -26.15 21.27
C PRO F 22 -3.51 -27.33 21.98
N PHE F 23 -3.90 -27.09 23.21
CA PHE F 23 -4.68 -28.00 24.00
C PHE F 23 -5.99 -27.34 24.35
N VAL F 24 -6.99 -28.18 24.55
CA VAL F 24 -8.34 -27.77 24.85
C VAL F 24 -9.01 -29.00 25.53
N THR F 25 -10.09 -28.79 26.32
CA THR F 25 -10.81 -29.94 26.85
C THR F 25 -11.99 -30.13 25.93
N ILE F 26 -12.13 -31.36 25.40
CA ILE F 26 -13.27 -31.63 24.50
C ILE F 26 -14.59 -31.36 25.22
N GLY F 27 -15.50 -30.69 24.53
CA GLY F 27 -16.80 -30.34 25.09
C GLY F 27 -16.97 -28.94 25.61
N ASP F 28 -15.86 -28.25 25.81
CA ASP F 28 -15.91 -26.87 26.27
C ASP F 28 -16.04 -25.97 25.10
N PRO F 29 -17.06 -25.11 25.06
CA PRO F 29 -18.17 -24.98 25.97
C PRO F 29 -19.32 -25.93 25.72
N SER F 30 -19.48 -26.42 24.51
CA SER F 30 -20.47 -27.45 24.25
C SER F 30 -19.88 -28.40 23.23
N PRO F 31 -20.43 -29.64 23.14
CA PRO F 31 -19.92 -30.56 22.13
C PRO F 31 -19.91 -30.01 20.74
N GLU F 32 -21.03 -29.48 20.28
CA GLU F 32 -21.07 -28.83 18.96
C GLU F 32 -20.12 -27.63 18.74
N LEU F 33 -20.05 -26.70 19.67
CA LEU F 33 -19.04 -25.60 19.66
C LEU F 33 -17.55 -26.02 19.83
N SER F 34 -17.30 -27.00 20.68
CA SER F 34 -15.94 -27.52 20.85
C SER F 34 -15.31 -28.02 19.55
N LEU F 35 -16.11 -28.77 18.82
CA LEU F 35 -15.76 -29.19 17.47
C LEU F 35 -15.40 -28.01 16.54
N LYS F 36 -16.22 -26.96 16.49
CA LYS F 36 -15.85 -25.82 15.64
C LYS F 36 -14.54 -25.22 16.16
N ILE F 37 -14.35 -25.18 17.48
CA ILE F 37 -13.05 -24.78 18.05
C ILE F 37 -11.86 -25.57 17.49
N ILE F 38 -11.94 -26.91 17.52
CA ILE F 38 -10.83 -27.76 17.10
C ILE F 38 -10.52 -27.55 15.64
N GLN F 39 -11.53 -27.69 14.80
CA GLN F 39 -11.46 -27.28 13.37
C GLN F 39 -10.79 -25.90 13.22
N THR F 40 -11.16 -24.92 14.03
CA THR F 40 -10.58 -23.58 13.87
C THR F 40 -9.11 -23.61 14.27
N LEU F 41 -8.83 -24.24 15.39
CA LEU F 41 -7.43 -24.69 15.69
C LEU F 41 -6.59 -25.27 14.49
N VAL F 42 -7.09 -26.32 13.80
CA VAL F 42 -6.34 -26.97 12.73
C VAL F 42 -6.30 -26.07 11.49
N ASP F 43 -7.46 -25.49 11.17
CA ASP F 43 -7.61 -24.65 9.98
C ASP F 43 -6.61 -23.45 10.05
N ASN F 44 -6.19 -23.04 11.24
CA ASN F 44 -5.25 -21.92 11.32
C ASN F 44 -3.88 -22.23 11.85
N GLY F 45 -3.45 -23.47 11.81
CA GLY F 45 -2.02 -23.71 11.98
C GLY F 45 -1.59 -24.95 12.71
N ALA F 46 -2.27 -25.32 13.78
CA ALA F 46 -1.79 -26.39 14.63
C ALA F 46 -1.14 -27.56 13.88
N ASP F 47 0.03 -27.94 14.30
CA ASP F 47 0.73 -29.05 13.78
C ASP F 47 0.28 -30.34 14.42
N ALA F 48 -0.42 -30.22 15.53
CA ALA F 48 -0.90 -31.38 16.32
C ALA F 48 -1.94 -30.87 17.25
N LEU F 49 -2.69 -31.75 17.88
CA LEU F 49 -3.73 -31.37 18.81
C LEU F 49 -3.48 -32.06 20.15
N GLU F 50 -3.73 -31.34 21.26
CA GLU F 50 -3.81 -31.94 22.59
C GLU F 50 -5.17 -31.70 23.09
N LEU F 51 -5.84 -32.77 23.45
CA LEU F 51 -7.22 -32.71 23.82
C LEU F 51 -7.35 -33.44 25.13
N GLY F 52 -7.98 -32.79 26.10
CA GLY F 52 -8.49 -33.45 27.30
C GLY F 52 -9.97 -33.84 27.24
N PHE F 53 -10.32 -34.94 27.92
CA PHE F 53 -11.71 -35.21 28.27
C PHE F 53 -12.14 -34.51 29.58
N PRO F 54 -13.42 -34.11 29.68
CA PRO F 54 -13.88 -33.42 30.85
C PRO F 54 -13.85 -34.28 32.10
N PHE F 55 -13.47 -33.60 33.20
CA PHE F 55 -13.17 -34.25 34.49
C PHE F 55 -13.37 -33.26 35.64
N SER F 56 -14.23 -33.65 36.59
CA SER F 56 -14.65 -32.80 37.72
C SER F 56 -13.54 -32.10 38.51
N ASP F 57 -12.56 -32.86 38.95
CA ASP F 57 -11.64 -32.40 39.92
C ASP F 57 -10.25 -32.71 39.44
N PRO F 58 -9.79 -31.95 38.43
CA PRO F 58 -8.48 -32.09 37.83
C PRO F 58 -7.39 -31.55 38.71
N LEU F 59 -6.90 -32.39 39.61
CA LEU F 59 -6.02 -31.89 40.70
C LEU F 59 -4.74 -31.23 40.23
N ALA F 60 -4.35 -31.52 39.00
CA ALA F 60 -3.12 -31.07 38.45
C ALA F 60 -3.32 -29.85 37.55
N ASP F 61 -4.46 -29.16 37.60
CA ASP F 61 -4.62 -27.96 36.77
C ASP F 61 -5.14 -26.78 37.53
N GLY F 62 -4.92 -25.57 37.04
CA GLY F 62 -5.34 -24.38 37.78
C GLY F 62 -6.71 -23.90 37.33
N PRO F 63 -7.05 -22.66 37.65
CA PRO F 63 -8.40 -22.14 37.50
C PRO F 63 -9.00 -22.19 36.12
N VAL F 64 -8.28 -21.65 35.15
CA VAL F 64 -8.69 -21.65 33.75
C VAL F 64 -9.12 -23.06 33.23
N ILE F 65 -8.27 -24.04 33.39
CA ILE F 65 -8.56 -25.37 32.85
C ILE F 65 -9.53 -26.13 33.76
N GLN F 66 -9.59 -25.75 35.04
CA GLN F 66 -10.67 -26.20 35.93
C GLN F 66 -11.99 -25.68 35.38
N GLY F 67 -12.04 -24.42 34.96
CA GLY F 67 -13.26 -23.90 34.35
C GLY F 67 -13.65 -24.73 33.12
N ALA F 68 -12.69 -25.02 32.23
CA ALA F 68 -13.02 -25.70 30.97
C ALA F 68 -13.69 -27.00 31.27
N ASN F 69 -13.24 -27.62 32.34
CA ASN F 69 -13.65 -28.96 32.62
C ASN F 69 -15.07 -28.91 33.14
N LEU F 70 -15.40 -27.92 33.95
CA LEU F 70 -16.78 -27.80 34.39
C LEU F 70 -17.74 -27.26 33.33
N ARG F 71 -17.29 -26.40 32.43
CA ARG F 71 -18.22 -25.97 31.38
C ARG F 71 -18.69 -27.22 30.58
N SER F 72 -17.73 -28.08 30.26
CA SER F 72 -17.92 -29.22 29.39
C SER F 72 -18.80 -30.25 30.04
N LEU F 73 -18.55 -30.51 31.31
CA LEU F 73 -19.46 -31.33 32.07
C LEU F 73 -20.87 -30.67 32.16
N ALA F 74 -20.96 -29.35 32.36
CA ALA F 74 -22.29 -28.68 32.35
C ALA F 74 -22.99 -28.79 31.02
N ALA F 75 -22.26 -28.83 29.92
CA ALA F 75 -22.96 -29.02 28.65
C ALA F 75 -23.22 -30.46 28.35
N GLY F 76 -22.88 -31.36 29.27
CA GLY F 76 -23.31 -32.73 29.19
C GLY F 76 -22.51 -33.61 28.26
N THR F 77 -21.23 -33.28 28.15
CA THR F 77 -20.41 -33.97 27.26
C THR F 77 -19.95 -35.31 27.89
N THR F 78 -20.11 -36.37 27.10
CA THR F 78 -19.85 -37.71 27.48
C THR F 78 -18.51 -38.17 26.90
N SER F 79 -18.03 -39.29 27.35
CA SER F 79 -16.78 -39.79 26.85
C SER F 79 -17.04 -40.28 25.40
N SER F 80 -18.28 -40.66 25.12
CA SER F 80 -18.62 -41.01 23.78
C SER F 80 -18.73 -39.74 22.90
N ASP F 81 -19.42 -38.70 23.36
CA ASP F 81 -19.37 -37.41 22.65
C ASP F 81 -17.91 -37.11 22.30
N CYS F 82 -17.00 -37.28 23.27
CA CYS F 82 -15.60 -36.92 23.01
C CYS F 82 -14.99 -37.76 21.88
N PHE F 83 -15.21 -39.06 21.99
CA PHE F 83 -14.59 -39.98 21.05
C PHE F 83 -15.16 -39.74 19.72
N ASP F 84 -16.36 -39.15 19.69
CA ASP F 84 -17.13 -38.88 18.46
C ASP F 84 -16.48 -37.79 17.68
N ILE F 85 -16.19 -36.72 18.42
CA ILE F 85 -15.48 -35.50 17.90
C ILE F 85 -14.09 -35.80 17.31
N ILE F 86 -13.36 -36.69 17.95
CA ILE F 86 -12.04 -37.11 17.50
C ILE F 86 -12.31 -37.87 16.23
N THR F 87 -13.26 -38.80 16.22
CA THR F 87 -13.41 -39.54 15.00
C THR F 87 -13.81 -38.61 13.85
N LYS F 88 -14.71 -37.64 14.07
CA LYS F 88 -14.93 -36.59 13.01
C LYS F 88 -13.66 -35.80 12.59
N VAL F 89 -12.86 -35.33 13.55
CA VAL F 89 -11.66 -34.57 13.22
C VAL F 89 -10.66 -35.43 12.47
N ARG F 90 -10.56 -36.71 12.78
CA ARG F 90 -9.65 -37.62 12.04
C ARG F 90 -10.10 -37.77 10.61
N ALA F 91 -11.40 -37.87 10.37
CA ALA F 91 -11.87 -38.01 8.98
C ALA F 91 -11.57 -36.73 8.22
N GLN F 92 -11.68 -35.59 8.92
CA GLN F 92 -11.31 -34.30 8.32
C GLN F 92 -9.84 -34.00 8.13
N HIS F 93 -8.99 -34.74 8.83
CA HIS F 93 -7.54 -34.47 8.89
C HIS F 93 -6.78 -35.78 9.17
N PRO F 94 -6.66 -36.62 8.14
CA PRO F 94 -6.04 -37.92 8.28
C PRO F 94 -4.69 -37.93 8.89
N ASP F 95 -3.89 -36.90 8.69
CA ASP F 95 -2.44 -36.97 9.10
C ASP F 95 -2.05 -36.13 10.33
N MET F 96 -2.89 -35.22 10.74
CA MET F 96 -2.80 -34.44 12.01
C MET F 96 -2.57 -35.31 13.26
N PRO F 97 -1.47 -35.14 14.01
CA PRO F 97 -1.40 -35.94 15.25
C PRO F 97 -2.36 -35.48 16.32
N ILE F 98 -3.08 -36.42 16.89
CA ILE F 98 -4.05 -36.16 17.97
C ILE F 98 -3.61 -36.91 19.21
N GLY F 99 -3.19 -36.14 20.19
CA GLY F 99 -2.87 -36.73 21.47
C GLY F 99 -3.91 -36.37 22.49
N LEU F 100 -4.18 -37.28 23.39
CA LEU F 100 -4.99 -36.95 24.56
C LEU F 100 -4.18 -36.69 25.85
N LEU F 101 -4.74 -35.83 26.69
CA LEU F 101 -4.19 -35.55 28.02
C LEU F 101 -5.29 -35.80 29.02
N LEU F 102 -5.01 -36.75 29.93
CA LEU F 102 -6.09 -37.43 30.64
C LEU F 102 -5.75 -37.67 32.08
N TYR F 103 -6.78 -37.78 32.92
CA TYR F 103 -6.62 -38.26 34.32
C TYR F 103 -6.92 -39.72 34.47
N ALA F 104 -6.09 -40.36 35.25
CA ALA F 104 -6.11 -41.77 35.39
C ALA F 104 -7.48 -42.29 35.65
N ASN F 105 -8.18 -41.72 36.62
CA ASN F 105 -9.48 -42.27 36.99
C ASN F 105 -10.53 -42.33 35.88
N LEU F 106 -10.44 -41.39 34.94
CA LEU F 106 -11.31 -41.34 33.77
C LEU F 106 -11.15 -42.52 32.88
N VAL F 107 -9.90 -42.94 32.78
CA VAL F 107 -9.57 -44.07 31.97
C VAL F 107 -10.08 -45.31 32.67
N PHE F 108 -9.85 -45.37 33.98
CA PHE F 108 -10.30 -46.54 34.80
C PHE F 108 -11.81 -46.67 34.90
N ALA F 109 -12.51 -45.55 34.95
CA ALA F 109 -13.93 -45.51 35.04
C ALA F 109 -14.58 -46.13 33.81
N ASN F 110 -14.01 -45.89 32.64
CA ASN F 110 -14.55 -46.48 31.40
C ASN F 110 -14.32 -47.98 31.38
N GLY F 111 -13.19 -48.37 31.98
CA GLY F 111 -12.52 -49.61 31.71
C GLY F 111 -11.32 -49.29 30.83
N ILE F 112 -10.17 -49.78 31.20
CA ILE F 112 -8.97 -49.47 30.50
C ILE F 112 -8.94 -49.95 29.05
N ASP F 113 -9.30 -51.19 28.81
CA ASP F 113 -9.31 -51.66 27.44
C ASP F 113 -10.45 -51.02 26.71
N GLU F 114 -11.63 -51.07 27.24
CA GLU F 114 -12.69 -50.31 26.60
C GLU F 114 -12.20 -48.89 26.17
N PHE F 115 -11.41 -48.22 27.01
CA PHE F 115 -10.98 -46.89 26.66
C PHE F 115 -10.04 -46.81 25.43
N TYR F 116 -8.97 -47.61 25.49
CA TYR F 116 -7.89 -47.56 24.53
C TYR F 116 -8.36 -48.12 23.23
N THR F 117 -9.32 -49.02 23.30
CA THR F 117 -9.92 -49.59 22.13
C THR F 117 -10.69 -48.54 21.40
N LYS F 118 -11.55 -47.80 22.11
CA LYS F 118 -12.25 -46.69 21.49
C LYS F 118 -11.29 -45.66 20.96
N ALA F 119 -10.19 -45.45 21.65
CA ALA F 119 -9.25 -44.42 21.13
C ALA F 119 -8.46 -44.90 19.90
N GLN F 120 -8.12 -46.16 19.88
CA GLN F 120 -7.53 -46.75 18.69
C GLN F 120 -8.46 -46.53 17.52
N ALA F 121 -9.78 -46.73 17.67
CA ALA F 121 -10.64 -46.64 16.45
C ALA F 121 -10.97 -45.23 16.10
N ALA F 122 -11.22 -44.37 17.09
CA ALA F 122 -11.44 -42.95 16.75
C ALA F 122 -10.25 -42.31 16.17
N GLY F 123 -9.10 -42.97 16.27
CA GLY F 123 -7.88 -42.53 15.62
C GLY F 123 -6.85 -41.73 16.44
N VAL F 124 -6.76 -41.91 17.76
CA VAL F 124 -5.83 -41.12 18.55
C VAL F 124 -4.43 -41.66 18.35
N ASP F 125 -3.46 -40.77 18.40
CA ASP F 125 -2.06 -41.18 18.32
C ASP F 125 -1.32 -41.26 19.66
N SER F 126 -1.61 -40.42 20.64
CA SER F 126 -0.95 -40.54 21.93
C SER F 126 -1.89 -40.29 23.06
N VAL F 127 -1.47 -40.72 24.24
CA VAL F 127 -2.20 -40.49 25.51
C VAL F 127 -1.19 -40.17 26.62
N LEU F 128 -1.28 -39.00 27.23
CA LEU F 128 -0.53 -38.66 28.45
C LEU F 128 -1.48 -38.83 29.60
N ILE F 129 -1.10 -39.66 30.57
CA ILE F 129 -1.79 -39.69 31.89
C ILE F 129 -1.10 -38.69 32.80
N ALA F 130 -1.78 -37.58 33.03
CA ALA F 130 -1.26 -36.47 33.81
C ALA F 130 -0.95 -36.79 35.28
N ASP F 131 -1.83 -37.52 35.95
CA ASP F 131 -1.66 -37.66 37.38
C ASP F 131 -1.02 -39.00 37.75
N VAL F 132 -0.10 -39.49 36.94
CA VAL F 132 0.55 -40.76 37.29
C VAL F 132 2.03 -40.71 36.94
N PRO F 133 2.85 -40.96 37.96
CA PRO F 133 4.29 -41.04 37.80
C PRO F 133 4.76 -42.13 36.80
N VAL F 134 5.82 -41.79 36.06
CA VAL F 134 6.44 -42.70 35.07
C VAL F 134 6.51 -44.12 35.62
N GLU F 135 6.96 -44.21 36.86
CA GLU F 135 7.22 -45.49 37.50
C GLU F 135 5.95 -46.24 37.85
N GLU F 136 4.84 -45.53 38.02
CA GLU F 136 3.63 -46.19 38.42
C GLU F 136 2.71 -46.30 37.23
N SER F 137 3.29 -46.30 36.02
CA SER F 137 2.53 -46.10 34.80
C SER F 137 2.29 -47.33 33.95
N ALA F 138 2.97 -48.43 34.27
CA ALA F 138 2.91 -49.61 33.42
C ALA F 138 1.56 -49.96 32.78
N PRO F 139 0.50 -50.16 33.57
CA PRO F 139 -0.75 -50.60 32.90
C PRO F 139 -1.17 -49.72 31.74
N PHE F 140 -0.82 -48.43 31.84
CA PHE F 140 -1.06 -47.40 30.81
C PHE F 140 -0.20 -47.48 29.54
N SER F 141 1.09 -47.71 29.69
CA SER F 141 1.94 -48.08 28.56
C SER F 141 1.50 -49.40 28.00
N LYS F 142 1.21 -50.36 28.85
CA LYS F 142 0.86 -51.68 28.35
C LYS F 142 -0.40 -51.55 27.52
N ALA F 143 -1.35 -50.77 28.02
CA ALA F 143 -2.61 -50.51 27.28
C ALA F 143 -2.42 -49.74 25.99
N ALA F 144 -1.61 -48.67 26.00
CA ALA F 144 -1.41 -47.87 24.81
C ALA F 144 -0.72 -48.65 23.72
N LYS F 145 0.34 -49.33 24.10
CA LYS F 145 1.18 -50.00 23.14
C LYS F 145 0.36 -51.07 22.54
N ALA F 146 -0.36 -51.85 23.35
CA ALA F 146 -1.15 -52.89 22.76
C ALA F 146 -2.13 -52.33 21.73
N HIS F 147 -2.47 -51.05 21.82
CA HIS F 147 -3.47 -50.48 20.88
C HIS F 147 -2.98 -49.47 19.85
N GLY F 148 -1.72 -49.55 19.45
CA GLY F 148 -1.15 -48.62 18.49
C GLY F 148 -0.86 -47.21 18.95
N ILE F 149 -1.10 -46.93 20.21
CA ILE F 149 -1.02 -45.60 20.69
C ILE F 149 0.33 -45.41 21.35
N ALA F 150 0.88 -44.20 21.20
CA ALA F 150 2.04 -43.78 21.94
C ALA F 150 1.67 -43.38 23.30
N PRO F 151 2.40 -43.88 24.29
CA PRO F 151 2.26 -43.40 25.64
C PRO F 151 3.25 -42.24 25.90
N ILE F 152 2.72 -41.07 26.22
CA ILE F 152 3.51 -39.84 26.43
C ILE F 152 3.85 -39.64 27.89
N PHE F 153 5.02 -39.05 28.15
CA PHE F 153 5.49 -38.85 29.51
C PHE F 153 5.99 -37.46 29.77
N ILE F 154 5.99 -37.06 31.04
CA ILE F 154 6.35 -35.71 31.41
C ILE F 154 7.67 -35.67 32.10
N ALA F 155 8.56 -34.82 31.62
CA ALA F 155 9.72 -34.34 32.41
C ALA F 155 9.35 -33.06 33.16
N PRO F 156 9.25 -33.15 34.50
CA PRO F 156 8.94 -32.03 35.36
C PRO F 156 10.15 -31.18 35.64
N PRO F 157 9.92 -29.94 36.13
CA PRO F 157 10.90 -28.85 36.31
C PRO F 157 12.28 -29.28 36.84
N ASN F 158 12.33 -29.69 38.11
CA ASN F 158 13.58 -30.13 38.77
C ASN F 158 13.74 -31.66 38.75
N ALA F 159 13.92 -32.20 37.55
CA ALA F 159 14.08 -33.64 37.36
C ALA F 159 15.53 -34.03 37.11
N ASP F 160 15.91 -35.16 37.69
CA ASP F 160 17.31 -35.63 37.68
C ASP F 160 17.61 -36.66 36.59
N ALA F 161 18.86 -36.71 36.18
CA ALA F 161 19.32 -37.64 35.20
C ALA F 161 18.59 -39.00 35.26
N ASP F 162 18.39 -39.55 36.46
CA ASP F 162 17.72 -40.87 36.56
C ASP F 162 16.26 -40.88 36.10
N THR F 163 15.56 -39.77 36.31
CA THR F 163 14.19 -39.67 35.85
C THR F 163 14.14 -39.30 34.36
N LEU F 164 14.85 -38.25 33.94
CA LEU F 164 14.85 -37.82 32.55
C LEU F 164 15.09 -39.00 31.61
N LYS F 165 15.99 -39.86 32.05
CA LYS F 165 16.38 -41.01 31.25
C LYS F 165 15.25 -42.01 31.11
N MET F 166 14.42 -42.17 32.14
CA MET F 166 13.40 -43.21 32.06
C MET F 166 12.21 -42.71 31.23
N VAL F 167 11.92 -41.43 31.35
CA VAL F 167 11.04 -40.72 30.43
C VAL F 167 11.55 -40.89 29.00
N SER F 168 12.82 -40.61 28.81
CA SER F 168 13.44 -40.69 27.47
C SER F 168 13.26 -41.99 26.75
N GLU F 169 13.13 -43.11 27.46
CA GLU F 169 13.10 -44.39 26.75
C GLU F 169 11.71 -44.91 26.67
N GLN F 170 10.83 -44.32 27.48
CA GLN F 170 9.58 -44.97 27.76
C GLN F 170 8.36 -44.76 26.82
N GLY F 171 7.94 -43.55 26.45
CA GLY F 171 8.72 -42.47 25.97
C GLY F 171 8.55 -42.67 24.48
N GLU F 172 7.39 -42.33 23.90
CA GLU F 172 7.22 -42.26 22.40
C GLU F 172 6.45 -41.03 21.92
N GLY F 173 6.67 -40.59 20.70
CA GLY F 173 5.76 -39.59 20.04
C GLY F 173 6.41 -38.25 20.21
N TYR F 174 6.37 -37.74 21.44
CA TYR F 174 7.08 -36.56 21.76
C TYR F 174 7.25 -36.63 23.23
N THR F 175 8.06 -35.74 23.81
CA THR F 175 8.20 -35.69 25.27
C THR F 175 7.68 -34.35 25.79
N TYR F 176 6.91 -34.43 26.89
CA TYR F 176 6.19 -33.29 27.43
C TYR F 176 7.05 -32.74 28.55
N LEU F 177 7.25 -31.43 28.55
CA LEU F 177 8.09 -30.81 29.50
C LEU F 177 7.22 -29.82 30.14
N LEU F 178 7.26 -29.82 31.46
CA LEU F 178 6.50 -28.89 32.23
C LEU F 178 7.34 -27.66 32.50
N SER F 179 8.01 -27.20 31.47
CA SER F 179 8.65 -25.87 31.50
C SER F 179 8.48 -25.11 30.15
N ARG F 180 9.19 -23.98 30.06
CA ARG F 180 9.06 -23.00 29.01
C ARG F 180 10.45 -22.37 28.95
N ALA F 181 10.82 -21.76 27.84
CA ALA F 181 12.10 -21.06 27.79
C ALA F 181 11.90 -19.64 28.05
N GLY F 182 12.93 -18.97 28.54
CA GLY F 182 12.87 -17.50 28.65
C GLY F 182 13.04 -16.66 27.35
N VAL F 183 12.64 -15.39 27.40
CA VAL F 183 12.63 -14.53 26.20
C VAL F 183 13.80 -13.54 26.02
N THR F 184 14.23 -12.85 27.08
CA THR F 184 15.45 -11.99 26.95
C THR F 184 16.64 -12.77 26.33
N PRO F 193 19.11 -23.92 32.85
CA PRO F 193 18.08 -24.93 33.07
C PRO F 193 17.51 -25.50 31.77
N ILE F 194 16.76 -24.68 31.05
CA ILE F 194 15.94 -25.20 29.95
C ILE F 194 16.77 -25.86 28.84
N GLU F 195 18.01 -25.42 28.61
CA GLU F 195 18.81 -26.04 27.54
C GLU F 195 19.55 -27.24 28.07
N ASN F 196 19.65 -27.34 29.38
CA ASN F 196 20.41 -28.42 29.95
C ASN F 196 19.60 -29.68 29.82
N ILE F 197 18.38 -29.57 30.30
CA ILE F 197 17.34 -30.61 30.15
C ILE F 197 17.23 -31.04 28.68
N LEU F 198 17.24 -30.07 27.78
CA LEU F 198 16.93 -30.40 26.40
C LEU F 198 18.05 -31.18 25.75
N THR F 199 19.28 -30.86 26.13
CA THR F 199 20.51 -31.52 25.64
C THR F 199 20.65 -32.89 26.24
N GLN F 200 20.35 -32.97 27.54
CA GLN F 200 20.25 -34.24 28.23
C GLN F 200 19.18 -35.21 27.62
N LEU F 201 18.06 -34.68 27.16
CA LEU F 201 17.08 -35.51 26.47
C LEU F 201 17.57 -35.88 25.05
N ALA F 202 18.27 -34.94 24.39
CA ALA F 202 18.88 -35.25 23.14
C ALA F 202 19.79 -36.46 23.38
N GLU F 203 20.65 -36.41 24.39
CA GLU F 203 21.65 -37.45 24.55
C GLU F 203 21.05 -38.77 25.00
N PHE F 204 19.91 -38.74 25.66
CA PHE F 204 19.15 -40.00 25.96
C PHE F 204 18.21 -40.49 24.82
N ASN F 205 18.31 -39.87 23.63
CA ASN F 205 17.44 -40.15 22.46
C ASN F 205 15.97 -40.15 22.82
N ALA F 206 15.54 -38.98 23.28
CA ALA F 206 14.18 -38.78 23.73
C ALA F 206 13.33 -38.47 22.52
N PRO F 207 12.05 -38.89 22.52
CA PRO F 207 11.03 -38.37 21.61
C PRO F 207 11.10 -36.87 21.57
N PRO F 208 10.76 -36.24 20.42
CA PRO F 208 10.93 -34.77 20.35
C PRO F 208 10.24 -33.99 21.46
N PRO F 209 10.97 -33.12 22.10
CA PRO F 209 10.45 -32.42 23.27
C PRO F 209 9.65 -31.21 22.89
N LEU F 210 8.42 -31.17 23.43
CA LEU F 210 7.52 -30.01 23.44
C LEU F 210 7.53 -29.34 24.81
N LEU F 211 7.52 -28.04 24.76
CA LEU F 211 7.55 -27.23 25.89
C LEU F 211 6.12 -26.84 26.17
N GLY F 212 5.68 -27.21 27.35
CA GLY F 212 4.29 -27.03 27.68
C GLY F 212 3.79 -26.21 28.85
N PHE F 213 4.66 -25.45 29.53
CA PHE F 213 4.18 -24.76 30.71
C PHE F 213 4.02 -23.29 30.41
N GLY F 214 2.76 -22.87 30.36
CA GLY F 214 2.42 -21.48 30.33
C GLY F 214 2.84 -20.74 29.08
N ILE F 215 2.74 -21.42 27.94
CA ILE F 215 3.06 -20.80 26.65
C ILE F 215 1.84 -19.96 26.25
N ALA F 216 2.03 -18.67 26.03
CA ALA F 216 0.92 -17.65 25.83
C ALA F 216 1.05 -16.59 24.75
N GLU F 217 2.26 -16.33 24.28
CA GLU F 217 2.55 -15.34 23.27
C GLU F 217 3.57 -15.89 22.26
N PRO F 218 3.58 -15.34 21.06
CA PRO F 218 4.47 -15.81 20.04
C PRO F 218 5.92 -15.97 20.47
N GLU F 219 6.43 -14.97 21.18
CA GLU F 219 7.87 -14.88 21.48
C GLU F 219 8.27 -16.05 22.33
N GLN F 220 7.36 -16.53 23.17
CA GLN F 220 7.65 -17.72 24.03
C GLN F 220 7.83 -18.98 23.18
N VAL F 221 7.00 -19.14 22.15
CA VAL F 221 7.18 -20.21 21.18
C VAL F 221 8.56 -20.06 20.50
N ARG F 222 8.81 -18.87 20.01
CA ARG F 222 10.03 -18.60 19.28
C ARG F 222 11.22 -18.93 20.11
N ALA F 223 11.23 -18.39 21.33
CA ALA F 223 12.23 -18.73 22.34
C ALA F 223 12.47 -20.26 22.54
N ALA F 224 11.40 -21.05 22.36
CA ALA F 224 11.37 -22.47 22.69
C ALA F 224 12.06 -23.33 21.63
N ILE F 225 11.92 -22.84 20.40
CA ILE F 225 12.57 -23.45 19.26
C ILE F 225 14.03 -23.04 19.37
N LYS F 226 14.27 -21.74 19.40
CA LYS F 226 15.59 -21.18 19.67
C LYS F 226 16.29 -22.00 20.72
N ALA F 227 15.61 -22.31 21.82
CA ALA F 227 16.26 -23.11 22.87
C ALA F 227 16.51 -24.58 22.53
N GLY F 228 15.98 -25.04 21.40
CA GLY F 228 16.23 -26.39 20.87
C GLY F 228 15.15 -27.43 21.20
N ALA F 229 13.94 -26.95 21.37
CA ALA F 229 12.80 -27.80 21.51
C ALA F 229 12.13 -28.03 20.14
N ALA F 230 11.46 -29.14 19.93
CA ALA F 230 10.69 -29.35 18.68
C ALA F 230 9.42 -28.47 18.56
N GLY F 231 8.84 -28.04 19.67
CA GLY F 231 7.67 -27.19 19.56
C GLY F 231 7.19 -26.66 20.89
N ALA F 232 5.98 -26.12 20.91
CA ALA F 232 5.39 -25.61 22.12
C ALA F 232 3.94 -26.04 22.19
N ILE F 233 3.51 -26.44 23.38
CA ILE F 233 2.11 -26.73 23.65
C ILE F 233 1.56 -25.58 24.43
N SER F 234 0.36 -25.13 24.08
CA SER F 234 -0.27 -23.98 24.70
C SER F 234 -1.69 -24.34 25.04
N GLY F 235 -2.00 -24.45 26.33
CA GLY F 235 -3.35 -24.81 26.82
C GLY F 235 -4.09 -23.59 27.40
N SER F 236 -3.65 -23.09 28.54
CA SER F 236 -4.43 -22.06 29.23
C SER F 236 -4.71 -20.81 28.45
N ALA F 237 -3.71 -20.35 27.72
CA ALA F 237 -3.87 -19.21 26.81
C ALA F 237 -4.91 -19.50 25.73
N VAL F 238 -5.12 -20.73 25.35
CA VAL F 238 -6.20 -20.99 24.38
C VAL F 238 -7.52 -20.98 25.11
N VAL F 239 -7.58 -21.58 26.30
CA VAL F 239 -8.87 -21.70 27.04
C VAL F 239 -9.34 -20.33 27.58
N LYS F 240 -8.38 -19.55 28.06
CA LYS F 240 -8.61 -18.19 28.44
C LYS F 240 -9.51 -17.50 27.43
N ILE F 241 -9.35 -17.85 26.15
CA ILE F 241 -10.09 -17.21 25.06
C ILE F 241 -11.46 -17.80 24.93
N ILE F 242 -11.58 -19.11 25.16
CA ILE F 242 -12.90 -19.76 25.05
C ILE F 242 -13.82 -19.16 26.09
N GLU F 243 -13.34 -19.10 27.33
CA GLU F 243 -14.07 -18.51 28.48
C GLU F 243 -14.43 -17.04 28.23
N ALA F 244 -13.49 -16.25 27.78
CA ALA F 244 -13.83 -14.87 27.43
C ALA F 244 -15.00 -14.80 26.46
N HIS F 245 -15.04 -15.66 25.44
CA HIS F 245 -16.08 -15.50 24.38
C HIS F 245 -17.04 -16.64 24.27
N GLN F 246 -17.28 -17.33 25.37
CA GLN F 246 -18.09 -18.56 25.29
C GLN F 246 -19.54 -18.37 24.81
N HIS F 247 -19.99 -17.14 24.73
CA HIS F 247 -21.34 -16.87 24.24
C HIS F 247 -21.48 -16.24 22.89
N ASP F 248 -20.45 -15.58 22.39
CA ASP F 248 -20.39 -15.20 20.98
C ASP F 248 -19.43 -16.09 20.09
N GLU F 249 -20.04 -17.05 19.40
CA GLU F 249 -19.36 -17.93 18.46
C GLU F 249 -18.44 -17.22 17.53
N ALA F 250 -18.92 -16.14 16.92
CA ALA F 250 -18.18 -15.51 15.84
C ALA F 250 -16.93 -14.75 16.33
N THR F 251 -17.00 -14.13 17.49
CA THR F 251 -15.81 -13.51 18.07
C THR F 251 -14.86 -14.59 18.57
N LEU F 252 -15.42 -15.63 19.13
CA LEU F 252 -14.66 -16.71 19.71
C LEU F 252 -13.82 -17.43 18.65
N LEU F 253 -14.43 -17.77 17.53
CA LEU F 253 -13.68 -18.44 16.44
C LEU F 253 -12.71 -17.47 15.80
N ALA F 254 -13.17 -16.27 15.53
CA ALA F 254 -12.32 -15.25 15.00
C ALA F 254 -11.11 -14.98 15.93
N LYS F 255 -11.30 -15.08 17.23
CA LYS F 255 -10.25 -14.76 18.16
C LYS F 255 -9.20 -15.86 18.27
N LEU F 256 -9.67 -17.11 18.29
CA LEU F 256 -8.84 -18.29 18.20
C LEU F 256 -8.04 -18.27 16.91
N ALA F 257 -8.74 -18.15 15.77
CA ALA F 257 -8.08 -18.12 14.44
C ALA F 257 -6.89 -17.19 14.51
N GLU F 258 -7.15 -15.94 14.87
CA GLU F 258 -6.11 -14.95 15.03
C GLU F 258 -4.93 -15.37 15.92
N PHE F 259 -5.25 -15.80 17.12
CA PHE F 259 -4.22 -16.09 18.06
C PHE F 259 -3.39 -17.30 17.59
N THR F 260 -4.07 -18.26 16.97
CA THR F 260 -3.43 -19.46 16.53
C THR F 260 -2.43 -19.19 15.41
N THR F 261 -2.86 -18.39 14.49
CA THR F 261 -2.07 -18.14 13.36
C THR F 261 -0.87 -17.33 13.85
N ALA F 262 -1.07 -16.40 14.79
CA ALA F 262 0.06 -15.58 15.30
C ALA F 262 1.07 -16.46 15.96
N MET F 263 0.56 -17.40 16.76
CA MET F 263 1.43 -18.34 17.47
C MET F 263 2.17 -19.25 16.49
N LYS F 264 1.50 -19.72 15.42
CA LYS F 264 2.17 -20.58 14.48
C LYS F 264 3.26 -19.79 13.70
N ALA F 265 3.00 -18.52 13.38
CA ALA F 265 3.95 -17.65 12.69
C ALA F 265 5.24 -17.50 13.41
N ALA F 266 5.23 -17.81 14.69
CA ALA F 266 6.44 -17.77 15.50
C ALA F 266 7.28 -19.04 15.50
N THR F 267 6.81 -20.15 14.88
CA THR F 267 7.57 -21.40 14.81
C THR F 267 8.74 -21.40 13.78
N MET G 1 17.20 43.35 -1.04
CA MET G 1 15.86 42.67 -1.06
C MET G 1 14.94 43.48 -1.99
N SER G 2 13.98 42.84 -2.73
CA SER G 2 13.12 43.52 -3.79
C SER G 2 11.85 42.78 -4.26
N ASN G 3 10.98 43.46 -5.06
CA ASN G 3 9.48 43.30 -4.97
C ASN G 3 8.83 41.88 -4.97
N ARG G 4 8.85 41.13 -6.08
CA ARG G 4 8.33 39.76 -6.02
C ARG G 4 9.22 38.83 -5.21
N TYR G 5 10.54 39.04 -5.23
CA TYR G 5 11.44 38.23 -4.40
C TYR G 5 11.17 38.46 -2.90
N GLN G 6 10.88 39.69 -2.48
CA GLN G 6 10.63 39.93 -1.08
C GLN G 6 9.48 39.08 -0.63
N ALA G 7 8.34 39.23 -1.30
CA ALA G 7 7.21 38.35 -1.06
C ALA G 7 7.66 36.91 -1.08
N LYS G 8 8.40 36.47 -2.09
CA LYS G 8 8.65 35.03 -2.18
C LYS G 8 9.49 34.56 -1.01
N PHE G 9 10.56 35.25 -0.69
CA PHE G 9 11.41 34.85 0.44
C PHE G 9 10.73 34.89 1.83
N ALA G 10 9.80 35.80 2.07
CA ALA G 10 9.05 35.83 3.32
C ALA G 10 8.15 34.61 3.50
N ALA G 11 7.44 34.31 2.43
CA ALA G 11 6.57 33.12 2.40
C ALA G 11 7.41 31.85 2.62
N LEU G 12 8.58 31.82 2.06
CA LEU G 12 9.44 30.68 2.21
C LEU G 12 10.03 30.66 3.63
N LYS G 13 10.36 31.83 4.20
CA LYS G 13 10.81 31.88 5.58
C LYS G 13 9.76 31.32 6.49
N ALA G 14 8.50 31.52 6.15
CA ALA G 14 7.39 31.12 7.05
C ALA G 14 7.15 29.62 7.00
N GLN G 15 7.58 29.01 5.91
CA GLN G 15 7.43 27.58 5.72
C GLN G 15 8.65 26.84 6.22
N ASP G 16 9.66 27.64 6.55
CA ASP G 16 11.00 27.15 6.83
C ASP G 16 11.52 26.31 5.67
N LYS G 17 11.52 26.93 4.49
CA LYS G 17 11.89 26.25 3.31
C LYS G 17 12.85 27.10 2.58
N GLY G 18 13.77 26.46 1.86
CA GLY G 18 14.61 27.14 0.93
C GLY G 18 14.01 27.32 -0.47
N ALA G 19 14.67 28.08 -1.30
CA ALA G 19 14.19 28.27 -2.65
C ALA G 19 15.00 27.40 -3.60
N PHE G 20 14.32 26.84 -4.59
CA PHE G 20 14.99 26.22 -5.69
C PHE G 20 14.74 27.00 -6.96
N VAL G 21 15.81 27.37 -7.66
CA VAL G 21 15.69 28.17 -8.85
C VAL G 21 16.39 27.58 -10.07
N PRO G 22 15.60 26.97 -10.98
CA PRO G 22 16.06 26.44 -12.23
C PRO G 22 16.38 27.55 -13.21
N PHE G 23 17.50 27.41 -13.93
CA PHE G 23 17.87 28.29 -15.04
C PHE G 23 17.82 27.50 -16.32
N VAL G 24 17.40 28.18 -17.35
CA VAL G 24 17.19 27.56 -18.64
C VAL G 24 17.47 28.69 -19.64
N THR G 25 17.90 28.39 -20.87
CA THR G 25 17.99 29.47 -21.85
C THR G 25 16.76 29.46 -22.73
N ILE G 26 16.16 30.63 -22.83
CA ILE G 26 14.87 30.79 -23.48
C ILE G 26 15.01 30.42 -24.94
N GLY G 27 14.08 29.64 -25.42
CA GLY G 27 14.08 29.22 -26.85
C GLY G 27 14.81 27.92 -27.05
N ASP G 28 15.48 27.44 -26.02
CA ASP G 28 16.17 26.16 -26.09
C ASP G 28 15.22 25.05 -25.74
N PRO G 29 15.00 24.09 -26.67
CA PRO G 29 15.58 23.90 -27.96
C PRO G 29 14.71 24.33 -29.12
N SER G 30 13.59 24.94 -28.80
CA SER G 30 12.88 25.84 -29.73
C SER G 30 11.96 26.78 -28.95
N PRO G 31 11.50 27.85 -29.59
CA PRO G 31 10.60 28.72 -28.85
C PRO G 31 9.41 28.05 -28.27
N GLU G 32 8.67 27.26 -29.03
CA GLU G 32 7.52 26.60 -28.42
C GLU G 32 7.90 25.56 -27.36
N LEU G 33 8.93 24.78 -27.58
CA LEU G 33 9.22 23.77 -26.58
C LEU G 33 9.76 24.42 -25.32
N SER G 34 10.54 25.49 -25.50
CA SER G 34 11.09 26.23 -24.37
C SER G 34 10.00 26.64 -23.42
N LEU G 35 8.87 27.08 -24.00
CA LEU G 35 7.78 27.58 -23.21
C LEU G 35 7.26 26.47 -22.34
N LYS G 36 6.93 25.32 -22.96
CA LYS G 36 6.42 24.17 -22.25
C LYS G 36 7.41 23.77 -21.19
N ILE G 37 8.69 23.89 -21.49
CA ILE G 37 9.71 23.60 -20.51
C ILE G 37 9.59 24.45 -19.23
N ILE G 38 9.45 25.75 -19.38
CA ILE G 38 9.48 26.64 -18.21
C ILE G 38 8.20 26.44 -17.42
N GLN G 39 7.12 26.18 -18.14
CA GLN G 39 5.89 25.84 -17.44
C GLN G 39 6.11 24.52 -16.68
N THR G 40 6.64 23.48 -17.30
CA THR G 40 7.07 22.32 -16.52
C THR G 40 7.89 22.67 -15.24
N LEU G 41 8.96 23.41 -15.37
CA LEU G 41 9.63 24.04 -14.20
C LEU G 41 8.71 24.66 -13.17
N VAL G 42 7.84 25.57 -13.59
CA VAL G 42 7.00 26.23 -12.57
C VAL G 42 6.07 25.21 -11.89
N ASP G 43 5.47 24.34 -12.70
CA ASP G 43 4.42 23.47 -12.25
C ASP G 43 4.93 22.45 -11.29
N ASN G 44 6.20 22.10 -11.34
CA ASN G 44 6.73 21.10 -10.41
C ASN G 44 7.61 21.74 -9.31
N GLY G 45 7.34 23.02 -9.04
CA GLY G 45 7.73 23.65 -7.79
C GLY G 45 8.88 24.64 -7.80
N ALA G 46 9.18 25.25 -8.93
CA ALA G 46 10.13 26.26 -9.01
C ALA G 46 9.64 27.40 -8.16
N ASP G 47 10.54 27.88 -7.30
CA ASP G 47 10.27 29.05 -6.46
C ASP G 47 10.61 30.33 -7.16
N ALA G 48 11.34 30.23 -8.26
CA ALA G 48 11.72 31.40 -9.11
C ALA G 48 12.40 30.90 -10.35
N LEU G 49 12.62 31.77 -11.29
CA LEU G 49 12.96 31.35 -12.58
C LEU G 49 14.13 32.19 -13.07
N GLU G 50 15.12 31.49 -13.63
CA GLU G 50 16.33 32.14 -14.10
C GLU G 50 16.37 31.95 -15.59
N LEU G 51 16.22 33.01 -16.34
CA LEU G 51 16.28 32.81 -17.76
C LEU G 51 17.41 33.55 -18.46
N GLY G 52 18.25 32.81 -19.20
CA GLY G 52 19.09 33.41 -20.22
C GLY G 52 18.39 33.75 -21.55
N PHE G 53 18.70 34.96 -22.07
CA PHE G 53 18.59 35.22 -23.51
C PHE G 53 19.79 34.62 -24.25
N PRO G 54 19.55 34.08 -25.46
CA PRO G 54 20.57 33.35 -26.21
C PRO G 54 21.64 34.23 -26.83
N PHE G 55 22.89 33.83 -26.67
CA PHE G 55 24.00 34.64 -27.09
C PHE G 55 25.05 33.68 -27.61
N SER G 56 25.57 33.94 -28.80
CA SER G 56 26.38 32.94 -29.50
C SER G 56 27.65 32.59 -28.76
N ASP G 57 28.27 33.58 -28.10
CA ASP G 57 29.56 33.39 -27.49
C ASP G 57 29.54 33.84 -26.02
N PRO G 58 29.13 32.91 -25.12
CA PRO G 58 29.05 33.22 -23.69
C PRO G 58 30.31 32.90 -22.89
N LEU G 59 31.17 33.89 -22.81
CA LEU G 59 32.49 33.75 -22.25
C LEU G 59 32.58 33.24 -20.84
N ALA G 60 31.49 33.34 -20.10
CA ALA G 60 31.49 32.90 -18.74
C ALA G 60 30.74 31.60 -18.55
N ASP G 61 30.45 30.88 -19.64
CA ASP G 61 29.68 29.67 -19.55
C ASP G 61 30.47 28.43 -20.03
N GLY G 62 30.13 27.25 -19.52
CA GLY G 62 30.83 26.04 -19.87
C GLY G 62 30.16 25.41 -21.06
N PRO G 63 30.70 24.31 -21.57
CA PRO G 63 30.19 23.67 -22.74
C PRO G 63 28.70 23.31 -22.74
N VAL G 64 28.10 23.06 -21.60
CA VAL G 64 26.70 22.66 -21.54
C VAL G 64 25.81 23.88 -21.80
N ILE G 65 26.08 24.97 -21.09
CA ILE G 65 25.33 26.17 -21.33
C ILE G 65 25.64 26.84 -22.69
N GLN G 66 26.89 26.81 -23.17
CA GLN G 66 27.20 27.18 -24.57
C GLN G 66 26.26 26.49 -25.58
N GLY G 67 26.23 25.17 -25.52
CA GLY G 67 25.40 24.38 -26.43
C GLY G 67 23.95 24.76 -26.32
N ALA G 68 23.56 25.27 -25.16
CA ALA G 68 22.21 25.69 -24.94
C ALA G 68 21.92 26.94 -25.73
N ASN G 69 22.80 27.92 -25.60
CA ASN G 69 22.74 29.09 -26.40
C ASN G 69 22.71 28.77 -27.88
N LEU G 70 23.67 27.99 -28.33
CA LEU G 70 23.77 27.56 -29.71
C LEU G 70 22.51 26.86 -30.27
N ARG G 71 21.86 25.98 -29.50
CA ARG G 71 20.59 25.36 -29.98
C ARG G 71 19.51 26.37 -30.19
N SER G 72 19.42 27.31 -29.25
CA SER G 72 18.38 28.30 -29.24
C SER G 72 18.51 29.26 -30.42
N LEU G 73 19.74 29.68 -30.75
CA LEU G 73 19.99 30.58 -31.88
C LEU G 73 19.66 29.85 -33.16
N ALA G 74 19.98 28.56 -33.23
CA ALA G 74 19.68 27.75 -34.42
C ALA G 74 18.20 27.35 -34.58
N ALA G 75 17.40 27.50 -33.53
CA ALA G 75 15.96 27.36 -33.69
C ALA G 75 15.34 28.67 -34.19
N GLY G 76 16.21 29.66 -34.37
CA GLY G 76 15.75 30.96 -34.81
C GLY G 76 15.16 31.81 -33.73
N THR G 77 15.49 31.56 -32.47
CA THR G 77 14.97 32.35 -31.39
C THR G 77 15.47 33.79 -31.46
N THR G 78 14.55 34.73 -31.28
CA THR G 78 14.88 36.16 -31.31
C THR G 78 14.65 36.82 -29.98
N SER G 79 15.29 37.96 -29.76
CA SER G 79 14.95 38.83 -28.65
C SER G 79 13.44 38.93 -28.45
N SER G 80 12.68 39.10 -29.52
CA SER G 80 11.27 39.41 -29.38
C SER G 80 10.49 38.16 -29.01
N ASP G 81 10.95 37.00 -29.48
CA ASP G 81 10.36 35.71 -29.04
C ASP G 81 10.56 35.53 -27.56
N CYS G 82 11.70 35.99 -27.05
CA CYS G 82 12.00 35.79 -25.65
C CYS G 82 11.08 36.58 -24.80
N PHE G 83 10.93 37.86 -25.11
CA PHE G 83 9.94 38.71 -24.45
C PHE G 83 8.54 38.15 -24.51
N ASP G 84 8.13 37.60 -25.61
CA ASP G 84 6.81 37.00 -25.67
C ASP G 84 6.66 35.89 -24.65
N ILE G 85 7.64 35.00 -24.59
CA ILE G 85 7.55 33.89 -23.67
C ILE G 85 7.40 34.40 -22.28
N ILE G 86 8.36 35.21 -21.84
CA ILE G 86 8.27 35.82 -20.55
C ILE G 86 6.91 36.52 -20.34
N THR G 87 6.35 37.21 -21.35
CA THR G 87 5.08 37.85 -21.05
C THR G 87 3.94 36.83 -20.92
N LYS G 88 3.97 35.75 -21.66
CA LYS G 88 3.01 34.64 -21.42
C LYS G 88 3.21 33.91 -20.09
N VAL G 89 4.49 33.67 -19.74
CA VAL G 89 4.76 33.06 -18.41
C VAL G 89 4.31 34.02 -17.26
N ARG G 90 4.48 35.32 -17.39
CA ARG G 90 4.00 36.22 -16.31
C ARG G 90 2.46 36.24 -16.17
N ALA G 91 1.77 36.34 -17.33
CA ALA G 91 0.31 36.26 -17.42
C ALA G 91 -0.23 35.10 -16.65
N GLN G 92 0.47 33.97 -16.80
CA GLN G 92 0.09 32.68 -16.20
C GLN G 92 0.48 32.53 -14.75
N HIS G 93 1.59 33.14 -14.41
CA HIS G 93 2.09 33.12 -13.06
C HIS G 93 2.45 34.53 -12.60
N PRO G 94 1.50 35.29 -12.08
CA PRO G 94 1.76 36.70 -11.71
C PRO G 94 2.70 36.96 -10.57
N ASP G 95 3.09 35.94 -9.83
CA ASP G 95 3.81 36.13 -8.54
C ASP G 95 5.16 35.42 -8.46
N MET G 96 5.40 34.55 -9.44
CA MET G 96 6.62 33.80 -9.60
C MET G 96 7.73 34.78 -9.80
N PRO G 97 8.81 34.79 -8.98
CA PRO G 97 9.85 35.70 -9.40
C PRO G 97 10.60 35.32 -10.67
N ILE G 98 10.71 36.27 -11.58
CA ILE G 98 11.36 35.99 -12.88
C ILE G 98 12.61 36.83 -13.08
N GLY G 99 13.77 36.17 -13.13
CA GLY G 99 15.05 36.88 -13.17
C GLY G 99 15.73 36.60 -14.48
N LEU G 100 16.47 37.54 -15.01
CA LEU G 100 17.26 37.28 -16.23
C LEU G 100 18.80 37.19 -15.97
N LEU G 101 19.43 36.28 -16.70
CA LEU G 101 20.84 36.14 -16.74
C LEU G 101 21.25 36.51 -18.16
N LEU G 102 21.97 37.62 -18.32
CA LEU G 102 22.34 38.14 -19.64
C LEU G 102 23.81 38.51 -19.72
N TYR G 103 24.28 38.64 -20.94
CA TYR G 103 25.57 39.23 -21.29
C TYR G 103 25.35 40.66 -21.78
N ALA G 104 26.36 41.48 -21.49
CA ALA G 104 26.26 42.92 -21.63
C ALA G 104 25.99 43.35 -23.05
N ASN G 105 26.65 42.68 -23.98
CA ASN G 105 26.54 42.96 -25.45
C ASN G 105 25.14 42.64 -25.93
N LEU G 106 24.55 41.66 -25.32
CA LEU G 106 23.18 41.37 -25.68
C LEU G 106 22.31 42.60 -25.34
N VAL G 107 22.66 43.31 -24.27
CA VAL G 107 21.87 44.41 -23.76
C VAL G 107 22.19 45.76 -24.40
N PHE G 108 23.48 46.05 -24.62
CA PHE G 108 23.91 47.21 -25.43
C PHE G 108 23.31 47.13 -26.83
N ALA G 109 23.30 45.94 -27.43
CA ALA G 109 22.86 45.75 -28.82
C ALA G 109 21.48 46.37 -29.04
N ASN G 110 20.55 45.98 -28.17
CA ASN G 110 19.19 46.49 -28.11
C ASN G 110 19.08 48.03 -27.85
N GLY G 111 20.10 48.58 -27.17
CA GLY G 111 19.97 49.82 -26.34
C GLY G 111 19.53 49.50 -24.90
N ILE G 112 20.21 50.04 -23.92
CA ILE G 112 19.95 49.72 -22.51
C ILE G 112 18.49 50.08 -22.12
N ASP G 113 18.22 51.37 -22.02
CA ASP G 113 16.88 51.81 -21.64
C ASP G 113 15.76 51.08 -22.38
N GLU G 114 15.97 50.71 -23.62
CA GLU G 114 14.94 50.03 -24.35
C GLU G 114 14.83 48.53 -23.91
N PHE G 115 15.94 47.82 -23.75
CA PHE G 115 15.85 46.45 -23.22
C PHE G 115 15.17 46.40 -21.85
N TYR G 116 15.65 47.25 -20.99
CA TYR G 116 15.07 47.35 -19.67
C TYR G 116 13.57 47.72 -19.71
N THR G 117 13.16 48.62 -20.62
CA THR G 117 11.73 48.94 -20.85
C THR G 117 10.92 47.69 -21.29
N LYS G 118 11.41 47.03 -22.33
CA LYS G 118 10.87 45.75 -22.80
C LYS G 118 10.84 44.76 -21.66
N ALA G 119 11.86 44.67 -20.82
CA ALA G 119 11.75 43.66 -19.73
C ALA G 119 10.73 43.99 -18.64
N GLN G 120 10.58 45.26 -18.24
CA GLN G 120 9.49 45.65 -17.30
C GLN G 120 8.14 45.39 -17.88
N ALA G 121 7.88 45.67 -19.14
CA ALA G 121 6.55 45.34 -19.65
C ALA G 121 6.26 43.82 -19.77
N ALA G 122 7.29 43.04 -19.99
CA ALA G 122 7.18 41.60 -19.98
C ALA G 122 6.96 40.98 -18.57
N GLY G 123 7.36 41.70 -17.51
CA GLY G 123 7.17 41.28 -16.17
C GLY G 123 8.43 40.73 -15.49
N VAL G 124 9.62 41.04 -16.01
CA VAL G 124 10.76 40.53 -15.35
C VAL G 124 10.96 41.31 -14.09
N ASP G 125 11.56 40.63 -13.11
CA ASP G 125 11.77 41.13 -11.77
C ASP G 125 13.22 41.54 -11.50
N SER G 126 14.16 40.78 -12.07
CA SER G 126 15.58 41.10 -11.91
C SER G 126 16.38 40.76 -13.12
N VAL G 127 17.56 41.35 -13.21
CA VAL G 127 18.56 41.13 -14.28
C VAL G 127 20.02 40.99 -13.73
N LEU G 128 20.69 39.90 -14.08
CA LEU G 128 22.09 39.67 -13.69
C LEU G 128 22.86 39.75 -14.97
N ILE G 129 23.74 40.76 -15.05
CA ILE G 129 24.70 40.86 -16.14
C ILE G 129 25.96 40.12 -15.77
N ALA G 130 26.11 38.97 -16.38
CA ALA G 130 26.91 37.92 -15.80
C ALA G 130 28.34 38.16 -16.04
N ASP G 131 28.63 38.86 -17.13
CA ASP G 131 29.99 39.13 -17.56
C ASP G 131 30.64 40.43 -16.96
N VAL G 132 29.94 41.17 -16.15
CA VAL G 132 30.48 42.50 -15.76
C VAL G 132 30.61 42.48 -14.26
N PRO G 133 31.75 42.87 -13.73
CA PRO G 133 31.89 42.85 -12.28
C PRO G 133 31.15 44.01 -11.67
N VAL G 134 30.77 43.84 -10.41
CA VAL G 134 30.03 44.92 -9.73
C VAL G 134 30.59 46.31 -9.96
N GLU G 135 31.91 46.44 -9.81
CA GLU G 135 32.47 47.77 -9.76
C GLU G 135 32.38 48.57 -11.08
N GLU G 136 31.75 47.97 -12.09
CA GLU G 136 31.58 48.59 -13.39
C GLU G 136 30.16 48.39 -13.95
N SER G 137 29.28 47.92 -13.12
CA SER G 137 28.02 47.54 -13.63
C SER G 137 27.01 48.69 -13.46
N ALA G 138 27.48 49.82 -12.94
CA ALA G 138 26.64 50.98 -12.71
C ALA G 138 25.70 51.23 -13.88
N PRO G 139 26.19 51.24 -15.12
CA PRO G 139 25.29 51.61 -16.19
C PRO G 139 24.05 50.75 -16.26
N PHE G 140 24.22 49.46 -15.98
CA PHE G 140 23.15 48.48 -16.04
C PHE G 140 22.27 48.48 -14.76
N SER G 141 22.94 48.63 -13.63
CA SER G 141 22.29 48.78 -12.33
C SER G 141 21.36 49.98 -12.30
N LYS G 142 21.74 51.00 -13.03
CA LYS G 142 21.09 52.25 -13.00
C LYS G 142 19.84 52.18 -13.92
N ALA G 143 20.02 51.63 -15.11
CA ALA G 143 18.91 51.19 -15.91
C ALA G 143 17.83 50.30 -15.18
N ALA G 144 18.24 49.26 -14.51
CA ALA G 144 17.32 48.40 -13.81
C ALA G 144 16.52 49.12 -12.71
N LYS G 145 17.16 49.82 -11.80
CA LYS G 145 16.41 50.55 -10.81
C LYS G 145 15.43 51.46 -11.55
N ALA G 146 15.92 52.24 -12.52
CA ALA G 146 15.09 53.20 -13.28
C ALA G 146 13.84 52.61 -13.90
N HIS G 147 13.85 51.28 -14.04
CA HIS G 147 12.76 50.61 -14.67
C HIS G 147 12.13 49.65 -13.73
N GLY G 148 12.38 49.83 -12.46
CA GLY G 148 11.65 49.10 -11.45
C GLY G 148 12.09 47.66 -11.33
N ILE G 149 13.30 47.39 -11.77
CA ILE G 149 13.83 46.07 -11.87
C ILE G 149 15.06 45.97 -11.04
N ALA G 150 15.24 44.83 -10.42
CA ALA G 150 16.28 44.65 -9.42
C ALA G 150 17.54 44.14 -10.05
N PRO G 151 18.68 44.78 -9.70
CA PRO G 151 19.96 44.42 -10.25
C PRO G 151 20.59 43.36 -9.34
N ILE G 152 20.86 42.18 -9.90
CA ILE G 152 21.50 41.07 -9.19
C ILE G 152 23.02 41.13 -9.40
N PHE G 153 23.78 40.75 -8.37
CA PHE G 153 25.23 40.57 -8.53
C PHE G 153 25.72 39.27 -8.04
N ILE G 154 26.90 38.95 -8.55
CA ILE G 154 27.61 37.72 -8.30
C ILE G 154 28.62 38.06 -7.22
N ALA G 155 28.54 37.27 -6.16
CA ALA G 155 29.59 37.13 -5.20
C ALA G 155 30.43 35.95 -5.70
N PRO G 156 31.62 36.24 -6.23
CA PRO G 156 32.48 35.24 -6.83
C PRO G 156 33.37 34.56 -5.79
N PRO G 157 34.07 33.49 -6.22
CA PRO G 157 34.73 32.54 -5.37
C PRO G 157 35.68 33.09 -4.35
N ASN G 158 36.54 34.07 -4.64
CA ASN G 158 37.36 34.60 -3.50
C ASN G 158 37.31 36.11 -3.34
N ALA G 159 36.10 36.62 -3.39
CA ALA G 159 35.89 38.04 -3.18
C ALA G 159 36.42 38.47 -1.80
N ASP G 160 36.96 39.69 -1.78
CA ASP G 160 37.35 40.34 -0.52
C ASP G 160 36.15 41.01 0.12
N ALA G 161 36.26 41.23 1.42
CA ALA G 161 35.21 41.86 2.17
C ALA G 161 34.67 43.10 1.46
N ASP G 162 35.54 43.85 0.79
CA ASP G 162 35.04 45.07 0.16
C ASP G 162 34.14 44.73 -1.00
N THR G 163 34.60 43.82 -1.84
CA THR G 163 33.79 43.33 -2.96
C THR G 163 32.43 42.74 -2.43
N LEU G 164 32.46 41.96 -1.39
CA LEU G 164 31.24 41.54 -0.73
C LEU G 164 30.43 42.67 -0.08
N LYS G 165 31.05 43.76 0.37
CA LYS G 165 30.24 44.86 0.95
C LYS G 165 29.47 45.53 -0.20
N MET G 166 30.11 45.62 -1.34
CA MET G 166 29.52 46.27 -2.47
C MET G 166 28.42 45.39 -3.08
N VAL G 167 28.68 44.10 -3.16
CA VAL G 167 27.66 43.16 -3.60
C VAL G 167 26.44 43.26 -2.68
N SER G 168 26.68 43.40 -1.40
CA SER G 168 25.60 43.36 -0.44
C SER G 168 24.75 44.59 -0.53
N GLU G 169 25.33 45.71 -0.94
CA GLU G 169 24.59 46.95 -0.74
C GLU G 169 23.87 47.42 -1.98
N GLN G 170 24.11 46.72 -3.08
CA GLN G 170 23.88 47.24 -4.39
C GLN G 170 22.83 46.62 -5.35
N GLY G 171 22.59 45.30 -5.44
CA GLY G 171 22.29 44.40 -4.36
C GLY G 171 20.78 44.49 -4.16
N GLU G 172 19.98 43.78 -4.94
CA GLU G 172 18.53 43.79 -4.72
C GLU G 172 17.89 42.43 -5.05
N GLY G 173 17.02 41.91 -4.24
CA GLY G 173 16.23 40.73 -4.67
C GLY G 173 16.80 39.44 -4.12
N TYR G 174 17.88 38.95 -4.70
CA TYR G 174 18.73 37.85 -4.09
C TYR G 174 20.20 38.12 -4.49
N THR G 175 21.10 37.39 -3.86
CA THR G 175 22.48 37.54 -4.24
C THR G 175 22.99 36.19 -4.76
N TYR G 176 23.70 36.25 -5.88
CA TYR G 176 24.15 35.08 -6.58
C TYR G 176 25.50 34.73 -6.08
N LEU G 177 25.60 33.55 -5.48
CA LEU G 177 26.86 33.01 -5.02
C LEU G 177 27.43 31.97 -5.99
N LEU G 178 28.67 32.20 -6.43
CA LEU G 178 29.27 31.34 -7.42
C LEU G 178 30.07 30.24 -6.72
N SER G 179 29.38 29.56 -5.83
CA SER G 179 29.93 28.61 -4.89
C SER G 179 28.78 27.68 -4.60
N ARG G 180 29.10 26.56 -3.96
CA ARG G 180 28.18 25.51 -3.55
C ARG G 180 28.62 25.18 -2.13
N ALA G 181 27.74 24.63 -1.32
CA ALA G 181 28.16 24.03 -0.04
C ALA G 181 28.53 22.58 -0.23
N GLY G 182 29.50 22.12 0.56
CA GLY G 182 29.91 20.69 0.57
C GLY G 182 28.86 19.71 1.06
N VAL G 183 28.77 18.58 0.40
CA VAL G 183 27.75 17.59 0.76
C VAL G 183 28.45 16.66 1.73
N THR G 184 27.84 16.46 2.90
CA THR G 184 28.59 15.92 4.08
C THR G 184 28.97 14.44 3.93
N PRO G 193 35.56 28.93 4.62
CA PRO G 193 34.87 28.14 3.58
C PRO G 193 33.59 28.87 3.12
N ILE G 194 32.49 28.14 2.90
CA ILE G 194 31.23 28.73 2.40
C ILE G 194 30.48 29.48 3.49
N GLU G 195 30.52 28.93 4.70
CA GLU G 195 29.83 29.54 5.86
C GLU G 195 30.47 30.90 6.21
N ASN G 196 31.77 31.05 5.97
CA ASN G 196 32.41 32.31 6.25
C ASN G 196 31.92 33.40 5.33
N ILE G 197 31.47 33.01 4.14
CA ILE G 197 31.00 33.99 3.17
C ILE G 197 29.55 34.32 3.47
N LEU G 198 28.76 33.31 3.83
CA LEU G 198 27.37 33.58 4.16
C LEU G 198 27.24 34.49 5.37
N THR G 199 28.24 34.47 6.26
CA THR G 199 28.22 35.30 7.47
C THR G 199 28.47 36.76 7.17
N GLN G 200 29.53 37.06 6.43
CA GLN G 200 29.82 38.43 6.01
C GLN G 200 28.68 39.01 5.12
N LEU G 201 28.05 38.13 4.33
CA LEU G 201 26.92 38.59 3.51
C LEU G 201 25.76 38.95 4.42
N ALA G 202 25.63 38.20 5.49
CA ALA G 202 24.54 38.42 6.41
C ALA G 202 24.77 39.68 7.21
N GLU G 203 26.00 40.06 7.49
CA GLU G 203 26.19 41.23 8.33
C GLU G 203 26.22 42.50 7.53
N PHE G 204 26.34 42.36 6.21
CA PHE G 204 26.17 43.47 5.31
C PHE G 204 24.72 43.63 4.88
N ASN G 205 23.88 42.64 5.17
CA ASN G 205 22.44 42.71 4.86
C ASN G 205 22.10 42.57 3.37
N ALA G 206 22.79 41.60 2.76
CA ALA G 206 22.66 41.30 1.38
C ALA G 206 21.27 40.85 1.18
N PRO G 207 20.72 41.07 -0.01
CA PRO G 207 19.64 40.29 -0.55
C PRO G 207 19.85 38.85 -0.25
N PRO G 208 18.77 38.09 0.02
CA PRO G 208 18.94 36.67 0.34
C PRO G 208 19.87 36.02 -0.66
N PRO G 209 20.89 35.35 -0.16
CA PRO G 209 21.87 34.67 -1.02
C PRO G 209 21.42 33.33 -1.55
N LEU G 210 21.67 33.06 -2.83
CA LEU G 210 21.49 31.72 -3.35
C LEU G 210 22.78 31.16 -3.86
N LEU G 211 23.03 29.93 -3.50
CA LEU G 211 24.14 29.16 -4.07
C LEU G 211 23.84 28.62 -5.48
N GLY G 212 24.64 29.01 -6.48
CA GLY G 212 24.39 28.65 -7.85
C GLY G 212 25.48 28.03 -8.69
N PHE G 213 26.57 27.54 -8.08
CA PHE G 213 27.60 26.86 -8.89
C PHE G 213 27.52 25.35 -8.74
N GLY G 214 26.99 24.69 -9.77
CA GLY G 214 27.09 23.25 -9.84
C GLY G 214 26.17 22.44 -8.94
N ILE G 215 25.01 23.02 -8.64
CA ILE G 215 23.97 22.32 -7.91
C ILE G 215 23.27 21.37 -8.92
N ALA G 216 23.53 20.09 -8.78
CA ALA G 216 23.02 19.12 -9.72
C ALA G 216 22.10 18.09 -9.09
N GLU G 217 22.11 18.04 -7.78
CA GLU G 217 21.75 16.80 -7.06
C GLU G 217 21.02 17.19 -5.75
N PRO G 218 19.88 16.55 -5.46
CA PRO G 218 19.11 17.07 -4.36
C PRO G 218 19.88 17.23 -3.05
N GLU G 219 20.84 16.37 -2.79
CA GLU G 219 21.65 16.47 -1.57
C GLU G 219 22.43 17.77 -1.52
N GLN G 220 22.79 18.36 -2.65
CA GLN G 220 23.44 19.63 -2.62
C GLN G 220 22.48 20.77 -2.43
N VAL G 221 21.21 20.58 -2.80
CA VAL G 221 20.23 21.61 -2.43
C VAL G 221 20.16 21.63 -0.90
N ARG G 222 20.13 20.44 -0.31
CA ARG G 222 19.92 20.32 1.13
C ARG G 222 21.09 20.89 1.90
N ALA G 223 22.29 20.61 1.41
CA ALA G 223 23.50 21.14 2.02
C ALA G 223 23.58 22.67 1.88
N ALA G 224 23.13 23.19 0.74
CA ALA G 224 23.02 24.64 0.55
C ALA G 224 22.30 25.36 1.68
N ILE G 225 21.16 24.79 2.05
CA ILE G 225 20.29 25.44 3.01
C ILE G 225 20.80 25.24 4.42
N LYS G 226 21.16 23.99 4.74
CA LYS G 226 21.77 23.61 6.03
C LYS G 226 22.91 24.55 6.38
N ALA G 227 23.68 24.95 5.34
CA ALA G 227 24.82 25.86 5.48
C ALA G 227 24.45 27.33 5.54
N GLY G 228 23.17 27.66 5.39
CA GLY G 228 22.71 29.02 5.60
C GLY G 228 22.20 29.83 4.42
N ALA G 229 22.25 29.29 3.21
CA ALA G 229 21.70 30.06 2.09
C ALA G 229 20.16 29.96 2.02
N ALA G 230 19.52 30.96 1.42
CA ALA G 230 18.07 30.93 1.28
C ALA G 230 17.62 29.97 0.20
N GLY G 231 18.59 29.46 -0.57
CA GLY G 231 18.21 28.51 -1.59
C GLY G 231 19.31 28.16 -2.54
N ALA G 232 18.93 27.61 -3.70
CA ALA G 232 19.88 27.10 -4.68
C ALA G 232 19.42 27.37 -6.09
N ILE G 233 20.38 27.70 -6.93
CA ILE G 233 20.11 27.81 -8.33
C ILE G 233 20.87 26.72 -9.03
N SER G 234 20.16 26.10 -9.97
CA SER G 234 20.65 24.99 -10.75
C SER G 234 20.41 25.33 -12.22
N GLY G 235 21.45 25.13 -13.03
CA GLY G 235 21.43 25.46 -14.46
C GLY G 235 21.93 24.36 -15.39
N SER G 236 23.21 24.29 -15.50
CA SER G 236 23.82 23.21 -16.26
C SER G 236 23.14 21.90 -16.14
N ALA G 237 22.78 21.54 -14.93
CA ALA G 237 22.17 20.23 -14.63
C ALA G 237 20.72 20.11 -15.10
N VAL G 238 20.08 21.26 -15.32
CA VAL G 238 18.76 21.29 -15.98
C VAL G 238 18.95 21.25 -17.46
N VAL G 239 19.90 22.03 -17.94
CA VAL G 239 20.19 22.06 -19.36
C VAL G 239 20.62 20.71 -19.87
N LYS G 240 21.49 20.00 -19.17
CA LYS G 240 21.87 18.63 -19.58
C LYS G 240 20.62 17.81 -19.89
N ILE G 241 19.56 18.00 -19.12
CA ILE G 241 18.38 17.15 -19.33
C ILE G 241 17.75 17.45 -20.67
N ILE G 242 17.67 18.76 -21.01
CA ILE G 242 17.18 19.27 -22.30
C ILE G 242 18.08 18.79 -23.45
N GLU G 243 19.40 18.79 -23.25
CA GLU G 243 20.27 18.40 -24.33
C GLU G 243 19.96 16.97 -24.72
N ALA G 244 19.58 16.17 -23.73
CA ALA G 244 19.49 14.74 -23.94
C ALA G 244 18.21 14.37 -24.61
N HIS G 245 17.16 15.13 -24.40
CA HIS G 245 15.84 14.68 -24.80
C HIS G 245 15.24 15.67 -25.76
N GLN G 246 16.08 16.50 -26.35
CA GLN G 246 15.58 17.59 -27.20
C GLN G 246 14.61 17.17 -28.29
N HIS G 247 14.76 15.98 -28.86
CA HIS G 247 13.88 15.57 -29.95
C HIS G 247 12.75 14.68 -29.44
N ASP G 248 12.65 14.52 -28.13
CA ASP G 248 11.54 13.75 -27.58
C ASP G 248 10.78 14.53 -26.47
N GLU G 249 9.86 15.41 -26.86
CA GLU G 249 9.02 16.15 -25.92
C GLU G 249 8.47 15.37 -24.72
N ALA G 250 7.79 14.28 -25.00
CA ALA G 250 7.21 13.47 -23.96
C ALA G 250 8.25 13.18 -22.89
N THR G 251 9.40 12.65 -23.30
CA THR G 251 10.41 12.26 -22.31
C THR G 251 10.97 13.52 -21.65
N LEU G 252 11.20 14.54 -22.48
CA LEU G 252 11.92 15.75 -22.09
C LEU G 252 11.17 16.40 -20.96
N LEU G 253 9.90 16.65 -21.16
CA LEU G 253 9.10 17.26 -20.11
C LEU G 253 8.96 16.39 -18.83
N ALA G 254 9.08 15.08 -18.97
CA ALA G 254 8.82 14.16 -17.87
C ALA G 254 10.05 14.07 -17.01
N LYS G 255 11.19 14.02 -17.66
CA LYS G 255 12.44 14.01 -16.94
C LYS G 255 12.62 15.36 -16.18
N LEU G 256 12.25 16.47 -16.82
CA LEU G 256 12.23 17.75 -16.10
C LEU G 256 11.32 17.76 -14.86
N ALA G 257 10.10 17.26 -15.03
CA ALA G 257 9.15 17.25 -13.94
C ALA G 257 9.76 16.48 -12.79
N GLU G 258 10.33 15.32 -13.12
CA GLU G 258 10.95 14.40 -12.15
C GLU G 258 12.04 15.12 -11.36
N PHE G 259 12.88 15.83 -12.08
CA PHE G 259 14.06 16.43 -11.48
C PHE G 259 13.78 17.70 -10.61
N THR G 260 12.94 18.63 -11.09
CA THR G 260 12.50 19.77 -10.30
C THR G 260 11.86 19.28 -9.02
N THR G 261 10.96 18.33 -9.14
CA THR G 261 10.30 17.80 -7.97
C THR G 261 11.29 17.31 -6.93
N ALA G 262 12.22 16.45 -7.31
CA ALA G 262 13.11 15.85 -6.32
C ALA G 262 13.98 16.94 -5.78
N MET G 263 14.39 17.89 -6.63
CA MET G 263 15.26 19.03 -6.20
C MET G 263 14.56 19.97 -5.23
N LYS G 264 13.30 20.35 -5.51
CA LYS G 264 12.49 21.20 -4.58
C LYS G 264 12.13 20.49 -3.28
N ALA G 265 11.87 19.21 -3.38
CA ALA G 265 11.66 18.35 -2.19
C ALA G 265 12.81 18.43 -1.23
N ALA G 266 14.00 18.71 -1.71
CA ALA G 266 15.15 18.80 -0.81
C ALA G 266 15.37 20.15 -0.17
N THR G 267 14.48 21.14 -0.40
CA THR G 267 14.67 22.49 0.18
C THR G 267 14.09 22.61 1.59
N MET H 1 59.47 27.08 -15.19
CA MET H 1 58.84 26.79 -16.52
C MET H 1 59.19 25.40 -17.21
N SER H 2 60.11 24.63 -16.60
CA SER H 2 60.66 23.37 -17.17
C SER H 2 59.67 22.21 -17.04
N ASN H 3 59.94 20.99 -17.56
CA ASN H 3 61.20 20.49 -18.29
C ASN H 3 60.88 19.55 -19.46
N ARG H 4 59.85 18.72 -19.32
CA ARG H 4 59.11 18.17 -20.44
C ARG H 4 58.21 19.27 -20.90
N TYR H 5 57.72 20.08 -19.98
CA TYR H 5 56.97 21.20 -20.40
C TYR H 5 57.84 22.18 -21.23
N GLN H 6 59.09 22.42 -20.82
CA GLN H 6 59.92 23.33 -21.65
C GLN H 6 60.10 22.80 -23.06
N ALA H 7 60.40 21.52 -23.17
CA ALA H 7 60.77 20.96 -24.45
C ALA H 7 59.53 20.96 -25.31
N LYS H 8 58.37 20.69 -24.74
CA LYS H 8 57.17 20.67 -25.55
C LYS H 8 56.87 22.08 -26.13
N PHE H 9 56.95 23.09 -25.26
CA PHE H 9 56.54 24.46 -25.59
C PHE H 9 57.51 25.01 -26.61
N ALA H 10 58.77 24.59 -26.51
CA ALA H 10 59.85 25.01 -27.47
C ALA H 10 59.68 24.31 -28.80
N ALA H 11 59.47 23.00 -28.78
CA ALA H 11 59.04 22.35 -30.01
C ALA H 11 57.87 23.04 -30.62
N LEU H 12 56.87 23.37 -29.83
CA LEU H 12 55.63 23.86 -30.43
C LEU H 12 55.80 25.27 -31.03
N LYS H 13 56.75 26.03 -30.48
CA LYS H 13 57.02 27.36 -30.92
C LYS H 13 57.73 27.25 -32.25
N ALA H 14 58.53 26.24 -32.37
CA ALA H 14 59.26 26.04 -33.59
C ALA H 14 58.27 25.63 -34.69
N GLN H 15 57.17 24.98 -34.34
CA GLN H 15 56.16 24.62 -35.34
C GLN H 15 55.22 25.79 -35.54
N ASP H 16 55.45 26.85 -34.78
CA ASP H 16 54.50 27.97 -34.70
C ASP H 16 53.07 27.47 -34.45
N LYS H 17 52.94 26.64 -33.42
CA LYS H 17 51.67 26.02 -33.10
C LYS H 17 51.32 26.09 -31.62
N GLY H 18 50.04 26.02 -31.37
CA GLY H 18 49.57 26.02 -29.99
C GLY H 18 49.46 24.61 -29.44
N ALA H 19 49.34 24.47 -28.11
CA ALA H 19 49.20 23.13 -27.47
C ALA H 19 47.74 22.80 -27.18
N PHE H 20 47.33 21.58 -27.39
CA PHE H 20 45.95 21.19 -27.07
C PHE H 20 46.03 20.09 -26.07
N VAL H 21 45.26 20.20 -24.99
CA VAL H 21 45.51 19.50 -23.77
C VAL H 21 44.21 19.12 -23.16
N PRO H 22 43.80 17.87 -23.29
CA PRO H 22 42.51 17.52 -22.75
C PRO H 22 42.69 17.15 -21.33
N PHE H 23 41.60 17.13 -20.60
CA PHE H 23 41.55 16.79 -19.26
C PHE H 23 40.48 15.71 -19.11
N VAL H 24 40.74 14.81 -18.20
CA VAL H 24 39.88 13.71 -17.92
C VAL H 24 40.11 13.24 -16.45
N THR H 25 39.08 12.81 -15.75
CA THR H 25 39.41 12.20 -14.46
C THR H 25 39.70 10.73 -14.59
N ILE H 26 40.72 10.25 -13.88
CA ILE H 26 41.23 8.91 -14.11
C ILE H 26 40.22 7.88 -13.59
N GLY H 27 39.99 6.86 -14.41
CA GLY H 27 39.19 5.70 -14.02
C GLY H 27 37.74 5.92 -14.37
N ASP H 28 37.54 6.87 -15.29
CA ASP H 28 36.24 7.19 -15.74
C ASP H 28 36.00 6.75 -17.20
N PRO H 29 35.02 5.88 -17.45
CA PRO H 29 34.12 5.26 -16.56
C PRO H 29 34.66 4.05 -15.80
N SER H 30 35.90 3.65 -16.05
CA SER H 30 36.45 2.47 -15.39
C SER H 30 37.92 2.52 -15.59
N PRO H 31 38.68 1.95 -14.66
CA PRO H 31 40.09 1.97 -14.86
C PRO H 31 40.42 1.51 -16.27
N GLU H 32 39.97 0.32 -16.67
CA GLU H 32 40.40 -0.27 -17.94
C GLU H 32 40.01 0.60 -19.11
N LEU H 33 38.82 1.22 -19.06
CA LEU H 33 38.41 2.10 -20.14
C LEU H 33 39.03 3.46 -20.11
N SER H 34 39.22 4.01 -18.92
CA SER H 34 40.04 5.18 -18.72
C SER H 34 41.36 5.14 -19.45
N LEU H 35 42.04 4.00 -19.42
CA LEU H 35 43.37 3.84 -20.08
C LEU H 35 43.22 4.07 -21.57
N LYS H 36 42.25 3.41 -22.20
CA LYS H 36 42.09 3.48 -23.64
C LYS H 36 41.74 4.91 -24.05
N ILE H 37 40.78 5.51 -23.35
CA ILE H 37 40.49 6.93 -23.49
C ILE H 37 41.72 7.83 -23.47
N ILE H 38 42.51 7.79 -22.39
CA ILE H 38 43.76 8.59 -22.35
C ILE H 38 44.55 8.26 -23.62
N GLN H 39 44.78 6.97 -23.89
CA GLN H 39 45.62 6.63 -25.05
C GLN H 39 45.04 7.16 -26.36
N THR H 40 43.73 7.13 -26.48
CA THR H 40 43.09 7.61 -27.72
C THR H 40 43.35 9.11 -27.82
N LEU H 41 43.22 9.83 -26.71
CA LEU H 41 43.60 11.27 -26.69
C LEU H 41 45.00 11.59 -27.26
N VAL H 42 46.02 10.88 -26.76
CA VAL H 42 47.40 11.01 -27.22
C VAL H 42 47.49 10.52 -28.67
N ASP H 43 46.84 9.40 -29.01
CA ASP H 43 46.92 8.97 -30.41
C ASP H 43 46.49 10.10 -31.35
N ASN H 44 45.38 10.78 -31.06
CA ASN H 44 44.82 11.77 -31.95
C ASN H 44 45.18 13.18 -31.58
N GLY H 45 46.16 13.31 -30.72
CA GLY H 45 46.96 14.53 -30.77
C GLY H 45 47.23 15.37 -29.56
N ALA H 46 46.85 14.96 -28.36
CA ALA H 46 47.20 15.74 -27.17
C ALA H 46 48.67 16.16 -27.09
N ASP H 47 48.91 17.40 -26.80
CA ASP H 47 50.25 17.87 -26.65
C ASP H 47 50.69 17.68 -25.21
N ALA H 48 49.77 17.22 -24.38
CA ALA H 48 49.98 17.08 -22.92
C ALA H 48 48.67 16.58 -22.33
N LEU H 49 48.73 15.98 -21.14
CA LEU H 49 47.54 15.62 -20.42
C LEU H 49 47.36 16.40 -19.11
N GLU H 50 46.10 16.59 -18.74
CA GLU H 50 45.73 16.95 -17.36
C GLU H 50 44.75 15.93 -16.87
N LEU H 51 45.13 15.29 -15.77
CA LEU H 51 44.40 14.18 -15.24
C LEU H 51 43.96 14.58 -13.86
N GLY H 52 42.72 14.25 -13.48
CA GLY H 52 42.28 14.33 -12.11
C GLY H 52 42.22 12.96 -11.45
N PHE H 53 42.35 12.91 -10.12
CA PHE H 53 42.09 11.68 -9.37
C PHE H 53 40.64 11.76 -8.87
N PRO H 54 39.95 10.62 -8.77
CA PRO H 54 38.56 10.67 -8.45
C PRO H 54 38.32 11.20 -7.04
N PHE H 55 37.33 12.08 -6.90
CA PHE H 55 37.08 12.83 -5.64
C PHE H 55 35.57 13.01 -5.47
N SER H 56 35.14 12.74 -4.25
CA SER H 56 33.73 12.64 -3.80
C SER H 56 32.91 13.90 -4.06
N ASP H 57 33.51 15.05 -3.72
CA ASP H 57 32.86 16.32 -3.58
C ASP H 57 33.75 17.36 -4.21
N PRO H 58 33.84 17.32 -5.52
CA PRO H 58 34.74 18.28 -6.21
C PRO H 58 34.14 19.73 -6.33
N LEU H 59 34.36 20.55 -5.28
CA LEU H 59 33.64 21.80 -5.08
C LEU H 59 33.94 22.86 -6.10
N ALA H 60 35.07 22.81 -6.78
CA ALA H 60 35.34 23.69 -7.91
C ALA H 60 34.84 23.22 -9.27
N ASP H 61 34.11 22.12 -9.34
CA ASP H 61 33.74 21.60 -10.66
C ASP H 61 32.27 21.52 -10.91
N GLY H 62 31.84 21.87 -12.10
CA GLY H 62 30.37 21.89 -12.40
C GLY H 62 29.81 20.48 -12.56
N PRO H 63 28.55 20.36 -13.00
CA PRO H 63 27.95 19.00 -13.08
C PRO H 63 28.74 17.94 -13.87
N VAL H 64 29.39 18.37 -14.96
CA VAL H 64 29.86 17.42 -15.92
C VAL H 64 30.99 16.65 -15.31
N ILE H 65 31.89 17.40 -14.68
CA ILE H 65 33.06 16.81 -14.08
C ILE H 65 32.74 16.09 -12.76
N GLN H 66 31.69 16.52 -12.09
CA GLN H 66 31.26 15.85 -10.90
C GLN H 66 30.84 14.44 -11.30
N GLY H 67 29.92 14.39 -12.27
CA GLY H 67 29.66 13.15 -13.00
C GLY H 67 30.90 12.32 -13.16
N ALA H 68 31.96 12.87 -13.74
CA ALA H 68 33.10 12.02 -14.02
C ALA H 68 33.67 11.44 -12.72
N ASN H 69 33.76 12.27 -11.69
CA ASN H 69 34.33 11.80 -10.46
C ASN H 69 33.61 10.67 -9.80
N LEU H 70 32.31 10.65 -9.84
CA LEU H 70 31.59 9.60 -9.15
C LEU H 70 31.29 8.41 -10.04
N ARG H 71 31.39 8.55 -11.35
CA ARG H 71 31.50 7.33 -12.12
C ARG H 71 32.81 6.64 -11.74
N SER H 72 33.89 7.40 -11.67
CA SER H 72 35.20 6.78 -11.40
C SER H 72 35.26 6.08 -10.03
N LEU H 73 34.81 6.80 -9.01
CA LEU H 73 34.62 6.27 -7.68
C LEU H 73 33.79 5.02 -7.70
N ALA H 74 32.67 5.07 -8.41
CA ALA H 74 31.75 3.92 -8.49
C ALA H 74 32.34 2.71 -9.18
N ALA H 75 33.22 2.90 -10.14
CA ALA H 75 33.86 1.75 -10.78
C ALA H 75 34.96 1.17 -9.89
N GLY H 76 35.05 1.68 -8.69
CA GLY H 76 35.94 1.20 -7.69
C GLY H 76 37.37 1.60 -7.93
N THR H 77 37.59 2.69 -8.67
CA THR H 77 38.98 3.11 -8.90
C THR H 77 39.63 3.76 -7.68
N THR H 78 40.85 3.31 -7.37
CA THR H 78 41.68 3.65 -6.17
C THR H 78 42.87 4.57 -6.57
N SER H 79 43.47 5.29 -5.63
CA SER H 79 44.66 6.07 -6.00
C SER H 79 45.83 5.17 -6.50
N SER H 80 45.88 3.94 -6.05
CA SER H 80 46.91 3.08 -6.58
C SER H 80 46.60 2.79 -8.04
N ASP H 81 45.33 2.71 -8.40
CA ASP H 81 44.99 2.60 -9.84
C ASP H 81 45.42 3.84 -10.67
N CYS H 82 45.25 5.02 -10.10
CA CYS H 82 45.56 6.18 -10.85
C CYS H 82 47.03 6.19 -11.20
N PHE H 83 47.87 5.95 -10.22
CA PHE H 83 49.29 5.84 -10.46
C PHE H 83 49.62 4.68 -11.40
N ASP H 84 48.95 3.54 -11.35
CA ASP H 84 49.26 2.44 -12.28
C ASP H 84 49.09 2.90 -13.72
N ILE H 85 48.05 3.70 -13.97
CA ILE H 85 47.66 4.17 -15.34
C ILE H 85 48.67 5.18 -15.88
N ILE H 86 49.05 6.13 -15.02
CA ILE H 86 50.01 7.14 -15.42
C ILE H 86 51.27 6.44 -15.83
N THR H 87 51.78 5.56 -14.97
CA THR H 87 53.06 4.90 -15.29
C THR H 87 52.94 4.10 -16.63
N LYS H 88 51.86 3.37 -16.80
CA LYS H 88 51.55 2.82 -18.11
C LYS H 88 51.57 3.81 -19.26
N VAL H 89 50.89 4.94 -19.13
CA VAL H 89 50.95 5.98 -20.15
C VAL H 89 52.36 6.53 -20.34
N ARG H 90 53.06 6.82 -19.24
CA ARG H 90 54.44 7.38 -19.34
C ARG H 90 55.35 6.44 -20.11
N ALA H 91 55.11 5.13 -19.99
CA ALA H 91 55.98 4.21 -20.75
C ALA H 91 55.59 4.20 -22.21
N GLN H 92 54.32 4.42 -22.54
CA GLN H 92 53.98 4.53 -23.95
C GLN H 92 54.39 5.88 -24.55
N HIS H 93 54.58 6.88 -23.71
CA HIS H 93 54.85 8.26 -24.16
C HIS H 93 55.83 8.98 -23.24
N PRO H 94 57.12 8.74 -23.46
CA PRO H 94 58.25 9.21 -22.61
C PRO H 94 58.34 10.70 -22.43
N ASP H 95 57.92 11.42 -23.46
CA ASP H 95 58.24 12.86 -23.64
C ASP H 95 57.09 13.79 -23.37
N MET H 96 55.94 13.17 -23.23
CA MET H 96 54.63 13.81 -23.14
C MET H 96 54.30 14.46 -21.78
N PRO H 97 54.09 15.79 -21.74
CA PRO H 97 53.80 16.35 -20.43
C PRO H 97 52.54 15.80 -19.79
N ILE H 98 52.67 15.31 -18.58
CA ILE H 98 51.54 14.80 -17.78
C ILE H 98 51.42 15.72 -16.57
N GLY H 99 50.29 16.40 -16.45
CA GLY H 99 50.01 17.18 -15.24
C GLY H 99 48.79 16.63 -14.48
N LEU H 100 48.77 16.80 -13.20
CA LEU H 100 47.58 16.40 -12.45
C LEU H 100 46.85 17.63 -11.98
N LEU H 101 45.54 17.51 -11.93
CA LEU H 101 44.69 18.51 -11.34
C LEU H 101 43.98 17.87 -10.12
N LEU H 102 44.24 18.40 -8.95
CA LEU H 102 43.89 17.68 -7.75
C LEU H 102 43.21 18.56 -6.81
N TYR H 103 42.55 17.94 -5.83
CA TYR H 103 41.97 18.61 -4.69
C TYR H 103 42.82 18.30 -3.49
N ALA H 104 43.09 19.33 -2.70
CA ALA H 104 43.93 19.24 -1.52
C ALA H 104 43.61 18.03 -0.62
N ASN H 105 42.39 17.78 -0.24
CA ASN H 105 42.17 16.68 0.71
C ASN H 105 42.66 15.36 0.19
N LEU H 106 42.66 15.21 -1.11
CA LEU H 106 43.10 13.97 -1.74
C LEU H 106 44.61 13.75 -1.49
N VAL H 107 45.37 14.83 -1.54
CA VAL H 107 46.78 14.78 -1.29
C VAL H 107 47.16 14.68 0.18
N PHE H 108 46.48 15.42 1.05
CA PHE H 108 46.72 15.27 2.51
C PHE H 108 46.29 13.87 2.92
N ALA H 109 45.19 13.44 2.32
CA ALA H 109 44.61 12.16 2.65
C ALA H 109 45.70 11.10 2.71
N ASN H 110 46.43 10.97 1.60
CA ASN H 110 47.49 9.96 1.42
C ASN H 110 48.71 10.15 2.34
N GLY H 111 48.96 11.39 2.71
CA GLY H 111 50.29 11.80 3.10
C GLY H 111 50.85 12.62 1.96
N ILE H 112 51.28 13.83 2.26
CA ILE H 112 51.75 14.76 1.25
C ILE H 112 53.03 14.27 0.54
N ASP H 113 54.08 14.00 1.28
CA ASP H 113 55.24 13.42 0.65
C ASP H 113 54.98 12.06 -0.06
N GLU H 114 54.23 11.18 0.55
CA GLU H 114 53.97 9.89 -0.06
C GLU H 114 53.31 10.10 -1.42
N PHE H 115 52.52 11.18 -1.52
CA PHE H 115 51.75 11.42 -2.71
C PHE H 115 52.73 11.81 -3.79
N TYR H 116 53.50 12.84 -3.50
CA TYR H 116 54.32 13.42 -4.53
C TYR H 116 55.45 12.44 -4.87
N THR H 117 55.94 11.75 -3.88
CA THR H 117 56.83 10.62 -4.16
C THR H 117 56.26 9.67 -5.23
N LYS H 118 55.04 9.21 -5.05
CA LYS H 118 54.42 8.33 -6.09
C LYS H 118 54.23 9.07 -7.43
N ALA H 119 53.80 10.33 -7.39
CA ALA H 119 53.72 11.12 -8.62
C ALA H 119 55.09 11.14 -9.36
N GLN H 120 56.14 11.67 -8.72
CA GLN H 120 57.53 11.49 -9.24
C GLN H 120 57.76 10.16 -10.05
N ALA H 121 57.66 9.04 -9.34
CA ALA H 121 58.05 7.73 -9.86
C ALA H 121 57.13 7.28 -10.99
N ALA H 122 55.88 7.70 -10.95
CA ALA H 122 55.02 7.42 -12.04
C ALA H 122 55.29 8.39 -13.22
N GLY H 123 56.06 9.43 -12.99
CA GLY H 123 56.51 10.33 -14.05
C GLY H 123 55.62 11.57 -14.31
N VAL H 124 54.82 12.01 -13.34
CA VAL H 124 54.07 13.24 -13.48
C VAL H 124 54.99 14.44 -13.52
N ASP H 125 54.66 15.45 -14.33
CA ASP H 125 55.54 16.65 -14.48
C ASP H 125 55.06 17.89 -13.71
N SER H 126 53.75 17.93 -13.49
CA SER H 126 53.13 19.01 -12.78
C SER H 126 51.95 18.57 -11.91
N VAL H 127 51.76 19.24 -10.77
CA VAL H 127 50.51 19.10 -9.99
C VAL H 127 49.85 20.49 -9.81
N LEU H 128 48.57 20.57 -10.10
CA LEU H 128 47.79 21.78 -9.73
C LEU H 128 46.74 21.43 -8.63
N ILE H 129 46.84 22.10 -7.48
CA ILE H 129 45.82 22.00 -6.42
C ILE H 129 44.71 23.03 -6.70
N ALA H 130 43.54 22.49 -7.06
CA ALA H 130 42.38 23.20 -7.60
C ALA H 130 41.80 24.16 -6.59
N ASP H 131 41.78 23.69 -5.33
CA ASP H 131 41.07 24.35 -4.28
C ASP H 131 41.96 24.92 -3.20
N VAL H 132 43.23 25.14 -3.49
CA VAL H 132 44.04 25.96 -2.57
C VAL H 132 44.39 27.24 -3.31
N PRO H 133 44.28 28.38 -2.65
CA PRO H 133 44.63 29.58 -3.40
C PRO H 133 46.09 29.92 -3.16
N VAL H 134 46.77 30.42 -4.21
CA VAL H 134 48.24 30.68 -4.23
C VAL H 134 48.93 30.84 -2.87
N GLU H 135 48.48 31.82 -2.10
CA GLU H 135 49.21 32.26 -0.92
C GLU H 135 49.07 31.25 0.22
N GLU H 136 48.26 30.22 0.04
CA GLU H 136 48.16 29.19 1.08
C GLU H 136 48.85 27.90 0.69
N SER H 137 49.67 27.95 -0.36
CA SER H 137 50.09 26.72 -1.01
C SER H 137 51.54 26.31 -0.85
N ALA H 138 52.32 27.05 -0.07
CA ALA H 138 53.70 26.66 0.25
C ALA H 138 53.82 25.15 0.50
N PRO H 139 53.07 24.60 1.45
CA PRO H 139 53.42 23.20 1.62
C PRO H 139 53.35 22.38 0.33
N PHE H 140 52.56 22.86 -0.65
CA PHE H 140 52.40 22.16 -1.94
C PHE H 140 53.47 22.41 -2.98
N SER H 141 53.70 23.66 -3.34
CA SER H 141 54.98 24.02 -3.88
C SER H 141 56.14 23.22 -3.29
N LYS H 142 56.26 23.17 -1.97
CA LYS H 142 57.46 22.56 -1.37
C LYS H 142 57.54 21.08 -1.71
N ALA H 143 56.44 20.37 -1.58
CA ALA H 143 56.45 18.95 -1.95
C ALA H 143 56.72 18.73 -3.45
N ALA H 144 56.10 19.54 -4.28
CA ALA H 144 56.31 19.47 -5.67
C ALA H 144 57.81 19.65 -6.02
N LYS H 145 58.43 20.70 -5.51
CA LYS H 145 59.82 21.03 -5.87
C LYS H 145 60.90 20.04 -5.35
N ALA H 146 60.64 19.47 -4.19
CA ALA H 146 61.42 18.39 -3.64
C ALA H 146 61.38 17.15 -4.51
N HIS H 147 60.31 16.96 -5.29
CA HIS H 147 60.16 15.74 -6.10
C HIS H 147 60.15 16.05 -7.60
N GLY H 148 60.76 17.15 -7.99
CA GLY H 148 60.97 17.42 -9.41
C GLY H 148 59.69 17.67 -10.22
N ILE H 149 58.70 18.20 -9.54
CA ILE H 149 57.42 18.39 -10.11
C ILE H 149 57.10 19.88 -10.12
N ALA H 150 56.53 20.32 -11.23
CA ALA H 150 56.17 21.71 -11.37
C ALA H 150 54.83 22.02 -10.70
N PRO H 151 54.81 22.92 -9.70
CA PRO H 151 53.56 23.40 -9.10
C PRO H 151 52.91 24.49 -9.99
N ILE H 152 51.63 24.30 -10.29
CA ILE H 152 50.94 25.08 -11.28
C ILE H 152 49.84 25.84 -10.58
N PHE H 153 49.58 27.02 -11.11
CA PHE H 153 48.66 27.92 -10.50
C PHE H 153 47.70 28.48 -11.49
N ILE H 154 46.58 28.92 -10.97
CA ILE H 154 45.51 29.45 -11.75
C ILE H 154 45.58 30.95 -11.74
N ALA H 155 45.29 31.59 -12.85
CA ALA H 155 44.95 33.00 -12.84
C ALA H 155 43.46 33.13 -13.08
N PRO H 156 42.72 33.57 -12.06
CA PRO H 156 41.25 33.78 -12.12
C PRO H 156 40.79 35.00 -12.96
N PRO H 157 39.53 34.94 -13.45
CA PRO H 157 38.93 36.00 -14.26
C PRO H 157 39.19 37.45 -13.71
N ASN H 158 38.97 37.63 -12.41
CA ASN H 158 39.07 38.94 -11.74
C ASN H 158 40.46 39.14 -11.10
N ALA H 159 41.50 38.79 -11.86
CA ALA H 159 42.82 38.71 -11.29
C ALA H 159 43.40 40.11 -11.25
N ASP H 160 43.87 40.55 -10.08
CA ASP H 160 44.53 41.86 -10.00
C ASP H 160 46.04 41.77 -10.16
N ALA H 161 46.62 42.85 -10.67
CA ALA H 161 48.08 42.94 -10.89
C ALA H 161 48.95 42.18 -9.87
N ASP H 162 48.68 42.32 -8.59
CA ASP H 162 49.50 41.68 -7.54
C ASP H 162 49.35 40.18 -7.66
N THR H 163 48.13 39.69 -7.73
CA THR H 163 47.89 38.24 -7.87
C THR H 163 48.57 37.58 -9.10
N LEU H 164 48.40 38.16 -10.28
CA LEU H 164 49.19 37.73 -11.46
C LEU H 164 50.70 37.74 -11.23
N LYS H 165 51.17 38.56 -10.31
CA LYS H 165 52.57 38.61 -10.07
C LYS H 165 53.00 37.35 -9.36
N MET H 166 52.34 36.96 -8.26
CA MET H 166 52.84 35.80 -7.53
C MET H 166 52.66 34.53 -8.32
N VAL H 167 51.52 34.39 -8.97
CA VAL H 167 51.30 33.37 -9.98
C VAL H 167 52.45 33.24 -10.97
N SER H 168 52.81 34.34 -11.60
CA SER H 168 53.97 34.34 -12.47
C SER H 168 55.28 33.90 -11.85
N GLU H 169 55.47 34.15 -10.57
CA GLU H 169 56.79 33.92 -10.00
C GLU H 169 56.81 32.60 -9.29
N GLN H 170 55.63 32.03 -9.00
CA GLN H 170 55.50 30.94 -8.04
C GLN H 170 55.68 29.48 -8.46
N GLY H 171 55.11 28.96 -9.54
CA GLY H 171 54.62 29.61 -10.73
C GLY H 171 55.44 28.85 -11.81
N GLU H 172 55.03 27.65 -12.21
CA GLU H 172 55.97 26.80 -13.03
C GLU H 172 55.39 25.84 -14.12
N GLY H 173 56.00 25.77 -15.30
CA GLY H 173 55.62 24.77 -16.36
C GLY H 173 54.65 25.29 -17.41
N TYR H 174 53.49 25.69 -16.95
CA TYR H 174 52.54 26.41 -17.76
C TYR H 174 51.74 27.13 -16.66
N THR H 175 50.93 28.15 -17.02
CA THR H 175 50.00 28.72 -16.05
C THR H 175 48.56 28.50 -16.50
N TYR H 176 47.70 28.10 -15.55
CA TYR H 176 46.31 27.74 -15.81
C TYR H 176 45.55 29.05 -15.82
N LEU H 177 44.82 29.33 -16.89
CA LEU H 177 43.90 30.47 -16.89
C LEU H 177 42.45 30.03 -16.94
N LEU H 178 41.68 30.56 -16.00
CA LEU H 178 40.32 30.21 -15.89
C LEU H 178 39.45 31.19 -16.68
N SER H 179 39.78 31.36 -17.94
CA SER H 179 39.06 32.19 -18.89
C SER H 179 39.28 31.61 -20.27
N ARG H 180 38.59 32.13 -21.25
CA ARG H 180 38.66 31.62 -22.63
C ARG H 180 38.80 32.90 -23.46
N ALA H 181 39.20 32.81 -24.72
CA ALA H 181 39.10 33.96 -25.65
C ALA H 181 37.82 33.93 -26.40
N GLY H 182 37.38 35.10 -26.82
CA GLY H 182 36.14 35.23 -27.58
C GLY H 182 36.35 34.84 -29.00
N VAL H 183 35.34 34.23 -29.60
CA VAL H 183 35.41 33.85 -31.03
C VAL H 183 34.67 34.82 -31.96
N THR H 184 34.40 36.06 -31.54
CA THR H 184 33.61 37.02 -32.36
C THR H 184 34.44 38.11 -32.98
N PRO H 193 39.14 42.19 -23.02
CA PRO H 193 39.75 42.04 -21.69
C PRO H 193 40.81 40.88 -21.53
N ILE H 194 40.77 39.80 -22.35
CA ILE H 194 41.79 38.69 -22.28
C ILE H 194 43.21 39.10 -22.71
N GLU H 195 43.33 39.91 -23.75
CA GLU H 195 44.66 40.36 -24.20
C GLU H 195 45.48 41.03 -23.11
N ASN H 196 44.84 41.72 -22.18
CA ASN H 196 45.53 42.43 -21.10
C ASN H 196 46.08 41.50 -20.09
N ILE H 197 45.25 40.55 -19.68
CA ILE H 197 45.67 39.50 -18.72
C ILE H 197 46.93 38.73 -19.22
N LEU H 198 47.01 38.49 -20.52
CA LEU H 198 48.12 37.76 -21.13
C LEU H 198 49.35 38.63 -21.28
N THR H 199 49.13 39.88 -21.67
CA THR H 199 50.24 40.81 -21.80
C THR H 199 50.91 41.01 -20.45
N GLN H 200 50.12 41.04 -19.38
CA GLN H 200 50.67 41.15 -18.05
C GLN H 200 51.49 39.91 -17.71
N LEU H 201 50.90 38.74 -17.93
CA LEU H 201 51.60 37.49 -17.64
C LEU H 201 52.94 37.40 -18.33
N ALA H 202 53.02 37.85 -19.58
CA ALA H 202 54.25 37.75 -20.35
C ALA H 202 55.36 38.60 -19.75
N GLU H 203 54.93 39.77 -19.26
CA GLU H 203 55.84 40.76 -18.83
C GLU H 203 56.25 40.58 -17.39
N PHE H 204 55.66 39.58 -16.73
CA PHE H 204 56.26 38.98 -15.53
C PHE H 204 56.95 37.63 -15.85
N ASN H 205 57.16 37.33 -17.13
CA ASN H 205 57.81 36.06 -17.53
C ASN H 205 57.12 34.76 -17.04
N ALA H 206 55.82 34.68 -17.22
CA ALA H 206 55.09 33.59 -16.61
C ALA H 206 55.32 32.31 -17.37
N PRO H 207 55.22 31.19 -16.69
CA PRO H 207 55.17 29.97 -17.42
C PRO H 207 54.10 30.06 -18.51
N PRO H 208 54.38 29.52 -19.71
CA PRO H 208 53.45 29.65 -20.80
C PRO H 208 52.00 29.50 -20.39
N PRO H 209 51.15 30.47 -20.74
CA PRO H 209 49.75 30.55 -20.43
C PRO H 209 48.88 29.63 -21.24
N LEU H 210 48.14 28.75 -20.59
CA LEU H 210 47.08 27.99 -21.18
C LEU H 210 45.74 28.46 -20.63
N LEU H 211 44.86 28.64 -21.58
CA LEU H 211 43.48 28.95 -21.40
C LEU H 211 42.67 27.70 -21.19
N GLY H 212 41.99 27.62 -20.07
CA GLY H 212 41.28 26.39 -19.75
C GLY H 212 39.84 26.40 -19.29
N PHE H 213 39.08 27.43 -19.68
CA PHE H 213 37.67 27.51 -19.28
C PHE H 213 36.66 27.44 -20.40
N GLY H 214 35.86 26.37 -20.36
CA GLY H 214 34.85 26.11 -21.33
C GLY H 214 35.40 26.02 -22.72
N ILE H 215 36.59 25.45 -22.91
CA ILE H 215 37.13 25.21 -24.26
C ILE H 215 36.48 23.99 -24.96
N ALA H 216 35.70 24.23 -25.98
CA ALA H 216 34.65 23.27 -26.43
C ALA H 216 34.54 23.02 -27.94
N GLU H 217 35.02 24.00 -28.71
CA GLU H 217 35.04 24.00 -30.18
C GLU H 217 36.43 24.37 -30.71
N PRO H 218 36.79 23.85 -31.86
CA PRO H 218 38.07 24.24 -32.45
C PRO H 218 38.25 25.76 -32.61
N GLU H 219 37.18 26.46 -32.97
CA GLU H 219 37.31 27.89 -33.23
C GLU H 219 37.78 28.62 -31.98
N GLN H 220 37.34 28.13 -30.83
CA GLN H 220 37.79 28.63 -29.52
C GLN H 220 39.27 28.33 -29.28
N VAL H 221 39.76 27.18 -29.72
CA VAL H 221 41.19 26.91 -29.58
C VAL H 221 41.97 27.91 -30.43
N ARG H 222 41.54 28.09 -31.67
CA ARG H 222 42.16 29.09 -32.55
C ARG H 222 42.18 30.49 -31.89
N ALA H 223 41.06 30.85 -31.27
CA ALA H 223 40.95 32.17 -30.72
C ALA H 223 41.95 32.28 -29.59
N ALA H 224 42.11 31.16 -28.89
CA ALA H 224 42.97 31.11 -27.73
C ALA H 224 44.39 31.50 -28.14
N ILE H 225 44.83 30.94 -29.23
CA ILE H 225 46.18 31.20 -29.71
C ILE H 225 46.30 32.54 -30.45
N LYS H 226 45.34 32.92 -31.27
CA LYS H 226 45.32 34.28 -31.80
C LYS H 226 45.38 35.30 -30.67
N ALA H 227 44.91 34.96 -29.49
CA ALA H 227 44.90 35.96 -28.45
C ALA H 227 46.22 35.98 -27.71
N GLY H 228 47.10 35.05 -28.07
CA GLY H 228 48.44 35.01 -27.56
C GLY H 228 48.66 33.92 -26.56
N ALA H 229 47.68 33.03 -26.40
CA ALA H 229 47.90 31.92 -25.49
C ALA H 229 48.83 30.90 -26.12
N ALA H 230 49.56 30.17 -25.27
CA ALA H 230 50.41 29.06 -25.71
C ALA H 230 49.54 27.84 -26.06
N GLY H 231 48.33 27.80 -25.53
CA GLY H 231 47.46 26.72 -25.88
C GLY H 231 46.23 26.69 -25.06
N ALA H 232 45.47 25.58 -25.17
CA ALA H 232 44.16 25.43 -24.50
C ALA H 232 43.99 24.12 -23.86
N ILE H 233 43.37 24.15 -22.68
CA ILE H 233 42.95 22.97 -21.92
C ILE H 233 41.45 22.79 -22.05
N SER H 234 41.01 21.60 -22.45
CA SER H 234 39.64 21.27 -22.66
C SER H 234 39.28 20.12 -21.72
N GLY H 235 38.26 20.27 -20.85
CA GLY H 235 37.83 19.25 -19.90
C GLY H 235 36.41 18.80 -20.09
N SER H 236 35.46 19.68 -19.78
CA SER H 236 34.06 19.30 -19.81
C SER H 236 33.60 18.82 -21.15
N ALA H 237 34.13 19.40 -22.19
CA ALA H 237 33.80 18.95 -23.54
C ALA H 237 34.25 17.52 -23.80
N VAL H 238 35.43 17.15 -23.26
CA VAL H 238 35.91 15.74 -23.33
C VAL H 238 35.01 14.83 -22.51
N VAL H 239 34.79 15.15 -21.26
CA VAL H 239 33.99 14.29 -20.36
C VAL H 239 32.55 14.09 -20.83
N LYS H 240 31.90 15.16 -21.29
CA LYS H 240 30.60 15.09 -21.97
C LYS H 240 30.55 13.93 -22.89
N ILE H 241 31.57 13.79 -23.72
CA ILE H 241 31.64 12.63 -24.65
C ILE H 241 31.69 11.31 -23.90
N ILE H 242 32.41 11.27 -22.79
CA ILE H 242 32.53 10.06 -22.05
C ILE H 242 31.18 9.70 -21.43
N GLU H 243 30.44 10.66 -20.92
CA GLU H 243 29.14 10.33 -20.33
C GLU H 243 28.22 9.87 -21.45
N ALA H 244 28.10 10.62 -22.52
CA ALA H 244 27.26 10.20 -23.64
C ALA H 244 27.49 8.74 -23.96
N HIS H 245 28.71 8.29 -24.01
CA HIS H 245 28.93 6.96 -24.62
C HIS H 245 29.61 6.01 -23.66
N GLN H 246 29.29 6.13 -22.38
CA GLN H 246 29.98 5.33 -21.40
C GLN H 246 29.74 3.81 -21.56
N HIS H 247 28.69 3.45 -22.29
CA HIS H 247 28.21 2.10 -22.43
C HIS H 247 28.49 1.46 -23.77
N ASP H 248 28.94 2.23 -24.75
CA ASP H 248 29.42 1.71 -26.02
C ASP H 248 30.92 2.02 -26.28
N GLU H 249 31.83 1.07 -26.06
CA GLU H 249 33.29 1.36 -26.09
C GLU H 249 33.79 1.93 -27.38
N ALA H 250 33.28 1.41 -28.49
CA ALA H 250 33.92 1.70 -29.77
C ALA H 250 33.43 3.04 -30.32
N THR H 251 32.16 3.34 -30.04
CA THR H 251 31.68 4.68 -30.37
C THR H 251 32.36 5.70 -29.49
N LEU H 252 32.57 5.34 -28.24
CA LEU H 252 33.21 6.25 -27.28
C LEU H 252 34.60 6.66 -27.73
N LEU H 253 35.39 5.68 -28.18
CA LEU H 253 36.79 5.92 -28.61
C LEU H 253 36.83 6.54 -29.98
N ALA H 254 35.90 6.16 -30.87
CA ALA H 254 35.83 6.85 -32.15
C ALA H 254 35.51 8.31 -31.89
N LYS H 255 34.50 8.61 -31.07
CA LYS H 255 34.04 10.00 -30.97
C LYS H 255 35.08 10.83 -30.29
N LEU H 256 35.83 10.19 -29.40
CA LEU H 256 36.95 10.88 -28.73
C LEU H 256 38.01 11.28 -29.70
N ALA H 257 38.21 10.41 -30.70
CA ALA H 257 39.35 10.53 -31.63
C ALA H 257 39.12 11.64 -32.57
N GLU H 258 37.92 11.71 -33.07
CA GLU H 258 37.43 12.77 -33.90
C GLU H 258 37.57 14.12 -33.24
N PHE H 259 36.94 14.23 -32.13
CA PHE H 259 37.00 15.46 -31.40
C PHE H 259 38.47 15.91 -31.19
N THR H 260 39.33 15.01 -30.71
CA THR H 260 40.69 15.41 -30.39
C THR H 260 41.41 15.90 -31.63
N THR H 261 41.35 15.14 -32.71
CA THR H 261 41.94 15.59 -33.92
C THR H 261 41.33 16.93 -34.37
N ALA H 262 40.01 17.05 -34.29
CA ALA H 262 39.41 18.34 -34.64
C ALA H 262 40.07 19.52 -33.91
N MET H 263 40.27 19.37 -32.60
CA MET H 263 40.75 20.45 -31.72
C MET H 263 42.23 20.71 -31.88
N LYS H 264 43.05 19.65 -31.91
CA LYS H 264 44.47 19.82 -32.20
C LYS H 264 44.70 20.55 -33.51
N ALA H 265 43.85 20.25 -34.48
CA ALA H 265 43.95 20.83 -35.82
C ALA H 265 43.75 22.31 -35.88
N ALA H 266 43.18 22.89 -34.85
CA ALA H 266 42.98 24.32 -34.81
C ALA H 266 44.09 25.00 -34.00
N THR H 267 45.10 24.23 -33.58
CA THR H 267 46.27 24.87 -32.90
C THR H 267 47.24 25.53 -33.86
#